data_5INR
#
_entry.id   5INR
#
_cell.length_a   167.398
_cell.length_b   182.299
_cell.length_c   98.335
_cell.angle_alpha   90.00
_cell.angle_beta   112.84
_cell.angle_gamma   90.00
#
_symmetry.space_group_name_H-M   'C 1 2 1'
#
loop_
_entity.id
_entity.type
_entity.pdbx_description
1 polymer Dipeptidase
2 non-polymer 1,2-ETHANEDIOL
3 non-polymer ALANINE
4 non-polymer PROLINE
5 non-polymer 'ACETATE ION'
6 water water
#
_entity_poly.entity_id   1
_entity_poly.type   'polypeptide(L)'
_entity_poly.pdbx_seq_one_letter_code
;MEKRIKGSCTSILVGKKASIDGSTLISRNDDGHEALDPQRFVVVNPEDQPRDYTSVISKVNVKLPDDPQRYTSIPNSILT
NGIWPAAGINSSNVAMSATETITTNSRVQGLDPFVENGLGEEDLVTVVLPYVKSAREGVKRLGSLLEEYGTYEPNGISFA
DNEEVWWLETIGGHHWAAVRIPDDAYVVAPNRMNIDQFDFDSDDTLCSSDLKDLIDNNNLNPDFENYNLRHIFGSASIKD
TVYNNPRTWYGQKFFSPDDTADDPMEQDLPFICHANRKISVEDVKFVLSSHFENTKYDVYGSGSQSDKTLFRPIGINRNH
NVHILQIRNNVPTEIAGIHWLAYGANTFNTVVPFYANVNDTPVQYKNATGKFDLNNMYWLSCTTALLGDTDYDFYVDMRN
DYELDAMSAYRKIQNDTDADISGQKDIEKYLENANKKLADVAFEKQNKLLGDMVTTGSNNMKLRYNLND
;
_entity_poly.pdbx_strand_id   A,B,C,D,E
#
# COMPACT_ATOMS: atom_id res chain seq x y z
N CYS A 9 -11.35 29.29 14.69
CA CYS A 9 -12.07 28.72 15.83
C CYS A 9 -12.62 27.33 15.56
N THR A 10 -12.84 26.59 16.64
CA THR A 10 -13.55 25.32 16.58
C THR A 10 -14.57 25.32 17.70
N SER A 11 -15.80 24.91 17.39
CA SER A 11 -16.88 24.90 18.38
C SER A 11 -17.42 23.48 18.58
N ILE A 12 -17.77 23.14 19.81
CA ILE A 12 -18.40 21.85 20.10
C ILE A 12 -19.63 22.10 20.97
N LEU A 13 -20.76 21.55 20.53
CA LEU A 13 -22.05 21.70 21.21
C LEU A 13 -22.54 20.33 21.66
N VAL A 14 -23.11 20.26 22.86
CA VAL A 14 -23.61 18.99 23.40
C VAL A 14 -24.96 19.17 24.06
N GLY A 15 -25.97 18.44 23.59
CA GLY A 15 -27.31 18.50 24.18
C GLY A 15 -27.39 17.83 25.55
N LYS A 16 -28.47 18.12 26.28
CA LYS A 16 -28.56 17.71 27.70
C LYS A 16 -28.68 16.22 27.91
N LYS A 17 -29.12 15.48 26.88
CA LYS A 17 -29.17 14.03 27.01
C LYS A 17 -27.90 13.39 26.45
N ALA A 18 -27.02 14.21 25.88
CA ALA A 18 -25.79 13.70 25.28
C ALA A 18 -24.61 13.81 26.23
N SER A 19 -24.74 14.61 27.27
CA SER A 19 -23.66 14.81 28.24
C SER A 19 -23.72 13.75 29.33
N ILE A 20 -22.57 13.52 29.99
CA ILE A 20 -22.49 12.48 31.01
C ILE A 20 -23.29 12.88 32.26
N ASP A 21 -23.53 14.18 32.43
CA ASP A 21 -24.14 14.65 33.67
C ASP A 21 -25.48 15.37 33.47
N GLY A 22 -26.00 15.32 32.25
CA GLY A 22 -27.29 15.93 31.96
C GLY A 22 -27.24 17.44 31.83
N SER A 23 -26.04 18.00 31.71
CA SER A 23 -25.90 19.43 31.46
C SER A 23 -25.94 19.73 29.97
N THR A 24 -26.14 21.00 29.63
CA THR A 24 -25.87 21.44 28.26
C THR A 24 -24.46 22.00 28.22
N LEU A 25 -23.79 21.81 27.07
CA LEU A 25 -22.45 22.36 26.86
C LEU A 25 -22.36 23.07 25.52
N ILE A 26 -21.85 24.30 25.54
CA ILE A 26 -21.43 24.95 24.31
C ILE A 26 -20.01 25.45 24.52
N SER A 27 -19.18 25.28 23.51
CA SER A 27 -17.76 25.55 23.68
C SER A 27 -17.16 26.10 22.40
N ARG A 28 -16.03 26.80 22.57
CA ARG A 28 -15.31 27.32 21.42
C ARG A 28 -13.88 27.64 21.81
N ASN A 29 -12.97 27.38 20.87
CA ASN A 29 -11.65 27.96 20.90
C ASN A 29 -11.72 29.33 20.28
N ASP A 30 -11.36 30.34 21.05
CA ASP A 30 -11.34 31.71 20.54
C ASP A 30 -9.97 31.99 19.93
N ASP A 31 -9.84 31.72 18.63
CA ASP A 31 -8.55 31.84 17.96
C ASP A 31 -8.41 33.20 17.29
N GLY A 32 -7.22 33.77 17.35
CA GLY A 32 -7.00 35.06 16.73
C GLY A 32 -6.14 34.97 15.49
N HIS A 33 -5.80 36.12 14.91
CA HIS A 33 -4.88 36.15 13.79
C HIS A 33 -3.43 36.08 14.28
N GLU A 34 -3.09 36.91 15.26
CA GLU A 34 -1.79 36.86 15.93
C GLU A 34 -1.78 35.72 16.96
N ALA A 35 -0.62 35.12 17.22
CA ALA A 35 -0.58 34.02 18.15
C ALA A 35 -1.03 34.46 19.55
N LEU A 36 -0.44 35.56 20.04
CA LEU A 36 -0.77 36.03 21.39
C LEU A 36 -1.56 37.34 21.37
N ASP A 37 -2.54 37.41 22.26
CA ASP A 37 -3.33 38.60 22.49
C ASP A 37 -4.00 38.43 23.84
N PRO A 38 -3.53 39.16 24.86
CA PRO A 38 -3.93 38.87 26.24
C PRO A 38 -5.44 38.96 26.47
N GLN A 39 -5.93 37.97 27.22
CA GLN A 39 -7.35 37.84 27.52
C GLN A 39 -7.61 38.05 29.01
N ARG A 40 -8.80 38.55 29.33
CA ARG A 40 -9.24 38.73 30.72
C ARG A 40 -10.55 38.00 30.96
N PHE A 41 -10.75 37.56 32.20
CA PHE A 41 -12.01 36.96 32.64
C PHE A 41 -12.71 38.00 33.49
N VAL A 42 -13.87 38.47 33.03
CA VAL A 42 -14.50 39.64 33.64
C VAL A 42 -16.00 39.46 33.77
N VAL A 43 -16.53 39.77 34.95
CA VAL A 43 -17.98 39.85 35.11
C VAL A 43 -18.39 41.29 34.87
N VAL A 44 -19.32 41.47 33.93
CA VAL A 44 -19.90 42.77 33.64
C VAL A 44 -21.18 42.93 34.45
N ASN A 45 -21.12 43.71 35.51
CA ASN A 45 -22.30 43.97 36.31
C ASN A 45 -23.16 45.00 35.57
N PRO A 46 -24.48 44.99 35.83
CA PRO A 46 -25.42 45.83 35.08
C PRO A 46 -25.01 47.31 35.01
N GLU A 47 -24.47 47.84 36.10
CA GLU A 47 -24.05 49.23 36.12
C GLU A 47 -22.86 49.49 35.20
N ASP A 48 -22.16 48.43 34.78
CA ASP A 48 -20.98 48.60 33.94
C ASP A 48 -21.31 48.43 32.48
N GLN A 49 -22.53 48.00 32.20
CA GLN A 49 -22.96 47.73 30.82
C GLN A 49 -23.42 49.00 30.14
N PRO A 50 -22.91 49.26 28.92
CA PRO A 50 -23.33 50.46 28.18
C PRO A 50 -24.80 50.39 27.76
N ARG A 51 -25.44 51.55 27.67
CA ARG A 51 -26.77 51.63 27.06
C ARG A 51 -26.70 52.17 25.64
N ASP A 52 -25.69 52.99 25.37
CA ASP A 52 -25.47 53.54 24.02
C ASP A 52 -24.14 53.04 23.52
N TYR A 53 -24.19 51.94 22.79
CA TYR A 53 -23.01 51.20 22.34
C TYR A 53 -22.55 51.59 20.94
N THR A 54 -21.26 51.86 20.78
CA THR A 54 -20.70 52.06 19.45
C THR A 54 -19.47 51.17 19.30
N SER A 55 -19.41 50.42 18.20
CA SER A 55 -18.27 49.53 17.97
C SER A 55 -17.05 50.32 17.48
N VAL A 56 -15.89 49.70 17.63
CA VAL A 56 -14.65 50.32 17.21
C VAL A 56 -14.36 50.05 15.73
N ILE A 57 -14.58 48.80 15.30
CA ILE A 57 -14.22 48.40 13.96
C ILE A 57 -15.17 49.00 12.91
N SER A 58 -16.48 48.86 13.14
CA SER A 58 -17.48 49.28 12.16
C SER A 58 -18.21 50.59 12.47
N LYS A 59 -18.07 51.06 13.70
CA LYS A 59 -18.78 52.25 14.21
C LYS A 59 -20.31 52.07 14.20
N VAL A 60 -20.78 50.83 14.24
CA VAL A 60 -22.21 50.58 14.38
C VAL A 60 -22.65 51.15 15.72
N ASN A 61 -23.81 51.80 15.74
CA ASN A 61 -24.31 52.39 16.98
C ASN A 61 -25.64 51.74 17.35
N VAL A 62 -25.63 51.06 18.50
CA VAL A 62 -26.77 50.28 18.96
C VAL A 62 -27.24 50.79 20.31
N LYS A 63 -28.46 51.30 20.36
CA LYS A 63 -29.05 51.63 21.64
C LYS A 63 -29.57 50.37 22.29
N LEU A 64 -29.17 50.14 23.53
CA LEU A 64 -29.48 48.93 24.27
C LEU A 64 -30.47 49.20 25.39
N PRO A 65 -31.24 48.17 25.79
CA PRO A 65 -32.18 48.29 26.91
C PRO A 65 -31.52 48.72 28.21
N ASP A 66 -32.30 49.30 29.11
CA ASP A 66 -31.78 49.82 30.36
C ASP A 66 -31.79 48.76 31.46
N ASP A 67 -32.13 47.52 31.13
CA ASP A 67 -32.15 46.45 32.14
C ASP A 67 -31.25 45.25 31.81
N PRO A 68 -29.94 45.51 31.56
CA PRO A 68 -29.04 44.40 31.26
C PRO A 68 -28.87 43.47 32.47
N GLN A 69 -28.71 42.17 32.19
CA GLN A 69 -28.38 41.21 33.23
C GLN A 69 -26.86 41.12 33.42
N ARG A 70 -26.44 40.81 34.62
CA ARG A 70 -25.03 40.50 34.89
C ARG A 70 -24.58 39.34 34.01
N TYR A 71 -23.35 39.37 33.51
CA TYR A 71 -22.86 38.25 32.71
C TYR A 71 -21.34 38.10 32.81
N THR A 72 -20.86 36.87 32.67
CA THR A 72 -19.41 36.65 32.52
C THR A 72 -19.00 36.93 31.09
N SER A 73 -17.70 37.19 30.90
CA SER A 73 -17.19 37.50 29.57
C SER A 73 -15.68 37.31 29.56
N ILE A 74 -15.10 37.33 28.35
CA ILE A 74 -13.67 37.15 28.19
C ILE A 74 -13.09 38.27 27.31
N PRO A 75 -13.17 39.53 27.78
CA PRO A 75 -12.72 40.62 26.91
C PRO A 75 -11.22 40.63 26.66
N ASN A 76 -10.82 41.18 25.51
CA ASN A 76 -9.41 41.46 25.25
C ASN A 76 -8.87 42.46 26.26
N SER A 77 -7.63 42.25 26.72
CA SER A 77 -6.96 43.22 27.59
CA SER A 77 -7.01 43.23 27.60
C SER A 77 -6.68 44.52 26.84
N ILE A 78 -6.23 44.38 25.60
CA ILE A 78 -5.89 45.52 24.78
C ILE A 78 -7.12 45.85 23.92
N LEU A 79 -7.66 47.05 24.10
CA LEU A 79 -8.98 47.36 23.53
C LEU A 79 -8.93 48.12 22.21
N THR A 80 -7.78 48.12 21.56
CA THR A 80 -7.58 48.81 20.29
C THR A 80 -8.64 48.50 19.23
N ASN A 81 -9.09 47.24 19.18
CA ASN A 81 -10.08 46.83 18.20
C ASN A 81 -11.44 46.55 18.81
N GLY A 82 -11.69 47.06 20.01
CA GLY A 82 -12.96 46.84 20.67
C GLY A 82 -12.88 45.79 21.77
N ILE A 83 -14.02 45.47 22.34
CA ILE A 83 -14.06 44.66 23.55
C ILE A 83 -13.78 43.17 23.32
N TRP A 84 -14.39 42.61 22.28
CA TRP A 84 -14.24 41.20 21.94
C TRP A 84 -14.49 40.28 23.15
N PRO A 85 -15.71 40.30 23.69
CA PRO A 85 -16.06 39.58 24.90
C PRO A 85 -16.12 38.05 24.74
N ALA A 86 -16.26 37.58 23.49
CA ALA A 86 -16.21 36.15 23.10
C ALA A 86 -17.38 35.28 23.57
N ALA A 87 -17.66 35.26 24.87
CA ALA A 87 -18.58 34.27 25.42
C ALA A 87 -18.86 34.52 26.88
N GLY A 88 -20.02 34.07 27.35
CA GLY A 88 -20.30 34.16 28.76
C GLY A 88 -21.65 33.58 29.13
N ILE A 89 -21.97 33.66 30.41
CA ILE A 89 -23.22 33.14 30.96
C ILE A 89 -23.87 34.29 31.72
N ASN A 90 -25.17 34.52 31.52
CA ASN A 90 -25.82 35.61 32.24
C ASN A 90 -26.54 35.10 33.49
N SER A 91 -27.16 36.01 34.25
CA SER A 91 -27.73 35.63 35.53
C SER A 91 -29.03 34.82 35.41
N SER A 92 -29.55 34.69 34.18
CA SER A 92 -30.65 33.77 33.89
C SER A 92 -30.12 32.39 33.48
N ASN A 93 -28.82 32.18 33.64
CA ASN A 93 -28.17 30.93 33.22
C ASN A 93 -28.39 30.64 31.74
N VAL A 94 -28.27 31.68 30.92
CA VAL A 94 -28.19 31.53 29.49
C VAL A 94 -26.73 31.70 29.08
N ALA A 95 -26.25 30.79 28.23
CA ALA A 95 -24.87 30.82 27.74
C ALA A 95 -24.86 31.26 26.28
N MET A 96 -23.80 31.96 25.89
CA MET A 96 -23.64 32.38 24.49
C MET A 96 -22.16 32.42 24.13
N SER A 97 -21.81 31.93 22.96
CA SER A 97 -20.45 32.12 22.43
C SER A 97 -20.50 32.63 21.00
N ALA A 98 -19.80 33.73 20.73
CA ALA A 98 -19.81 34.38 19.44
C ALA A 98 -18.41 34.93 19.15
N THR A 99 -17.73 34.47 18.10
CA THR A 99 -18.30 33.68 17.01
C THR A 99 -17.35 32.62 16.50
N GLU A 100 -17.92 31.73 15.71
CA GLU A 100 -17.18 30.84 14.84
C GLU A 100 -17.24 31.48 13.44
N THR A 101 -16.11 31.96 12.92
CA THR A 101 -16.13 32.54 11.56
C THR A 101 -16.45 31.42 10.59
N ILE A 102 -17.47 31.60 9.76
CA ILE A 102 -17.84 30.53 8.82
C ILE A 102 -17.62 31.00 7.40
N THR A 103 -18.22 30.32 6.43
CA THR A 103 -18.04 30.69 5.03
C THR A 103 -19.33 31.13 4.39
N THR A 104 -19.20 31.64 3.17
CA THR A 104 -20.33 32.16 2.41
C THR A 104 -20.03 31.87 0.93
N ASN A 105 -20.80 32.45 0.01
CA ASN A 105 -20.45 32.33 -1.40
C ASN A 105 -20.92 33.56 -2.18
N SER A 106 -20.46 33.68 -3.42
CA SER A 106 -20.67 34.89 -4.19
C SER A 106 -22.11 35.08 -4.66
N ARG A 107 -22.85 34.00 -4.77
CA ARG A 107 -24.24 34.11 -5.22
C ARG A 107 -25.09 34.77 -4.15
N VAL A 108 -24.95 34.37 -2.89
CA VAL A 108 -25.74 35.04 -1.86
C VAL A 108 -25.17 36.43 -1.53
N GLN A 109 -23.84 36.59 -1.59
CA GLN A 109 -23.26 37.91 -1.32
C GLN A 109 -23.67 38.93 -2.37
N GLY A 110 -23.90 38.47 -3.59
CA GLY A 110 -24.34 39.35 -4.65
C GLY A 110 -25.75 39.88 -4.43
N LEU A 111 -26.53 39.18 -3.60
CA LEU A 111 -27.92 39.56 -3.30
C LEU A 111 -28.07 40.34 -2.00
N ASP A 112 -27.26 40.00 -1.01
CA ASP A 112 -27.34 40.60 0.32
C ASP A 112 -25.91 40.81 0.82
N PRO A 113 -25.23 41.85 0.31
CA PRO A 113 -23.84 42.10 0.64
C PRO A 113 -23.63 42.41 2.10
N PHE A 114 -22.40 42.20 2.57
CA PHE A 114 -22.00 42.64 3.90
C PHE A 114 -22.28 44.12 4.09
N VAL A 115 -22.63 44.49 5.32
CA VAL A 115 -22.91 45.86 5.72
C VAL A 115 -21.72 46.39 6.49
N GLU A 116 -20.99 47.34 5.91
CA GLU A 116 -19.71 47.74 6.47
C GLU A 116 -19.84 48.42 7.82
N ASN A 117 -20.97 49.08 8.07
CA ASN A 117 -21.19 49.65 9.39
C ASN A 117 -22.14 48.78 10.21
N GLY A 118 -22.07 47.47 10.00
CA GLY A 118 -22.91 46.54 10.73
C GLY A 118 -22.26 45.93 11.97
N LEU A 119 -22.91 44.89 12.49
CA LEU A 119 -22.41 44.21 13.69
C LEU A 119 -21.35 43.19 13.36
N GLY A 120 -20.47 42.93 14.32
CA GLY A 120 -19.46 41.91 14.15
C GLY A 120 -19.21 41.13 15.42
N GLU A 121 -18.29 40.18 15.33
CA GLU A 121 -17.84 39.39 16.48
C GLU A 121 -17.35 40.27 17.63
N GLU A 122 -16.82 41.43 17.29
CA GLU A 122 -16.43 42.42 18.27
C GLU A 122 -17.56 42.68 19.27
N ASP A 123 -18.79 42.59 18.77
CA ASP A 123 -19.96 43.16 19.44
C ASP A 123 -20.99 42.19 19.99
N LEU A 124 -21.08 40.99 19.41
CA LEU A 124 -22.32 40.23 19.54
C LEU A 124 -22.72 39.84 20.98
N VAL A 125 -21.80 39.31 21.78
CA VAL A 125 -22.20 38.91 23.13
C VAL A 125 -22.71 40.13 23.91
N THR A 126 -22.02 41.24 23.74
CA THR A 126 -22.33 42.49 24.46
C THR A 126 -23.74 42.98 24.15
N VAL A 127 -24.17 42.83 22.91
CA VAL A 127 -25.47 43.39 22.53
C VAL A 127 -26.61 42.37 22.60
N VAL A 128 -26.30 41.10 22.85
CA VAL A 128 -27.33 40.05 22.93
C VAL A 128 -27.50 39.43 24.32
N LEU A 129 -26.42 38.87 24.85
CA LEU A 129 -26.50 38.07 26.07
C LEU A 129 -27.16 38.75 27.29
N PRO A 130 -26.91 40.04 27.54
CA PRO A 130 -27.52 40.59 28.76
C PRO A 130 -29.03 40.75 28.74
N TYR A 131 -29.68 40.51 27.60
CA TYR A 131 -31.07 40.93 27.40
C TYR A 131 -32.02 39.77 27.12
N VAL A 132 -31.55 38.54 27.34
CA VAL A 132 -32.35 37.37 27.01
C VAL A 132 -32.41 36.41 28.16
N LYS A 133 -33.49 35.65 28.24
CA LYS A 133 -33.70 34.75 29.37
C LYS A 133 -33.80 33.30 28.95
N SER A 134 -33.59 33.04 27.66
CA SER A 134 -33.50 31.66 27.16
C SER A 134 -32.59 31.63 25.94
N ALA A 135 -32.13 30.44 25.58
CA ALA A 135 -31.32 30.30 24.36
C ALA A 135 -32.11 30.72 23.14
N ARG A 136 -33.39 30.33 23.10
CA ARG A 136 -34.26 30.66 21.99
C ARG A 136 -34.43 32.18 21.87
N GLU A 137 -34.58 32.86 23.01
CA GLU A 137 -34.65 34.33 23.00
C GLU A 137 -33.36 34.95 22.45
N GLY A 138 -32.22 34.34 22.79
CA GLY A 138 -30.95 34.78 22.24
C GLY A 138 -30.95 34.69 20.73
N VAL A 139 -31.39 33.55 20.19
CA VAL A 139 -31.46 33.37 18.74
C VAL A 139 -32.32 34.46 18.10
N LYS A 140 -33.50 34.70 18.67
CA LYS A 140 -34.44 35.65 18.08
C LYS A 140 -33.93 37.08 18.20
N ARG A 141 -33.31 37.43 19.32
CA ARG A 141 -32.76 38.77 19.47
C ARG A 141 -31.62 38.99 18.46
N LEU A 142 -30.72 38.03 18.32
CA LEU A 142 -29.62 38.20 17.38
C LEU A 142 -30.16 38.31 15.95
N GLY A 143 -31.12 37.46 15.60
CA GLY A 143 -31.75 37.52 14.29
C GLY A 143 -32.32 38.90 14.00
N SER A 144 -33.03 39.45 14.98
CA SER A 144 -33.62 40.78 14.85
C SER A 144 -32.56 41.87 14.69
N LEU A 145 -31.45 41.75 15.43
CA LEU A 145 -30.38 42.73 15.33
C LEU A 145 -29.68 42.68 13.97
N LEU A 146 -29.54 41.47 13.40
CA LEU A 146 -28.94 41.35 12.07
C LEU A 146 -29.82 42.04 11.03
N GLU A 147 -31.13 41.90 11.19
CA GLU A 147 -32.06 42.55 10.28
C GLU A 147 -32.02 44.07 10.41
N GLU A 148 -31.87 44.55 11.65
CA GLU A 148 -31.89 46.00 11.91
C GLU A 148 -30.57 46.69 11.56
N TYR A 149 -29.45 46.04 11.87
CA TYR A 149 -28.14 46.67 11.74
C TYR A 149 -27.24 46.06 10.67
N GLY A 150 -27.53 44.82 10.29
CA GLY A 150 -26.68 44.13 9.33
C GLY A 150 -25.40 43.63 9.97
N THR A 151 -24.60 42.93 9.18
CA THR A 151 -23.30 42.44 9.65
C THR A 151 -22.27 42.50 8.54
N TYR A 152 -21.00 42.58 8.91
CA TYR A 152 -19.92 42.59 7.91
C TYR A 152 -19.09 41.29 7.92
N GLU A 153 -19.57 40.29 8.64
CA GLU A 153 -18.88 39.00 8.77
C GLU A 153 -19.82 37.81 8.59
N PRO A 154 -19.27 36.66 8.14
CA PRO A 154 -20.01 35.39 8.16
C PRO A 154 -19.73 34.63 9.46
N ASN A 155 -20.73 34.47 10.31
CA ASN A 155 -20.50 33.97 11.67
C ASN A 155 -21.43 32.86 12.13
N GLY A 156 -20.92 32.01 13.02
CA GLY A 156 -21.73 31.03 13.72
C GLY A 156 -21.72 31.35 15.21
N ILE A 157 -22.89 31.25 15.83
CA ILE A 157 -23.07 31.62 17.23
C ILE A 157 -23.82 30.53 17.96
N SER A 158 -23.34 30.15 19.14
CA SER A 158 -24.04 29.14 19.95
C SER A 158 -24.78 29.78 21.13
N PHE A 159 -25.93 29.21 21.45
CA PHE A 159 -26.71 29.60 22.63
C PHE A 159 -27.10 28.36 23.42
N ALA A 160 -27.18 28.47 24.74
CA ALA A 160 -27.71 27.36 25.52
C ALA A 160 -28.35 27.85 26.81
N ASP A 161 -29.31 27.07 27.30
CA ASP A 161 -29.79 27.21 28.67
C ASP A 161 -29.83 25.79 29.23
N ASN A 162 -30.53 25.58 30.34
CA ASN A 162 -30.53 24.26 30.94
C ASN A 162 -31.36 23.23 30.15
N GLU A 163 -32.14 23.71 29.17
CA GLU A 163 -32.99 22.84 28.37
CA GLU A 163 -32.99 22.84 28.37
C GLU A 163 -32.49 22.65 26.94
N GLU A 164 -32.11 23.75 26.30
CA GLU A 164 -31.86 23.73 24.86
C GLU A 164 -30.49 24.26 24.46
N VAL A 165 -30.02 23.76 23.33
CA VAL A 165 -28.81 24.25 22.68
C VAL A 165 -29.17 24.64 21.26
N TRP A 166 -28.76 25.84 20.85
CA TRP A 166 -29.03 26.35 19.50
C TRP A 166 -27.76 26.80 18.80
N TRP A 167 -27.76 26.67 17.47
CA TRP A 167 -26.67 27.15 16.63
C TRP A 167 -27.27 28.06 15.57
N LEU A 168 -26.81 29.31 15.54
CA LEU A 168 -27.26 30.27 14.52
C LEU A 168 -26.11 30.59 13.57
N GLU A 169 -26.41 30.62 12.28
CA GLU A 169 -25.44 31.04 11.28
C GLU A 169 -25.95 32.26 10.53
N THR A 170 -25.09 33.25 10.38
CA THR A 170 -25.46 34.45 9.65
C THR A 170 -25.20 34.27 8.16
N ILE A 171 -26.05 34.89 7.36
CA ILE A 171 -26.10 34.65 5.92
C ILE A 171 -26.20 35.97 5.21
N GLY A 172 -25.14 36.37 4.51
CA GLY A 172 -25.09 37.67 3.89
C GLY A 172 -25.14 38.80 4.91
N GLY A 173 -25.53 39.99 4.46
CA GLY A 173 -25.54 41.14 5.34
C GLY A 173 -26.64 41.14 6.39
N HIS A 174 -27.76 40.45 6.13
CA HIS A 174 -28.94 40.54 7.01
C HIS A 174 -29.65 39.25 7.35
N HIS A 175 -29.38 38.18 6.62
CA HIS A 175 -30.15 36.95 6.81
C HIS A 175 -29.49 35.99 7.80
N TRP A 176 -30.24 34.99 8.23
CA TRP A 176 -29.75 34.05 9.24
C TRP A 176 -30.64 32.83 9.31
N ALA A 177 -30.10 31.77 9.89
CA ALA A 177 -30.86 30.55 10.16
C ALA A 177 -30.34 29.92 11.44
N ALA A 178 -31.19 29.17 12.14
CA ALA A 178 -30.76 28.55 13.38
C ALA A 178 -31.38 27.19 13.57
N VAL A 179 -30.64 26.30 14.21
CA VAL A 179 -31.12 24.95 14.46
C VAL A 179 -30.98 24.61 15.94
N ARG A 180 -32.01 24.00 16.50
CA ARG A 180 -31.92 23.48 17.85
CA ARG A 180 -31.94 23.47 17.86
C ARG A 180 -31.26 22.11 17.78
N ILE A 181 -30.14 21.96 18.49
CA ILE A 181 -29.43 20.68 18.52
C ILE A 181 -30.29 19.69 19.30
N PRO A 182 -30.59 18.51 18.71
CA PRO A 182 -31.37 17.54 19.48
C PRO A 182 -30.73 17.22 20.83
N ASP A 183 -31.54 16.94 21.85
CA ASP A 183 -31.03 16.67 23.19
C ASP A 183 -29.95 15.60 23.24
N ASP A 184 -30.05 14.59 22.38
CA ASP A 184 -29.14 13.46 22.46
C ASP A 184 -27.99 13.58 21.47
N ALA A 185 -27.78 14.78 20.93
CA ALA A 185 -26.81 14.97 19.86
C ALA A 185 -25.64 15.86 20.25
N TYR A 186 -24.61 15.84 19.41
CA TYR A 186 -23.52 16.80 19.51
C TYR A 186 -23.18 17.35 18.12
N VAL A 187 -22.42 18.44 18.11
CA VAL A 187 -21.93 19.06 16.88
C VAL A 187 -20.46 19.42 17.07
N VAL A 188 -19.66 19.19 16.03
CA VAL A 188 -18.32 19.77 15.94
C VAL A 188 -18.31 20.70 14.74
N ALA A 189 -17.97 21.97 14.96
CA ALA A 189 -18.08 22.99 13.89
C ALA A 189 -16.78 23.78 13.71
N PRO A 190 -16.21 23.73 12.50
CA PRO A 190 -15.01 24.51 12.15
C PRO A 190 -15.39 25.78 11.43
N ASN A 191 -14.42 26.40 10.76
CA ASN A 191 -14.62 27.69 10.12
C ASN A 191 -15.26 27.59 8.73
N ARG A 192 -16.40 26.94 8.68
CA ARG A 192 -17.09 26.63 7.44
C ARG A 192 -18.57 26.61 7.76
N MET A 193 -19.43 27.09 6.88
CA MET A 193 -20.86 27.04 7.18
C MET A 193 -21.28 25.59 7.43
N ASN A 194 -22.06 25.37 8.48
CA ASN A 194 -22.33 24.02 8.99
C ASN A 194 -23.72 23.47 8.80
N ILE A 195 -24.74 24.31 8.90
CA ILE A 195 -26.11 23.79 8.85
C ILE A 195 -26.38 23.10 7.51
N ASP A 196 -26.83 21.85 7.54
CA ASP A 196 -27.06 21.11 6.31
C ASP A 196 -28.56 21.02 6.04
N GLN A 197 -29.11 19.81 5.99
CA GLN A 197 -30.53 19.62 5.74
CA GLN A 197 -30.53 19.61 5.75
C GLN A 197 -31.37 20.51 6.66
N PHE A 198 -32.31 21.24 6.07
CA PHE A 198 -33.03 22.26 6.82
C PHE A 198 -34.52 22.25 6.49
N ASP A 199 -35.32 22.01 7.52
CA ASP A 199 -36.78 21.98 7.36
C ASP A 199 -37.36 23.28 7.85
N PHE A 200 -37.88 24.10 6.94
CA PHE A 200 -38.38 25.41 7.35
C PHE A 200 -39.57 25.34 8.34
N ASP A 201 -40.38 24.29 8.28
CA ASP A 201 -41.58 24.25 9.14
C ASP A 201 -41.31 23.53 10.46
N SER A 202 -40.08 23.08 10.68
CA SER A 202 -39.76 22.29 11.87
C SER A 202 -39.78 23.12 13.16
N ASP A 203 -40.17 22.47 14.26
CA ASP A 203 -40.13 23.10 15.57
C ASP A 203 -38.69 23.37 15.97
N ASP A 204 -37.77 22.69 15.30
CA ASP A 204 -36.36 22.76 15.66
C ASP A 204 -35.58 23.82 14.86
N THR A 205 -36.27 24.61 14.05
CA THR A 205 -35.58 25.61 13.26
C THR A 205 -36.19 27.01 13.40
N LEU A 206 -35.33 28.01 13.21
CA LEU A 206 -35.73 29.41 13.12
C LEU A 206 -34.90 30.04 12.01
N CYS A 207 -35.45 31.05 11.34
CA CYS A 207 -34.69 31.74 10.30
C CYS A 207 -35.36 33.04 9.88
N SER A 208 -34.66 33.80 9.04
CA SER A 208 -35.22 34.97 8.37
C SER A 208 -36.59 34.63 7.78
N SER A 209 -37.56 35.51 7.98
CA SER A 209 -38.91 35.20 7.49
C SER A 209 -38.94 35.04 5.97
N ASP A 210 -37.98 35.67 5.28
CA ASP A 210 -37.92 35.60 3.83
C ASP A 210 -36.89 34.60 3.29
N LEU A 211 -36.32 33.77 4.17
CA LEU A 211 -35.19 32.94 3.72
C LEU A 211 -35.58 31.96 2.60
N LYS A 212 -36.71 31.29 2.74
CA LYS A 212 -37.12 30.34 1.71
C LYS A 212 -37.40 31.06 0.39
N ASP A 213 -38.08 32.21 0.46
CA ASP A 213 -38.34 32.98 -0.76
C ASP A 213 -37.05 33.48 -1.40
N LEU A 214 -36.08 33.88 -0.57
CA LEU A 214 -34.80 34.34 -1.08
C LEU A 214 -34.16 33.25 -1.94
N ILE A 215 -34.21 32.02 -1.44
CA ILE A 215 -33.65 30.88 -2.15
C ILE A 215 -34.42 30.56 -3.42
N ASP A 216 -35.73 30.40 -3.29
CA ASP A 216 -36.58 29.96 -4.40
C ASP A 216 -36.62 30.97 -5.54
N ASN A 217 -36.64 32.26 -5.21
CA ASN A 217 -36.83 33.29 -6.22
C ASN A 217 -35.55 33.72 -6.92
N ASN A 218 -34.41 33.28 -6.42
CA ASN A 218 -33.14 33.75 -6.98
C ASN A 218 -32.21 32.62 -7.43
N ASN A 219 -32.79 31.44 -7.66
CA ASN A 219 -32.05 30.31 -8.18
C ASN A 219 -30.83 29.97 -7.35
N LEU A 220 -30.97 30.03 -6.03
CA LEU A 220 -29.81 29.78 -5.16
C LEU A 220 -29.59 28.32 -4.84
N ASN A 221 -30.61 27.49 -5.07
CA ASN A 221 -30.56 26.11 -4.63
C ASN A 221 -29.86 25.21 -5.64
N PRO A 222 -28.71 24.63 -5.27
CA PRO A 222 -28.01 23.77 -6.23
C PRO A 222 -28.55 22.35 -6.25
N ASP A 223 -29.41 22.00 -5.30
CA ASP A 223 -29.86 20.63 -5.19
C ASP A 223 -31.18 20.39 -5.89
N PHE A 224 -31.34 19.17 -6.41
CA PHE A 224 -32.56 18.78 -7.13
C PHE A 224 -33.74 18.69 -6.19
N GLU A 225 -33.45 18.28 -4.95
CA GLU A 225 -34.45 18.22 -3.88
C GLU A 225 -34.04 18.80 -2.58
N ASN A 226 -35.04 19.32 -1.86
CA ASN A 226 -34.90 19.77 -0.47
C ASN A 226 -33.98 20.96 -0.33
N TYR A 227 -33.70 21.35 0.92
CA TYR A 227 -32.88 22.50 1.20
C TYR A 227 -31.74 22.14 2.14
N ASN A 228 -30.51 22.33 1.68
CA ASN A 228 -29.34 22.13 2.51
C ASN A 228 -28.67 23.49 2.61
N LEU A 229 -28.67 24.10 3.80
CA LEU A 229 -28.32 25.50 3.85
C LEU A 229 -26.87 25.78 3.48
N ARG A 230 -25.94 24.89 3.85
CA ARG A 230 -24.55 25.18 3.51
C ARG A 230 -24.30 24.89 2.02
N HIS A 231 -25.06 23.98 1.41
CA HIS A 231 -25.02 23.82 -0.04
C HIS A 231 -25.44 25.10 -0.74
N ILE A 232 -26.46 25.76 -0.17
CA ILE A 232 -27.06 26.95 -0.77
C ILE A 232 -26.26 28.22 -0.48
N PHE A 233 -25.86 28.39 0.78
CA PHE A 233 -25.30 29.64 1.27
C PHE A 233 -23.83 29.57 1.67
N GLY A 234 -23.29 28.35 1.68
CA GLY A 234 -21.96 28.16 2.22
C GLY A 234 -20.94 27.80 1.16
N SER A 235 -19.91 27.06 1.57
CA SER A 235 -18.84 26.68 0.67
C SER A 235 -18.58 25.18 0.69
N ALA A 236 -17.98 24.69 -0.40
CA ALA A 236 -17.39 23.36 -0.43
C ALA A 236 -16.15 23.49 -1.30
N SER A 237 -15.14 24.17 -0.76
CA SER A 237 -13.97 24.55 -1.53
C SER A 237 -12.78 23.62 -1.29
N ILE A 238 -11.76 23.78 -2.13
CA ILE A 238 -10.52 23.05 -1.89
C ILE A 238 -9.95 23.45 -0.52
N LYS A 239 -9.99 24.75 -0.19
CA LYS A 239 -9.45 25.14 1.12
C LYS A 239 -10.23 24.50 2.26
N ASP A 240 -11.54 24.31 2.11
CA ASP A 240 -12.31 23.62 3.14
C ASP A 240 -11.76 22.22 3.45
N THR A 241 -11.25 21.52 2.44
CA THR A 241 -10.78 20.15 2.63
C THR A 241 -9.56 20.05 3.55
N VAL A 242 -8.83 21.15 3.70
CA VAL A 242 -7.64 21.12 4.55
C VAL A 242 -7.77 21.99 5.80
N TYR A 243 -8.59 23.03 5.71
CA TYR A 243 -8.71 23.99 6.82
C TYR A 243 -9.83 23.63 7.78
N ASN A 244 -10.85 22.97 7.27
CA ASN A 244 -12.09 22.83 8.00
C ASN A 244 -12.54 21.40 8.21
N ASN A 245 -12.76 20.69 7.11
CA ASN A 245 -13.34 19.35 7.19
C ASN A 245 -12.56 18.37 8.08
N PRO A 246 -11.21 18.42 8.05
CA PRO A 246 -10.52 17.44 8.91
C PRO A 246 -10.77 17.64 10.40
N ARG A 247 -11.03 18.88 10.81
CA ARG A 247 -11.33 19.12 12.22
C ARG A 247 -12.67 18.49 12.58
N THR A 248 -13.68 18.70 11.74
CA THR A 248 -14.97 18.03 11.90
C THR A 248 -14.81 16.53 11.94
N TRP A 249 -14.04 16.03 10.98
CA TRP A 249 -13.80 14.59 10.87
C TRP A 249 -13.15 14.02 12.13
N TYR A 250 -12.12 14.68 12.65
CA TYR A 250 -11.42 14.15 13.81
C TYR A 250 -12.32 14.10 15.05
N GLY A 251 -13.12 15.13 15.24
CA GLY A 251 -14.06 15.15 16.33
C GLY A 251 -15.10 14.05 16.21
N GLN A 252 -15.64 13.88 15.01
CA GLN A 252 -16.66 12.85 14.79
C GLN A 252 -16.07 11.46 14.89
N LYS A 253 -14.81 11.30 14.48
CA LYS A 253 -14.15 10.00 14.63
C LYS A 253 -13.99 9.65 16.11
N PHE A 254 -13.77 10.66 16.94
CA PHE A 254 -13.59 10.45 18.38
C PHE A 254 -14.90 10.09 19.05
N PHE A 255 -15.98 10.80 18.69
CA PHE A 255 -17.27 10.59 19.35
C PHE A 255 -18.14 9.52 18.69
N SER A 256 -18.03 9.40 17.36
CA SER A 256 -18.86 8.47 16.57
C SER A 256 -18.00 7.63 15.64
N PRO A 257 -17.05 6.86 16.21
CA PRO A 257 -16.07 6.16 15.37
C PRO A 257 -16.70 5.19 14.37
N ASP A 258 -17.82 4.57 14.76
CA ASP A 258 -18.43 3.58 13.89
C ASP A 258 -19.36 4.19 12.85
N ASP A 259 -19.61 5.49 12.95
CA ASP A 259 -20.48 6.17 11.98
C ASP A 259 -19.69 7.09 11.06
N THR A 260 -18.37 7.08 11.22
CA THR A 260 -17.53 8.04 10.50
C THR A 260 -16.47 7.31 9.66
N ALA A 261 -16.39 7.67 8.39
CA ALA A 261 -15.45 7.03 7.46
C ALA A 261 -14.03 7.59 7.66
N ASP A 262 -13.13 7.27 6.73
CA ASP A 262 -11.73 7.58 6.92
C ASP A 262 -11.20 8.67 6.00
N ASP A 263 -12.09 9.53 5.49
CA ASP A 263 -11.67 10.63 4.64
C ASP A 263 -11.86 11.97 5.35
N PRO A 264 -10.75 12.55 5.85
CA PRO A 264 -10.83 13.83 6.57
C PRO A 264 -11.30 14.98 5.68
N MET A 265 -11.22 14.81 4.36
CA MET A 265 -11.51 15.90 3.44
C MET A 265 -12.98 15.97 3.06
N GLU A 266 -13.76 14.98 3.50
CA GLU A 266 -15.17 14.87 3.16
C GLU A 266 -15.95 16.19 3.37
N GLN A 267 -16.66 16.60 2.32
CA GLN A 267 -17.40 17.88 2.29
C GLN A 267 -18.80 17.78 2.87
N ASP A 268 -19.32 16.57 2.99
CA ASP A 268 -20.69 16.39 3.46
C ASP A 268 -20.76 15.55 4.74
N LEU A 269 -19.81 15.79 5.64
CA LEU A 269 -19.94 15.24 6.98
C LEU A 269 -21.20 15.82 7.61
N PRO A 270 -21.91 14.99 8.39
CA PRO A 270 -23.12 15.50 9.04
C PRO A 270 -22.85 16.65 10.00
N PHE A 271 -23.84 17.52 10.13
CA PHE A 271 -23.81 18.60 11.10
C PHE A 271 -24.16 18.02 12.48
N ILE A 272 -25.39 17.54 12.58
CA ILE A 272 -25.87 16.88 13.81
C ILE A 272 -25.38 15.44 13.89
N CYS A 273 -24.76 15.07 15.02
CA CYS A 273 -24.26 13.72 15.23
C CYS A 273 -24.72 13.08 16.53
N HIS A 274 -24.60 11.76 16.61
CA HIS A 274 -24.93 11.01 17.82
C HIS A 274 -23.75 10.15 18.22
N ALA A 275 -23.24 10.42 19.41
CA ALA A 275 -22.04 9.74 19.91
C ALA A 275 -22.37 8.34 20.39
N ASN A 276 -21.35 7.51 20.56
CA ASN A 276 -21.58 6.13 21.02
C ASN A 276 -21.56 6.02 22.55
N ARG A 277 -21.49 7.17 23.21
CA ARG A 277 -21.39 7.27 24.66
C ARG A 277 -21.76 8.70 25.07
N LYS A 278 -21.93 8.92 26.37
CA LYS A 278 -22.17 10.27 26.87
C LYS A 278 -20.86 11.03 26.98
N ILE A 279 -20.95 12.35 26.85
CA ILE A 279 -19.78 13.20 26.66
C ILE A 279 -19.44 13.99 27.92
N SER A 280 -18.16 13.97 28.29
CA SER A 280 -17.70 14.70 29.47
C SER A 280 -17.03 16.01 29.09
N VAL A 281 -16.83 16.87 30.07
CA VAL A 281 -16.08 18.11 29.84
C VAL A 281 -14.67 17.76 29.40
N GLU A 282 -14.10 16.74 30.04
CA GLU A 282 -12.78 16.25 29.68
C GLU A 282 -12.70 15.86 28.20
N ASP A 283 -13.74 15.17 27.69
CA ASP A 283 -13.83 14.82 26.27
C ASP A 283 -13.80 16.05 25.37
N VAL A 284 -14.61 17.05 25.73
CA VAL A 284 -14.70 18.25 24.92
C VAL A 284 -13.33 18.94 24.88
N LYS A 285 -12.69 19.08 26.03
CA LYS A 285 -11.39 19.73 26.07
C LYS A 285 -10.36 18.92 25.26
N PHE A 286 -10.43 17.60 25.32
CA PHE A 286 -9.52 16.81 24.51
C PHE A 286 -9.63 17.15 23.02
N VAL A 287 -10.86 17.15 22.50
CA VAL A 287 -11.03 17.44 21.08
C VAL A 287 -10.61 18.88 20.79
N LEU A 288 -10.97 19.81 21.68
CA LEU A 288 -10.58 21.21 21.46
C LEU A 288 -9.07 21.46 21.60
N SER A 289 -8.33 20.46 22.07
CA SER A 289 -6.88 20.60 22.22
C SER A 289 -6.12 19.78 21.20
N SER A 290 -6.84 19.18 20.25
CA SER A 290 -6.26 18.08 19.47
C SER A 290 -5.49 18.56 18.24
N HIS A 291 -4.64 17.67 17.74
CA HIS A 291 -3.81 17.95 16.58
C HIS A 291 -3.67 16.65 15.81
N PHE A 292 -4.80 16.00 15.56
CA PHE A 292 -4.87 14.79 14.75
C PHE A 292 -3.96 13.69 15.28
N GLU A 293 -3.92 13.57 16.61
CA GLU A 293 -3.12 12.54 17.25
C GLU A 293 -3.42 11.16 16.65
N ASN A 294 -2.35 10.40 16.46
CA ASN A 294 -2.38 9.04 15.91
C ASN A 294 -2.80 8.97 14.44
N THR A 295 -2.59 10.07 13.72
CA THR A 295 -2.67 10.11 12.26
C THR A 295 -1.42 10.75 11.70
N LYS A 296 -1.21 10.62 10.39
CA LYS A 296 -0.06 11.22 9.74
C LYS A 296 -0.16 12.74 9.64
N TYR A 297 -1.30 13.29 10.04
CA TYR A 297 -1.53 14.73 9.95
C TYR A 297 -1.17 15.49 11.22
N ASP A 298 -0.67 14.76 12.21
CA ASP A 298 -0.24 15.32 13.48
C ASP A 298 1.11 16.03 13.31
N VAL A 299 1.14 17.34 13.52
CA VAL A 299 2.38 18.10 13.32
C VAL A 299 3.45 17.65 14.31
N TYR A 300 3.05 17.03 15.42
CA TYR A 300 3.99 16.51 16.40
C TYR A 300 4.30 15.02 16.19
N GLY A 301 3.77 14.46 15.10
CA GLY A 301 3.83 13.03 14.85
C GLY A 301 4.91 12.60 13.88
N SER A 302 4.66 11.45 13.25
CA SER A 302 5.65 10.73 12.47
C SER A 302 5.48 10.89 10.96
N GLY A 303 4.53 11.72 10.55
CA GLY A 303 4.25 11.87 9.13
C GLY A 303 5.31 12.64 8.37
N SER A 304 5.18 12.66 7.04
CA SER A 304 6.06 13.47 6.21
C SER A 304 5.85 14.96 6.52
N GLN A 305 6.80 15.79 6.14
CA GLN A 305 6.69 17.22 6.37
C GLN A 305 5.41 17.78 5.75
N SER A 306 5.08 17.31 4.55
CA SER A 306 3.88 17.81 3.87
CA SER A 306 3.88 17.80 3.87
C SER A 306 2.61 17.36 4.57
N ASP A 307 2.55 16.08 4.96
CA ASP A 307 1.36 15.57 5.64
C ASP A 307 1.15 16.24 7.00
N LYS A 308 2.24 16.47 7.72
CA LYS A 308 2.20 17.06 9.07
C LYS A 308 1.71 18.49 9.06
N THR A 309 1.81 19.16 7.91
CA THR A 309 1.45 20.57 7.84
C THR A 309 0.28 20.81 6.90
N LEU A 310 -0.33 19.74 6.42
CA LEU A 310 -1.44 19.86 5.46
C LEU A 310 -2.72 20.43 6.07
N PHE A 311 -3.03 20.00 7.28
CA PHE A 311 -4.30 20.36 7.93
C PHE A 311 -4.14 21.37 9.06
N ARG A 312 -5.11 22.28 9.18
CA ARG A 312 -5.18 23.16 10.35
C ARG A 312 -5.62 22.37 11.57
N PRO A 313 -4.81 22.37 12.64
CA PRO A 313 -5.20 21.65 13.85
C PRO A 313 -6.25 22.38 14.67
N ILE A 314 -6.78 21.71 15.69
CA ILE A 314 -7.78 22.33 16.54
C ILE A 314 -7.10 23.07 17.70
N GLY A 315 -6.30 22.36 18.48
CA GLY A 315 -5.35 23.03 19.37
C GLY A 315 -4.34 23.72 18.48
N ILE A 316 -4.01 24.97 18.79
CA ILE A 316 -3.17 25.74 17.90
C ILE A 316 -2.53 26.91 18.64
N ASN A 317 -1.41 27.42 18.12
CA ASN A 317 -0.65 28.47 18.80
C ASN A 317 -1.50 29.70 19.08
N ARG A 318 -2.49 29.94 18.23
CA ARG A 318 -3.31 31.15 18.39
C ARG A 318 -4.66 30.89 19.08
N ASN A 319 -4.76 29.79 19.84
CA ASN A 319 -5.82 29.67 20.86
C ASN A 319 -5.62 30.80 21.87
N HIS A 320 -6.49 31.82 21.86
CA HIS A 320 -6.33 32.89 22.86
C HIS A 320 -7.03 32.52 24.17
N ASN A 321 -8.27 32.07 24.05
CA ASN A 321 -8.93 31.43 25.17
C ASN A 321 -9.70 30.23 24.67
N VAL A 322 -9.98 29.30 25.57
CA VAL A 322 -10.93 28.23 25.31
C VAL A 322 -11.98 28.27 26.42
N HIS A 323 -13.23 28.18 26.04
CA HIS A 323 -14.28 28.20 27.04
C HIS A 323 -15.26 27.07 26.79
N ILE A 324 -15.69 26.45 27.87
CA ILE A 324 -16.75 25.47 27.81
C ILE A 324 -17.82 25.99 28.74
N LEU A 325 -18.94 26.42 28.18
CA LEU A 325 -20.02 26.99 28.98
C LEU A 325 -21.00 25.87 29.31
N GLN A 326 -21.16 25.60 30.60
CA GLN A 326 -21.97 24.47 31.04
C GLN A 326 -23.15 24.95 31.87
N ILE A 327 -24.37 24.57 31.48
CA ILE A 327 -25.53 24.81 32.33
C ILE A 327 -25.97 23.46 32.88
N ARG A 328 -25.75 23.28 34.19
CA ARG A 328 -26.00 22.01 34.84
C ARG A 328 -27.46 21.85 35.24
N ASN A 329 -27.90 20.60 35.36
CA ASN A 329 -29.25 20.28 35.79
C ASN A 329 -29.33 19.46 37.08
N ASN A 330 -28.18 19.03 37.58
CA ASN A 330 -28.17 18.21 38.79
C ASN A 330 -27.97 19.05 40.07
N VAL A 331 -28.09 20.36 39.94
CA VAL A 331 -27.86 21.28 41.05
C VAL A 331 -28.86 22.44 41.12
N PRO A 332 -28.92 23.13 42.28
CA PRO A 332 -29.73 24.35 42.36
C PRO A 332 -29.27 25.39 41.34
N THR A 333 -30.18 26.23 40.85
CA THR A 333 -29.84 27.18 39.79
C THR A 333 -28.70 28.13 40.17
N GLU A 334 -28.54 28.42 41.46
CA GLU A 334 -27.49 29.34 41.86
C GLU A 334 -26.08 28.80 41.60
N ILE A 335 -25.96 27.49 41.36
CA ILE A 335 -24.66 26.94 41.00
C ILE A 335 -24.71 26.16 39.69
N ALA A 336 -25.76 26.37 38.89
CA ALA A 336 -25.90 25.62 37.65
C ALA A 336 -24.93 26.09 36.57
N GLY A 337 -24.63 27.38 36.53
CA GLY A 337 -23.82 27.96 35.46
C GLY A 337 -22.33 27.89 35.72
N ILE A 338 -21.62 27.17 34.87
CA ILE A 338 -20.17 27.00 35.03
C ILE A 338 -19.48 27.51 33.78
N HIS A 339 -18.59 28.48 33.96
CA HIS A 339 -17.84 29.05 32.84
C HIS A 339 -16.42 28.44 32.87
N TRP A 340 -16.27 27.28 32.23
CA TRP A 340 -14.95 26.63 32.16
C TRP A 340 -14.04 27.47 31.28
N LEU A 341 -12.79 27.68 31.72
CA LEU A 341 -11.92 28.64 31.05
C LEU A 341 -10.45 28.26 31.09
N ALA A 342 -9.78 28.43 29.95
CA ALA A 342 -8.32 28.39 29.92
C ALA A 342 -7.80 29.36 28.85
N TYR A 343 -6.49 29.59 28.88
CA TYR A 343 -5.82 30.54 28.00
C TYR A 343 -4.66 29.92 27.22
N GLY A 344 -4.35 30.48 26.05
CA GLY A 344 -3.16 30.05 25.30
C GLY A 344 -3.34 28.72 24.60
N ALA A 345 -2.31 28.30 23.86
CA ALA A 345 -2.41 27.05 23.09
C ALA A 345 -2.87 25.90 23.99
N ASN A 346 -3.89 25.18 23.55
CA ASN A 346 -4.61 24.22 24.42
C ASN A 346 -3.84 22.95 24.78
N THR A 347 -2.67 22.79 24.17
CA THR A 347 -1.84 21.63 24.44
C THR A 347 -1.27 21.61 25.87
N PHE A 348 -1.13 22.77 26.51
CA PHE A 348 -0.49 22.78 27.83
C PHE A 348 -1.26 23.55 28.89
N ASN A 349 -2.58 23.60 28.74
CA ASN A 349 -3.42 24.24 29.75
C ASN A 349 -4.50 23.26 30.24
N THR A 350 -5.29 23.70 31.20
CA THR A 350 -6.47 22.96 31.66
C THR A 350 -7.61 23.94 31.86
N VAL A 351 -8.82 23.55 31.50
CA VAL A 351 -9.98 24.38 31.78
C VAL A 351 -10.36 24.29 33.25
N VAL A 352 -10.69 25.43 33.83
CA VAL A 352 -11.04 25.56 35.24
C VAL A 352 -12.53 25.87 35.34
N PRO A 353 -13.27 25.13 36.20
CA PRO A 353 -14.73 25.29 36.27
C PRO A 353 -15.18 26.48 37.13
N PHE A 354 -15.02 27.69 36.64
CA PHE A 354 -15.45 28.85 37.41
C PHE A 354 -16.97 28.91 37.53
N TYR A 355 -17.46 29.12 38.74
CA TYR A 355 -18.89 29.38 38.90
C TYR A 355 -19.22 30.73 38.27
N ALA A 356 -20.26 30.79 37.46
CA ALA A 356 -20.61 32.04 36.80
C ALA A 356 -21.39 33.00 37.71
N ASN A 357 -22.00 32.47 38.76
CA ASN A 357 -22.85 33.28 39.66
C ASN A 357 -22.02 34.06 40.68
N VAL A 358 -21.25 35.02 40.18
CA VAL A 358 -20.33 35.82 40.98
C VAL A 358 -20.33 37.25 40.46
N ASN A 359 -19.87 38.19 41.29
CA ASN A 359 -19.83 39.59 40.91
C ASN A 359 -18.46 40.07 40.47
N ASP A 360 -17.46 39.22 40.67
CA ASP A 360 -16.08 39.56 40.33
C ASP A 360 -15.32 38.26 40.07
N THR A 361 -14.12 38.37 39.53
CA THR A 361 -13.38 37.21 39.06
C THR A 361 -11.98 37.17 39.68
N PRO A 362 -11.33 35.99 39.71
CA PRO A 362 -10.03 35.84 40.37
C PRO A 362 -8.90 36.62 39.68
N VAL A 363 -7.98 37.16 40.48
CA VAL A 363 -6.97 38.06 39.95
C VAL A 363 -6.05 37.44 38.88
N GLN A 364 -5.69 36.16 39.01
CA GLN A 364 -4.78 35.57 38.04
C GLN A 364 -5.42 35.40 36.67
N TYR A 365 -6.75 35.47 36.63
CA TYR A 365 -7.47 35.35 35.36
C TYR A 365 -8.04 36.67 34.86
N LYS A 366 -8.12 37.65 35.76
CA LYS A 366 -8.76 38.92 35.41
C LYS A 366 -7.79 39.96 34.90
N ASN A 367 -6.56 39.93 35.37
CA ASN A 367 -5.75 41.13 35.32
C ASN A 367 -4.59 41.15 34.31
N ALA A 368 -4.68 40.36 33.25
CA ALA A 368 -3.66 40.46 32.20
C ALA A 368 -3.68 41.85 31.55
N THR A 369 -2.50 42.37 31.28
CA THR A 369 -2.33 43.57 30.46
C THR A 369 -1.42 43.25 29.29
N GLY A 370 -1.04 44.28 28.54
CA GLY A 370 -0.09 44.11 27.47
C GLY A 370 1.34 43.92 27.96
N LYS A 371 1.55 44.07 29.27
CA LYS A 371 2.87 43.83 29.84
C LYS A 371 3.01 42.37 30.24
N PHE A 372 4.08 41.74 29.79
CA PHE A 372 4.36 40.34 30.10
C PHE A 372 4.47 40.13 31.61
N ASP A 373 3.65 39.25 32.16
CA ASP A 373 3.60 39.01 33.60
C ASP A 373 3.30 37.55 33.88
N LEU A 374 4.30 36.82 34.35
CA LEU A 374 4.17 35.38 34.53
C LEU A 374 3.38 35.02 35.79
N ASN A 375 2.96 36.03 36.55
CA ASN A 375 2.03 35.81 37.65
C ASN A 375 0.60 35.74 37.14
N ASN A 376 0.43 36.10 35.88
CA ASN A 376 -0.87 36.06 35.23
C ASN A 376 -1.03 34.79 34.41
N MET A 377 -2.23 34.19 34.44
CA MET A 377 -2.42 32.89 33.81
C MET A 377 -2.42 32.95 32.27
N TYR A 378 -2.75 34.08 31.66
CA TYR A 378 -2.65 34.17 30.20
C TYR A 378 -1.16 34.01 29.81
N TRP A 379 -0.30 34.85 30.36
CA TRP A 379 1.10 34.82 29.98
C TRP A 379 1.77 33.52 30.40
N LEU A 380 1.41 33.00 31.58
CA LEU A 380 2.03 31.77 32.06
C LEU A 380 1.66 30.59 31.17
N SER A 381 0.39 30.50 30.79
CA SER A 381 -0.06 29.40 29.95
C SER A 381 0.57 29.45 28.55
N CYS A 382 0.66 30.64 27.97
CA CYS A 382 1.28 30.78 26.64
C CYS A 382 2.74 30.35 26.67
N THR A 383 3.44 30.77 27.72
CA THR A 383 4.84 30.45 27.88
C THR A 383 5.02 28.93 27.96
N THR A 384 4.15 28.27 28.73
CA THR A 384 4.21 26.82 28.88
C THR A 384 4.01 26.11 27.55
N ALA A 385 3.00 26.52 26.80
CA ALA A 385 2.73 25.86 25.52
C ALA A 385 3.83 26.10 24.47
N LEU A 386 4.44 27.29 24.48
CA LEU A 386 5.56 27.55 23.57
C LEU A 386 6.72 26.63 23.87
N LEU A 387 7.08 26.52 25.15
CA LEU A 387 8.17 25.61 25.51
C LEU A 387 7.81 24.18 25.12
N GLY A 388 6.58 23.77 25.41
CA GLY A 388 6.15 22.41 25.10
C GLY A 388 6.26 22.10 23.62
N ASP A 389 5.92 23.09 22.80
CA ASP A 389 5.98 22.98 21.34
C ASP A 389 7.40 22.68 20.80
N THR A 390 8.42 23.10 21.54
CA THR A 390 9.79 22.91 21.05
C THR A 390 10.24 21.46 21.11
N ASP A 391 9.60 20.66 21.95
CA ASP A 391 9.92 19.23 22.00
C ASP A 391 8.76 18.46 22.64
N TYR A 392 7.68 18.34 21.87
CA TYR A 392 6.43 17.84 22.42
C TYR A 392 6.57 16.45 23.02
N ASP A 393 7.23 15.54 22.31
CA ASP A 393 7.35 14.19 22.85
C ASP A 393 8.14 14.13 24.16
N PHE A 394 9.04 15.09 24.35
CA PHE A 394 9.84 15.18 25.58
C PHE A 394 8.99 15.68 26.77
N TYR A 395 8.05 16.57 26.49
CA TYR A 395 7.28 17.20 27.57
C TYR A 395 5.89 16.61 27.78
N VAL A 396 5.44 15.73 26.89
CA VAL A 396 4.04 15.32 26.91
C VAL A 396 3.67 14.48 28.15
N ASP A 397 4.62 13.74 28.72
CA ASP A 397 4.27 12.94 29.89
C ASP A 397 4.03 13.83 31.11
N MET A 398 4.84 14.86 31.28
CA MET A 398 4.57 15.84 32.34
C MET A 398 3.23 16.52 32.11
N ARG A 399 2.96 16.85 30.85
CA ARG A 399 1.70 17.47 30.47
C ARG A 399 0.52 16.58 30.89
N ASN A 400 0.58 15.31 30.54
CA ASN A 400 -0.50 14.39 30.83
C ASN A 400 -0.70 14.23 32.34
N ASP A 401 0.41 14.15 33.09
CA ASP A 401 0.32 14.02 34.55
C ASP A 401 -0.40 15.23 35.13
N TYR A 402 0.01 16.40 34.66
CA TYR A 402 -0.55 17.67 35.10
C TYR A 402 -2.04 17.77 34.80
N GLU A 403 -2.45 17.32 33.61
CA GLU A 403 -3.88 17.41 33.26
C GLU A 403 -4.74 16.61 34.24
N LEU A 404 -4.34 15.38 34.53
CA LEU A 404 -5.10 14.54 35.45
C LEU A 404 -5.13 15.12 36.85
N ASP A 405 -3.95 15.52 37.31
CA ASP A 405 -3.78 16.06 38.66
C ASP A 405 -4.61 17.34 38.86
N ALA A 406 -4.55 18.23 37.87
CA ALA A 406 -5.24 19.52 37.97
C ALA A 406 -6.76 19.35 37.89
N MET A 407 -7.24 18.58 36.91
CA MET A 407 -8.67 18.38 36.76
C MET A 407 -9.26 17.67 37.97
N SER A 408 -8.50 16.75 38.55
CA SER A 408 -8.93 16.07 39.77
C SER A 408 -9.12 17.07 40.90
N ALA A 409 -8.16 17.97 41.06
CA ALA A 409 -8.21 18.99 42.09
C ALA A 409 -9.39 19.95 41.88
N TYR A 410 -9.64 20.34 40.62
CA TYR A 410 -10.76 21.23 40.32
C TYR A 410 -12.07 20.55 40.68
N ARG A 411 -12.21 19.26 40.33
CA ARG A 411 -13.48 18.58 40.57
C ARG A 411 -13.72 18.35 42.06
N LYS A 412 -12.66 18.14 42.83
CA LYS A 412 -12.78 18.00 44.28
C LYS A 412 -13.34 19.30 44.85
N ILE A 413 -12.78 20.43 44.42
CA ILE A 413 -13.27 21.73 44.88
C ILE A 413 -14.72 21.96 44.46
N GLN A 414 -15.05 21.65 43.21
CA GLN A 414 -16.42 21.80 42.72
C GLN A 414 -17.36 20.92 43.52
N ASN A 415 -16.99 19.65 43.72
CA ASN A 415 -17.83 18.74 44.48
C ASN A 415 -18.04 19.19 45.92
N ASP A 416 -16.98 19.65 46.57
CA ASP A 416 -17.07 20.13 47.95
C ASP A 416 -17.95 21.38 48.03
N THR A 417 -17.77 22.29 47.07
CA THR A 417 -18.50 23.55 47.04
C THR A 417 -19.99 23.32 46.79
N ASP A 418 -20.30 22.45 45.83
CA ASP A 418 -21.68 22.05 45.51
C ASP A 418 -22.36 21.45 46.73
N ALA A 419 -21.62 20.64 47.48
CA ALA A 419 -22.20 19.87 48.58
C ALA A 419 -22.64 20.73 49.75
N ASP A 420 -22.06 21.92 49.87
CA ASP A 420 -22.29 22.80 51.01
C ASP A 420 -23.06 24.08 50.64
N ILE A 421 -23.75 24.06 49.50
CA ILE A 421 -24.41 25.27 49.00
C ILE A 421 -25.65 25.67 49.81
N SER A 422 -26.37 24.69 50.36
CA SER A 422 -27.63 24.99 51.03
C SER A 422 -27.39 25.81 52.30
N GLY A 423 -28.14 26.89 52.46
CA GLY A 423 -28.07 27.71 53.65
C GLY A 423 -27.03 28.82 53.61
N GLN A 424 -26.31 28.93 52.51
CA GLN A 424 -25.33 30.00 52.37
C GLN A 424 -26.00 31.38 52.32
N LYS A 425 -25.59 32.26 53.23
CA LYS A 425 -26.19 33.59 53.34
C LYS A 425 -25.83 34.51 52.19
N ASP A 426 -24.60 34.39 51.71
CA ASP A 426 -24.13 35.20 50.59
C ASP A 426 -23.55 34.29 49.52
N ILE A 427 -24.38 33.90 48.56
CA ILE A 427 -24.00 32.94 47.55
C ILE A 427 -22.82 33.44 46.72
N GLU A 428 -22.91 34.69 46.27
CA GLU A 428 -21.86 35.24 45.41
C GLU A 428 -20.52 35.26 46.13
N LYS A 429 -20.54 35.59 47.42
CA LYS A 429 -19.33 35.59 48.21
C LYS A 429 -18.78 34.17 48.39
N TYR A 430 -19.69 33.23 48.60
CA TYR A 430 -19.35 31.81 48.75
C TYR A 430 -18.71 31.28 47.48
N LEU A 431 -19.30 31.62 46.34
CA LEU A 431 -18.81 31.12 45.07
C LEU A 431 -17.57 31.88 44.60
N GLU A 432 -17.44 33.14 45.00
CA GLU A 432 -16.20 33.87 44.70
C GLU A 432 -15.03 33.24 45.45
N ASN A 433 -15.29 32.79 46.67
CA ASN A 433 -14.24 32.10 47.42
C ASN A 433 -13.86 30.79 46.74
N ALA A 434 -14.86 30.06 46.24
CA ALA A 434 -14.59 28.82 45.52
C ALA A 434 -13.77 29.09 44.27
N ASN A 435 -14.13 30.15 43.54
CA ASN A 435 -13.39 30.50 42.33
C ASN A 435 -11.97 30.92 42.65
N LYS A 436 -11.80 31.59 43.79
CA LYS A 436 -10.45 31.97 44.21
C LYS A 436 -9.63 30.70 44.49
N LYS A 437 -10.22 29.70 45.15
CA LYS A 437 -9.50 28.47 45.43
CA LYS A 437 -9.47 28.48 45.42
C LYS A 437 -9.13 27.77 44.11
N LEU A 438 -10.08 27.76 43.19
CA LEU A 438 -9.85 27.16 41.88
C LEU A 438 -8.71 27.82 41.12
N ALA A 439 -8.74 29.15 41.05
CA ALA A 439 -7.69 29.89 40.36
C ALA A 439 -6.33 29.75 41.04
N ASP A 440 -6.33 29.74 42.37
CA ASP A 440 -5.07 29.59 43.12
C ASP A 440 -4.42 28.24 42.79
N VAL A 441 -5.23 27.19 42.77
CA VAL A 441 -4.71 25.85 42.50
C VAL A 441 -4.32 25.73 41.04
N ALA A 442 -5.13 26.32 40.16
CA ALA A 442 -4.79 26.30 38.74
C ALA A 442 -3.43 26.96 38.50
N PHE A 443 -3.18 28.10 39.15
CA PHE A 443 -1.90 28.77 38.97
C PHE A 443 -0.75 27.95 39.54
N GLU A 444 -0.94 27.42 40.74
CA GLU A 444 0.14 26.65 41.37
C GLU A 444 0.52 25.45 40.50
N LYS A 445 -0.48 24.78 39.94
CA LYS A 445 -0.21 23.59 39.13
C LYS A 445 0.37 23.96 37.76
N GLN A 446 -0.09 25.06 37.16
CA GLN A 446 0.48 25.51 35.89
C GLN A 446 1.95 25.88 36.10
N ASN A 447 2.21 26.57 37.19
CA ASN A 447 3.57 27.00 37.50
C ASN A 447 4.48 25.82 37.79
N LYS A 448 3.98 24.85 38.54
CA LYS A 448 4.77 23.67 38.85
C LYS A 448 5.09 22.90 37.57
N LEU A 449 4.11 22.81 36.67
CA LEU A 449 4.35 22.14 35.39
C LEU A 449 5.47 22.84 34.61
N LEU A 450 5.37 24.17 34.47
CA LEU A 450 6.39 24.90 33.73
C LEU A 450 7.75 24.72 34.39
N GLY A 451 7.76 24.73 35.73
CA GLY A 451 9.00 24.53 36.47
C GLY A 451 9.61 23.17 36.19
N ASP A 452 8.77 22.14 36.16
CA ASP A 452 9.23 20.79 35.87
C ASP A 452 9.75 20.70 34.43
N MET A 453 9.08 21.39 33.52
CA MET A 453 9.54 21.40 32.14
C MET A 453 10.89 22.10 32.00
N VAL A 454 11.05 23.23 32.70
CA VAL A 454 12.29 23.98 32.60
C VAL A 454 13.44 23.20 33.22
N THR A 455 13.16 22.53 34.33
CA THR A 455 14.19 21.77 35.01
C THR A 455 14.67 20.59 34.16
N THR A 456 13.71 19.81 33.66
CA THR A 456 14.06 18.65 32.83
C THR A 456 14.60 19.08 31.48
N GLY A 457 13.96 20.07 30.87
CA GLY A 457 14.38 20.57 29.57
C GLY A 457 15.80 21.13 29.60
N SER A 458 16.15 21.80 30.69
CA SER A 458 17.50 22.37 30.77
C SER A 458 18.57 21.28 30.73
N ASN A 459 18.26 20.10 31.28
CA ASN A 459 19.19 18.98 31.18
C ASN A 459 19.42 18.52 29.74
N ASN A 460 18.47 18.82 28.86
CA ASN A 460 18.52 18.35 27.48
C ASN A 460 18.79 19.47 26.47
N MET A 461 19.33 20.60 26.93
CA MET A 461 19.66 21.70 26.03
C MET A 461 20.74 21.31 25.01
N LYS A 462 20.70 21.92 23.83
CA LYS A 462 21.79 21.71 22.87
C LYS A 462 23.12 22.19 23.43
N LEU A 463 23.06 23.35 24.09
CA LEU A 463 24.23 23.94 24.71
C LEU A 463 24.55 23.18 25.99
N ARG A 464 25.15 22.00 25.82
CA ARG A 464 25.55 21.17 26.94
C ARG A 464 26.76 20.36 26.54
N TYR A 465 27.48 19.89 27.54
CA TYR A 465 28.57 18.94 27.36
C TYR A 465 28.80 18.34 28.74
N ASN A 466 28.37 17.10 28.90
CA ASN A 466 28.46 16.42 30.17
C ASN A 466 29.54 15.37 30.20
N LEU A 467 30.18 15.22 31.35
CA LEU A 467 31.02 14.05 31.59
C LEU A 467 30.11 12.93 32.09
N ASN A 468 30.14 11.79 31.42
CA ASN A 468 29.22 10.74 31.79
C ASN A 468 29.80 9.87 32.90
N ASP A 469 29.87 10.45 34.09
CA ASP A 469 30.40 9.76 35.25
C ASP A 469 29.70 10.24 36.52
N CYS B 9 -6.78 23.15 -25.18
CA CYS B 9 -8.06 23.62 -24.66
C CYS B 9 -8.81 22.59 -23.82
N THR B 10 -9.71 23.09 -22.98
CA THR B 10 -10.65 22.28 -22.25
C THR B 10 -12.02 22.96 -22.36
N SER B 11 -13.06 22.19 -22.68
CA SER B 11 -14.40 22.75 -22.83
C SER B 11 -15.38 22.12 -21.85
N ILE B 12 -16.31 22.92 -21.33
CA ILE B 12 -17.38 22.40 -20.48
C ILE B 12 -18.72 22.94 -20.99
N LEU B 13 -19.66 22.02 -21.18
CA LEU B 13 -21.00 22.35 -21.70
C LEU B 13 -22.05 21.97 -20.66
N VAL B 14 -23.07 22.81 -20.50
CA VAL B 14 -24.11 22.56 -19.50
C VAL B 14 -25.49 22.87 -20.10
N GLY B 15 -26.37 21.87 -20.11
CA GLY B 15 -27.75 22.03 -20.60
C GLY B 15 -28.61 22.86 -19.65
N LYS B 16 -29.75 23.35 -20.13
CA LYS B 16 -30.54 24.32 -19.38
C LYS B 16 -31.19 23.77 -18.11
N LYS B 17 -31.35 22.46 -18.00
CA LYS B 17 -31.88 21.89 -16.76
C LYS B 17 -30.79 21.44 -15.80
N ALA B 18 -29.54 21.55 -16.26
CA ALA B 18 -28.40 21.12 -15.46
C ALA B 18 -27.73 22.28 -14.71
N SER B 19 -28.03 23.50 -15.13
CA SER B 19 -27.47 24.71 -14.53
C SER B 19 -28.29 25.14 -13.31
N ILE B 20 -27.66 25.89 -12.42
CA ILE B 20 -28.35 26.28 -11.20
C ILE B 20 -29.46 27.31 -11.48
N ASP B 21 -29.35 28.01 -12.61
CA ASP B 21 -30.25 29.13 -12.89
C ASP B 21 -31.08 28.94 -14.16
N GLY B 22 -31.01 27.76 -14.74
CA GLY B 22 -31.79 27.47 -15.93
C GLY B 22 -31.24 28.07 -17.21
N SER B 23 -30.00 28.54 -17.16
CA SER B 23 -29.33 29.03 -18.36
C SER B 23 -28.64 27.87 -19.09
N THR B 24 -28.27 28.11 -20.34
CA THR B 24 -27.33 27.22 -21.03
C THR B 24 -25.93 27.80 -20.85
N LEU B 25 -24.92 26.92 -20.76
CA LEU B 25 -23.55 27.35 -20.66
C LEU B 25 -22.69 26.57 -21.65
N ILE B 26 -21.88 27.28 -22.42
CA ILE B 26 -20.79 26.65 -23.15
C ILE B 26 -19.52 27.41 -22.83
N SER B 27 -18.43 26.69 -22.63
CA SER B 27 -17.21 27.33 -22.14
C SER B 27 -15.98 26.66 -22.73
N ARG B 28 -14.89 27.41 -22.75
CA ARG B 28 -13.63 26.85 -23.22
C ARG B 28 -12.47 27.66 -22.70
N ASN B 29 -11.38 26.99 -22.37
CA ASN B 29 -10.09 27.64 -22.23
C ASN B 29 -9.43 27.74 -23.59
N ASP B 30 -9.16 28.95 -24.04
CA ASP B 30 -8.51 29.18 -25.31
C ASP B 30 -7.00 29.14 -25.10
N ASP B 31 -6.43 27.95 -25.23
CA ASP B 31 -5.01 27.76 -24.95
C ASP B 31 -4.21 27.84 -26.23
N GLY B 32 -3.04 28.44 -26.16
CA GLY B 32 -2.18 28.55 -27.34
C GLY B 32 -0.94 27.69 -27.21
N HIS B 33 -0.04 27.82 -28.19
CA HIS B 33 1.26 27.15 -28.14
C HIS B 33 2.23 27.91 -27.24
N GLU B 34 2.35 29.22 -27.45
CA GLU B 34 3.15 30.08 -26.59
C GLU B 34 2.35 30.42 -25.34
N ALA B 35 3.04 30.66 -24.23
CA ALA B 35 2.33 30.97 -22.99
C ALA B 35 1.50 32.24 -23.14
N LEU B 36 2.12 33.30 -23.64
CA LEU B 36 1.43 34.59 -23.77
C LEU B 36 1.16 34.97 -25.23
N ASP B 37 -0.04 35.50 -25.46
CA ASP B 37 -0.44 36.05 -26.76
C ASP B 37 -1.64 36.94 -26.51
N PRO B 38 -1.44 38.26 -26.60
CA PRO B 38 -2.47 39.19 -26.11
C PRO B 38 -3.82 39.05 -26.78
N GLN B 39 -4.86 39.10 -25.96
CA GLN B 39 -6.25 38.94 -26.40
C GLN B 39 -7.01 40.23 -26.24
N ARG B 40 -8.01 40.43 -27.10
CA ARG B 40 -8.92 41.58 -27.00
C ARG B 40 -10.37 41.11 -26.91
N PHE B 41 -11.20 41.89 -26.24
CA PHE B 41 -12.65 41.67 -26.18
C PHE B 41 -13.29 42.70 -27.09
N VAL B 42 -13.93 42.22 -28.16
CA VAL B 42 -14.37 43.11 -29.25
C VAL B 42 -15.76 42.76 -29.74
N VAL B 43 -16.61 43.77 -29.90
CA VAL B 43 -17.87 43.60 -30.59
C VAL B 43 -17.67 43.97 -32.06
N VAL B 44 -18.03 43.03 -32.94
CA VAL B 44 -18.00 43.25 -34.37
C VAL B 44 -19.38 43.69 -34.82
N ASN B 45 -19.53 44.97 -35.12
CA ASN B 45 -20.80 45.47 -35.61
C ASN B 45 -20.94 45.09 -37.08
N PRO B 46 -22.18 44.93 -37.57
CA PRO B 46 -22.39 44.43 -38.93
C PRO B 46 -21.62 45.18 -40.00
N GLU B 47 -21.49 46.49 -39.87
CA GLU B 47 -20.79 47.28 -40.88
C GLU B 47 -19.30 46.94 -40.95
N ASP B 48 -18.76 46.32 -39.90
CA ASP B 48 -17.35 45.98 -39.86
C ASP B 48 -17.06 44.52 -40.22
N GLN B 49 -18.11 43.75 -40.44
CA GLN B 49 -17.98 42.35 -40.82
C GLN B 49 -17.72 42.17 -42.32
N PRO B 50 -16.72 41.37 -42.70
CA PRO B 50 -16.42 41.15 -44.11
C PRO B 50 -17.56 40.43 -44.85
N ARG B 51 -17.70 40.75 -46.14
CA ARG B 51 -18.57 39.98 -47.03
C ARG B 51 -17.75 39.02 -47.89
N ASP B 52 -16.50 39.38 -48.12
CA ASP B 52 -15.55 38.57 -48.88
C ASP B 52 -14.38 38.19 -47.97
N TYR B 53 -14.47 37.03 -47.33
CA TYR B 53 -13.50 36.65 -46.31
C TYR B 53 -12.35 35.82 -46.88
N THR B 54 -11.11 36.20 -46.54
CA THR B 54 -9.96 35.38 -46.90
C THR B 54 -9.13 35.12 -45.64
N SER B 55 -8.81 33.86 -45.39
CA SER B 55 -8.03 33.53 -44.20
C SER B 55 -6.56 33.84 -44.40
N VAL B 56 -5.83 33.99 -43.31
CA VAL B 56 -4.40 34.27 -43.40
C VAL B 56 -3.60 32.97 -43.52
N ILE B 57 -3.96 31.97 -42.72
CA ILE B 57 -3.18 30.74 -42.68
C ILE B 57 -3.38 29.88 -43.94
N SER B 58 -4.63 29.61 -44.31
CA SER B 58 -4.90 28.69 -45.41
C SER B 58 -5.23 29.39 -46.74
N LYS B 59 -5.47 30.70 -46.67
CA LYS B 59 -5.91 31.52 -47.81
C LYS B 59 -7.23 31.05 -48.40
N VAL B 60 -8.05 30.35 -47.62
CA VAL B 60 -9.38 29.99 -48.07
C VAL B 60 -10.21 31.26 -48.29
N ASN B 61 -11.02 31.27 -49.35
CA ASN B 61 -11.86 32.41 -49.65
C ASN B 61 -13.33 32.02 -49.56
N VAL B 62 -14.05 32.70 -48.69
CA VAL B 62 -15.45 32.41 -48.44
C VAL B 62 -16.30 33.66 -48.63
N LYS B 63 -17.25 33.60 -49.57
CA LYS B 63 -18.20 34.69 -49.70
C LYS B 63 -19.24 34.55 -48.60
N LEU B 64 -19.49 35.63 -47.86
CA LEU B 64 -20.42 35.60 -46.73
C LEU B 64 -21.70 36.38 -47.01
N PRO B 65 -22.81 36.02 -46.32
CA PRO B 65 -24.07 36.76 -46.50
C PRO B 65 -23.94 38.25 -46.18
N ASP B 66 -24.83 39.05 -46.76
CA ASP B 66 -24.76 40.50 -46.62
C ASP B 66 -25.56 40.98 -45.41
N ASP B 67 -26.08 40.06 -44.60
CA ASP B 67 -26.83 40.44 -43.42
C ASP B 67 -26.28 39.89 -42.11
N PRO B 68 -24.99 40.14 -41.83
CA PRO B 68 -24.42 39.60 -40.59
C PRO B 68 -25.04 40.26 -39.35
N GLN B 69 -25.17 39.48 -38.28
CA GLN B 69 -25.58 40.00 -36.99
C GLN B 69 -24.38 40.49 -36.19
N ARG B 70 -24.60 41.47 -35.34
CA ARG B 70 -23.59 41.91 -34.37
C ARG B 70 -23.18 40.74 -33.47
N TYR B 71 -21.89 40.66 -33.12
CA TYR B 71 -21.47 39.61 -32.21
C TYR B 71 -20.27 40.01 -31.36
N THR B 72 -20.18 39.45 -30.18
CA THR B 72 -18.99 39.60 -29.35
C THR B 72 -17.93 38.62 -29.87
N SER B 73 -16.67 38.89 -29.55
CA SER B 73 -15.57 38.05 -30.00
C SER B 73 -14.33 38.30 -29.14
N ILE B 74 -13.33 37.44 -29.28
CA ILE B 74 -12.10 37.58 -28.52
C ILE B 74 -10.89 37.49 -29.45
N PRO B 75 -10.76 38.44 -30.38
CA PRO B 75 -9.69 38.35 -31.36
C PRO B 75 -8.31 38.53 -30.77
N ASN B 76 -7.30 37.92 -31.41
CA ASN B 76 -5.90 38.20 -31.07
C ASN B 76 -5.55 39.66 -31.34
N SER B 77 -4.75 40.26 -30.47
CA SER B 77 -4.25 41.62 -30.70
C SER B 77 -3.31 41.67 -31.90
N ILE B 78 -2.44 40.66 -31.99
CA ILE B 78 -1.47 40.55 -33.06
C ILE B 78 -2.06 39.68 -34.16
N LEU B 79 -2.26 40.24 -35.35
CA LEU B 79 -3.05 39.60 -36.40
C LEU B 79 -2.21 38.87 -37.43
N THR B 80 -0.96 38.60 -37.10
CA THR B 80 -0.03 37.91 -38.00
C THR B 80 -0.60 36.59 -38.56
N ASN B 81 -1.35 35.87 -37.73
CA ASN B 81 -1.91 34.59 -38.15
C ASN B 81 -3.41 34.63 -38.34
N GLY B 82 -3.96 35.83 -38.50
CA GLY B 82 -5.40 35.97 -38.67
C GLY B 82 -6.08 36.43 -37.39
N ILE B 83 -7.41 36.45 -37.45
CA ILE B 83 -8.21 37.06 -36.39
C ILE B 83 -8.28 36.22 -35.12
N TRP B 84 -8.53 34.92 -35.28
CA TRP B 84 -8.68 34.01 -34.14
C TRP B 84 -9.67 34.55 -33.11
N PRO B 85 -10.94 34.70 -33.52
CA PRO B 85 -11.99 35.31 -32.69
C PRO B 85 -12.43 34.45 -31.49
N ALA B 86 -12.18 33.15 -31.54
CA ALA B 86 -12.39 32.18 -30.45
C ALA B 86 -13.84 31.86 -30.09
N ALA B 87 -14.64 32.87 -29.80
CA ALA B 87 -15.96 32.64 -29.23
C ALA B 87 -16.75 33.93 -29.11
N GLY B 88 -18.06 33.81 -29.11
CA GLY B 88 -18.89 34.99 -28.89
C GLY B 88 -20.36 34.68 -28.89
N ILE B 89 -21.15 35.74 -28.71
CA ILE B 89 -22.60 35.66 -28.68
C ILE B 89 -23.13 36.65 -29.70
N ASN B 90 -24.08 36.26 -30.54
CA ASN B 90 -24.64 37.19 -31.52
C ASN B 90 -25.95 37.83 -31.04
N SER B 91 -26.52 38.69 -31.87
CA SER B 91 -27.67 39.47 -31.42
C SER B 91 -28.98 38.67 -31.38
N SER B 92 -28.94 37.42 -31.87
CA SER B 92 -30.01 36.45 -31.68
C SER B 92 -29.82 35.61 -30.43
N ASN B 93 -28.84 35.98 -29.61
CA ASN B 93 -28.48 35.23 -28.41
C ASN B 93 -28.13 33.78 -28.72
N VAL B 94 -27.36 33.60 -29.80
CA VAL B 94 -26.71 32.32 -30.06
C VAL B 94 -25.25 32.44 -29.68
N ALA B 95 -24.76 31.43 -28.98
CA ALA B 95 -23.35 31.39 -28.56
C ALA B 95 -22.59 30.35 -29.36
N MET B 96 -21.30 30.61 -29.59
CA MET B 96 -20.44 29.66 -30.29
C MET B 96 -19.01 29.74 -29.77
N SER B 97 -18.38 28.60 -29.54
CA SER B 97 -16.95 28.60 -29.23
C SER B 97 -16.20 27.63 -30.11
N ALA B 98 -15.14 28.11 -30.77
CA ALA B 98 -14.39 27.33 -31.73
C ALA B 98 -12.91 27.70 -31.67
N THR B 99 -12.02 26.77 -31.30
CA THR B 99 -12.29 25.34 -31.23
C THR B 99 -11.60 24.64 -30.09
N GLU B 100 -12.00 23.40 -29.87
CA GLU B 100 -11.27 22.45 -29.07
C GLU B 100 -10.52 21.54 -30.05
N THR B 101 -9.19 21.62 -30.12
CA THR B 101 -8.47 20.71 -31.03
C THR B 101 -8.67 19.28 -30.54
N ILE B 102 -9.14 18.40 -31.41
CA ILE B 102 -9.37 17.02 -30.97
C ILE B 102 -8.42 16.09 -31.73
N THR B 103 -8.74 14.81 -31.75
CA THR B 103 -7.87 13.83 -32.41
C THR B 103 -8.56 13.13 -33.58
N THR B 104 -7.78 12.37 -34.32
CA THR B 104 -8.24 11.68 -35.52
C THR B 104 -7.46 10.36 -35.60
N ASN B 105 -7.56 9.64 -36.71
CA ASN B 105 -6.69 8.48 -36.89
C ASN B 105 -6.37 8.24 -38.37
N SER B 106 -5.41 7.35 -38.62
CA SER B 106 -4.85 7.19 -39.95
C SER B 106 -5.82 6.52 -40.91
N ARG B 107 -6.77 5.75 -40.37
CA ARG B 107 -7.72 5.05 -41.23
C ARG B 107 -8.69 6.04 -41.86
N VAL B 108 -9.20 6.99 -41.09
CA VAL B 108 -10.10 7.97 -41.71
C VAL B 108 -9.31 9.01 -42.51
N GLN B 109 -8.11 9.39 -42.06
CA GLN B 109 -7.32 10.37 -42.81
C GLN B 109 -6.91 9.81 -44.18
N GLY B 110 -6.78 8.50 -44.26
CA GLY B 110 -6.45 7.85 -45.51
C GLY B 110 -7.57 7.94 -46.54
N LEU B 111 -8.78 8.17 -46.05
CA LEU B 111 -9.97 8.26 -46.92
C LEU B 111 -10.39 9.68 -47.22
N ASP B 112 -10.25 10.56 -46.23
CA ASP B 112 -10.67 11.95 -46.34
C ASP B 112 -9.61 12.85 -45.69
N PRO B 113 -8.50 13.09 -46.40
CA PRO B 113 -7.36 13.86 -45.87
C PRO B 113 -7.71 15.31 -45.56
N PHE B 114 -6.94 15.92 -44.69
CA PHE B 114 -7.04 17.35 -44.45
C PHE B 114 -6.90 18.11 -45.77
N VAL B 115 -7.61 19.23 -45.84
CA VAL B 115 -7.63 20.11 -47.01
C VAL B 115 -6.78 21.35 -46.71
N GLU B 116 -5.67 21.50 -47.44
CA GLU B 116 -4.68 22.53 -47.10
C GLU B 116 -5.22 23.95 -47.23
N ASN B 117 -6.14 24.17 -48.16
CA ASN B 117 -6.77 25.48 -48.29
C ASN B 117 -8.18 25.50 -47.71
N GLY B 118 -8.40 24.73 -46.65
CA GLY B 118 -9.69 24.69 -46.01
C GLY B 118 -9.83 25.67 -44.86
N LEU B 119 -10.90 25.49 -44.09
CA LEU B 119 -11.17 26.35 -42.95
C LEU B 119 -10.45 25.85 -41.71
N GLY B 120 -10.19 26.76 -40.78
CA GLY B 120 -9.58 26.39 -39.51
C GLY B 120 -10.14 27.21 -38.37
N GLU B 121 -9.63 26.92 -37.17
CA GLU B 121 -9.98 27.66 -35.96
C GLU B 121 -9.79 29.17 -36.12
N GLU B 122 -8.83 29.56 -36.97
CA GLU B 122 -8.63 30.98 -37.30
C GLU B 122 -9.95 31.63 -37.72
N ASP B 123 -10.80 30.83 -38.36
CA ASP B 123 -11.90 31.35 -39.16
C ASP B 123 -13.30 31.08 -38.63
N LEU B 124 -13.50 30.01 -37.86
CA LEU B 124 -14.84 29.44 -37.74
C LEU B 124 -15.92 30.38 -37.15
N VAL B 125 -15.63 31.06 -36.04
CA VAL B 125 -16.63 31.95 -35.48
C VAL B 125 -17.02 33.05 -36.47
N THR B 126 -16.03 33.62 -37.15
CA THR B 126 -16.23 34.73 -38.08
C THR B 126 -17.17 34.33 -39.22
N VAL B 127 -17.06 33.10 -39.71
CA VAL B 127 -17.82 32.70 -40.87
C VAL B 127 -19.13 31.98 -40.53
N VAL B 128 -19.35 31.67 -39.26
CA VAL B 128 -20.59 31.00 -38.84
C VAL B 128 -21.50 31.84 -37.95
N LEU B 129 -20.99 32.31 -36.82
CA LEU B 129 -21.83 32.95 -35.79
C LEU B 129 -22.73 34.11 -36.27
N PRO B 130 -22.23 35.00 -37.16
CA PRO B 130 -23.11 36.14 -37.52
C PRO B 130 -24.34 35.77 -38.34
N TYR B 131 -24.46 34.51 -38.77
CA TYR B 131 -25.43 34.16 -39.81
C TYR B 131 -26.46 33.14 -39.38
N VAL B 132 -26.53 32.88 -38.08
CA VAL B 132 -27.43 31.85 -37.58
C VAL B 132 -28.27 32.37 -36.42
N LYS B 133 -29.46 31.80 -36.25
CA LYS B 133 -30.40 32.29 -35.22
C LYS B 133 -30.76 31.22 -34.20
N SER B 134 -30.11 30.05 -34.28
CA SER B 134 -30.23 29.02 -33.27
C SER B 134 -28.95 28.20 -33.22
N ALA B 135 -28.77 27.46 -32.14
CA ALA B 135 -27.63 26.55 -32.01
C ALA B 135 -27.66 25.50 -33.12
N ARG B 136 -28.84 24.95 -33.40
CA ARG B 136 -28.98 23.96 -34.48
C ARG B 136 -28.60 24.54 -35.85
N GLU B 137 -29.00 25.78 -36.12
CA GLU B 137 -28.58 26.45 -37.34
C GLU B 137 -27.07 26.61 -37.41
N GLY B 138 -26.45 26.90 -36.27
CA GLY B 138 -25.01 26.99 -36.20
C GLY B 138 -24.33 25.69 -36.60
N VAL B 139 -24.81 24.59 -36.04
CA VAL B 139 -24.33 23.26 -36.38
C VAL B 139 -24.44 22.99 -37.87
N LYS B 140 -25.62 23.28 -38.42
CA LYS B 140 -25.89 22.97 -39.81
C LYS B 140 -25.06 23.84 -40.74
N ARG B 141 -24.89 25.12 -40.41
CA ARG B 141 -24.08 26.01 -41.25
C ARG B 141 -22.62 25.58 -41.24
N LEU B 142 -22.08 25.25 -40.07
CA LEU B 142 -20.70 24.82 -39.98
C LEU B 142 -20.51 23.53 -40.78
N GLY B 143 -21.43 22.59 -40.60
CA GLY B 143 -21.39 21.36 -41.37
C GLY B 143 -21.35 21.63 -42.86
N SER B 144 -22.19 22.55 -43.33
CA SER B 144 -22.22 22.89 -44.76
C SER B 144 -20.90 23.46 -45.24
N LEU B 145 -20.28 24.29 -44.39
CA LEU B 145 -19.01 24.92 -44.75
C LEU B 145 -17.88 23.88 -44.77
N LEU B 146 -17.91 22.91 -43.87
CA LEU B 146 -16.91 21.84 -43.89
C LEU B 146 -17.05 20.98 -45.14
N GLU B 147 -18.29 20.71 -45.51
CA GLU B 147 -18.53 19.90 -46.69
C GLU B 147 -18.06 20.63 -47.94
N GLU B 148 -18.28 21.94 -47.99
CA GLU B 148 -17.94 22.73 -49.18
C GLU B 148 -16.46 23.11 -49.30
N TYR B 149 -15.87 23.54 -48.20
CA TYR B 149 -14.52 24.11 -48.24
C TYR B 149 -13.48 23.19 -47.62
N GLY B 150 -13.94 22.26 -46.80
CA GLY B 150 -12.99 21.40 -46.09
C GLY B 150 -12.31 22.08 -44.92
N THR B 151 -11.48 21.32 -44.22
CA THR B 151 -10.72 21.85 -43.10
C THR B 151 -9.34 21.20 -43.04
N TYR B 152 -8.38 21.89 -42.40
CA TYR B 152 -7.04 21.35 -42.23
C TYR B 152 -6.73 20.97 -40.77
N GLU B 153 -7.76 20.96 -39.94
CA GLU B 153 -7.63 20.66 -38.51
C GLU B 153 -8.71 19.69 -38.02
N PRO B 154 -8.41 18.93 -36.95
CA PRO B 154 -9.43 18.17 -36.23
C PRO B 154 -9.99 19.01 -35.07
N ASN B 155 -11.26 19.38 -35.15
CA ASN B 155 -11.81 20.36 -34.19
C ASN B 155 -13.13 19.97 -33.56
N GLY B 156 -13.33 20.43 -32.33
CA GLY B 156 -14.64 20.36 -31.67
C GLY B 156 -15.16 21.77 -31.44
N ILE B 157 -16.46 21.95 -31.69
CA ILE B 157 -17.09 23.28 -31.64
C ILE B 157 -18.40 23.21 -30.84
N SER B 158 -18.60 24.16 -29.93
CA SER B 158 -19.85 24.20 -29.17
C SER B 158 -20.77 25.33 -29.66
N PHE B 159 -22.07 25.06 -29.59
CA PHE B 159 -23.12 26.04 -29.90
C PHE B 159 -24.17 26.03 -28.80
N ALA B 160 -24.78 27.19 -28.54
CA ALA B 160 -25.90 27.23 -27.61
C ALA B 160 -26.87 28.35 -27.92
N ASP B 161 -28.12 28.14 -27.56
CA ASP B 161 -29.08 29.24 -27.46
C ASP B 161 -29.81 29.09 -26.13
N ASN B 162 -30.94 29.76 -25.94
CA ASN B 162 -31.58 29.66 -24.63
C ASN B 162 -32.23 28.31 -24.43
N GLU B 163 -32.34 27.50 -25.48
CA GLU B 163 -32.97 26.21 -25.38
C GLU B 163 -32.01 25.03 -25.40
N GLU B 164 -31.06 25.07 -26.33
CA GLU B 164 -30.23 23.90 -26.66
C GLU B 164 -28.74 24.16 -26.62
N VAL B 165 -28.00 23.09 -26.35
CA VAL B 165 -26.55 23.06 -26.42
C VAL B 165 -26.12 21.95 -27.36
N TRP B 166 -25.23 22.27 -28.30
CA TRP B 166 -24.74 21.26 -29.25
C TRP B 166 -23.22 21.20 -29.27
N TRP B 167 -22.70 20.01 -29.58
CA TRP B 167 -21.26 19.80 -29.76
C TRP B 167 -21.01 19.20 -31.13
N LEU B 168 -20.22 19.88 -31.96
CA LEU B 168 -19.87 19.34 -33.28
C LEU B 168 -18.41 18.96 -33.32
N GLU B 169 -18.11 17.79 -33.88
CA GLU B 169 -16.73 17.40 -34.09
C GLU B 169 -16.46 17.17 -35.58
N THR B 170 -15.34 17.70 -36.06
CA THR B 170 -14.96 17.54 -37.45
C THR B 170 -14.16 16.25 -37.64
N ILE B 171 -14.37 15.62 -38.79
CA ILE B 171 -13.86 14.28 -39.07
C ILE B 171 -13.23 14.28 -40.45
N GLY B 172 -11.91 14.16 -40.50
CA GLY B 172 -11.20 14.25 -41.75
C GLY B 172 -11.34 15.62 -42.40
N GLY B 173 -11.11 15.67 -43.71
CA GLY B 173 -11.13 16.93 -44.40
C GLY B 173 -12.50 17.56 -44.58
N HIS B 174 -13.55 16.76 -44.61
CA HIS B 174 -14.88 17.26 -44.97
C HIS B 174 -16.04 16.78 -44.12
N HIS B 175 -15.82 15.72 -43.33
CA HIS B 175 -16.93 15.13 -42.60
C HIS B 175 -17.09 15.71 -41.20
N TRP B 176 -18.23 15.39 -40.58
CA TRP B 176 -18.53 15.94 -39.26
C TRP B 176 -19.69 15.22 -38.62
N ALA B 177 -19.79 15.36 -37.31
CA ALA B 177 -20.92 14.85 -36.57
C ALA B 177 -21.23 15.76 -35.40
N ALA B 178 -22.49 15.79 -34.99
CA ALA B 178 -22.87 16.66 -33.89
C ALA B 178 -23.95 16.04 -33.02
N VAL B 179 -23.89 16.35 -31.74
CA VAL B 179 -24.83 15.82 -30.76
CA VAL B 179 -24.88 15.84 -30.80
C VAL B 179 -25.43 16.96 -29.93
N ARG B 180 -26.74 16.88 -29.67
CA ARG B 180 -27.37 17.81 -28.76
C ARG B 180 -27.16 17.32 -27.33
N ILE B 181 -26.54 18.17 -26.51
CA ILE B 181 -26.35 17.81 -25.11
C ILE B 181 -27.72 17.83 -24.43
N PRO B 182 -28.10 16.73 -23.77
CA PRO B 182 -29.41 16.71 -23.08
C PRO B 182 -29.56 17.85 -22.09
N ASP B 183 -30.79 18.34 -21.91
CA ASP B 183 -31.04 19.47 -21.03
C ASP B 183 -30.46 19.26 -19.63
N ASP B 184 -30.49 18.02 -19.14
CA ASP B 184 -30.10 17.74 -17.76
C ASP B 184 -28.66 17.25 -17.62
N ALA B 185 -27.89 17.42 -18.68
CA ALA B 185 -26.53 16.86 -18.76
C ALA B 185 -25.44 17.91 -18.84
N TYR B 186 -24.20 17.47 -18.61
CA TYR B 186 -23.03 18.30 -18.85
C TYR B 186 -21.99 17.46 -19.58
N VAL B 187 -20.99 18.13 -20.14
CA VAL B 187 -19.86 17.49 -20.80
C VAL B 187 -18.57 18.19 -20.38
N VAL B 188 -17.51 17.42 -20.13
CA VAL B 188 -16.16 17.94 -20.02
C VAL B 188 -15.36 17.35 -21.17
N ALA B 189 -14.77 18.21 -22.01
CA ALA B 189 -14.09 17.73 -23.22
C ALA B 189 -12.67 18.28 -23.33
N PRO B 190 -11.68 17.37 -23.40
CA PRO B 190 -10.29 17.73 -23.60
C PRO B 190 -9.91 17.64 -25.07
N ASN B 191 -8.61 17.61 -25.36
CA ASN B 191 -8.13 17.63 -26.73
C ASN B 191 -8.12 16.24 -27.37
N ARG B 192 -9.28 15.60 -27.38
CA ARG B 192 -9.40 14.23 -27.83
C ARG B 192 -10.81 14.12 -28.41
N MET B 193 -11.00 13.36 -29.48
CA MET B 193 -12.36 13.22 -30.01
C MET B 193 -13.23 12.64 -28.90
N ASN B 194 -14.42 13.22 -28.74
CA ASN B 194 -15.28 12.99 -27.58
C ASN B 194 -16.56 12.21 -27.83
N ILE B 195 -17.19 12.43 -28.99
CA ILE B 195 -18.50 11.81 -29.20
C ILE B 195 -18.38 10.29 -29.17
N ASP B 196 -19.17 9.63 -28.33
CA ASP B 196 -19.07 8.18 -28.21
C ASP B 196 -20.25 7.51 -28.90
N GLN B 197 -21.07 6.76 -28.17
CA GLN B 197 -22.23 6.11 -28.77
CA GLN B 197 -22.27 6.12 -28.74
C GLN B 197 -23.07 7.11 -29.58
N PHE B 198 -23.40 6.73 -30.81
CA PHE B 198 -24.04 7.67 -31.75
C PHE B 198 -25.20 6.98 -32.45
N ASP B 199 -26.39 7.55 -32.31
CA ASP B 199 -27.59 6.97 -32.89
C ASP B 199 -27.97 7.67 -34.19
N PHE B 200 -27.80 6.96 -35.30
CA PHE B 200 -28.12 7.52 -36.62
C PHE B 200 -29.63 7.77 -36.81
N ASP B 201 -30.45 7.22 -35.92
CA ASP B 201 -31.91 7.39 -36.00
C ASP B 201 -32.46 8.49 -35.09
N SER B 202 -31.62 9.09 -34.26
CA SER B 202 -32.05 10.08 -33.27
C SER B 202 -32.28 11.51 -33.81
N ASP B 203 -33.30 12.20 -33.29
CA ASP B 203 -33.51 13.62 -33.61
C ASP B 203 -32.45 14.52 -32.97
N ASP B 204 -31.70 13.96 -32.01
CA ASP B 204 -30.71 14.73 -31.26
C ASP B 204 -29.31 14.66 -31.85
N THR B 205 -29.20 14.08 -33.03
CA THR B 205 -27.91 14.00 -33.71
C THR B 205 -28.03 14.53 -35.13
N LEU B 206 -26.92 15.05 -35.63
CA LEU B 206 -26.78 15.48 -37.02
C LEU B 206 -25.40 15.06 -37.49
N CYS B 207 -25.24 14.78 -38.78
CA CYS B 207 -23.92 14.48 -39.32
C CYS B 207 -23.90 14.53 -40.83
N SER B 208 -22.71 14.42 -41.40
CA SER B 208 -22.56 14.27 -42.85
C SER B 208 -23.53 13.19 -43.33
N SER B 209 -24.25 13.47 -44.40
CA SER B 209 -25.23 12.51 -44.92
CA SER B 209 -25.23 12.49 -44.86
C SER B 209 -24.60 11.14 -45.22
N ASP B 210 -23.33 11.15 -45.62
CA ASP B 210 -22.67 9.91 -46.03
C ASP B 210 -21.85 9.28 -44.91
N LEU B 211 -21.98 9.77 -43.68
CA LEU B 211 -21.09 9.29 -42.60
C LEU B 211 -21.25 7.79 -42.32
N LYS B 212 -22.49 7.31 -42.24
CA LYS B 212 -22.72 5.91 -41.94
C LYS B 212 -22.16 5.04 -43.06
N ASP B 213 -22.42 5.42 -44.31
CA ASP B 213 -21.90 4.67 -45.43
C ASP B 213 -20.37 4.68 -45.44
N LEU B 214 -19.77 5.82 -45.08
CA LEU B 214 -18.32 5.92 -45.00
C LEU B 214 -17.77 4.87 -44.05
N ILE B 215 -18.43 4.73 -42.90
CA ILE B 215 -18.03 3.76 -41.89
C ILE B 215 -18.25 2.34 -42.38
N ASP B 216 -19.46 2.07 -42.83
CA ASP B 216 -19.87 0.72 -43.21
C ASP B 216 -19.10 0.17 -44.40
N ASN B 217 -18.82 1.04 -45.38
CA ASN B 217 -18.23 0.59 -46.63
C ASN B 217 -16.70 0.51 -46.63
N ASN B 218 -16.06 1.02 -45.58
CA ASN B 218 -14.61 1.06 -45.58
C ASN B 218 -13.97 0.40 -44.38
N ASN B 219 -14.73 -0.50 -43.75
CA ASN B 219 -14.23 -1.28 -42.61
C ASN B 219 -13.66 -0.39 -41.53
N LEU B 220 -14.33 0.72 -41.24
CA LEU B 220 -13.80 1.66 -40.24
C LEU B 220 -14.22 1.32 -38.82
N ASN B 221 -15.26 0.49 -38.67
CA ASN B 221 -15.83 0.26 -37.35
C ASN B 221 -15.12 -0.87 -36.60
N PRO B 222 -14.47 -0.53 -35.47
CA PRO B 222 -13.76 -1.57 -34.73
C PRO B 222 -14.66 -2.37 -33.80
N ASP B 223 -15.88 -1.90 -33.58
CA ASP B 223 -16.74 -2.57 -32.60
C ASP B 223 -17.64 -3.60 -33.25
N PHE B 224 -17.97 -4.64 -32.49
CA PHE B 224 -18.82 -5.73 -32.96
C PHE B 224 -20.25 -5.28 -33.14
N GLU B 225 -20.69 -4.34 -32.30
CA GLU B 225 -22.04 -3.80 -32.37
C GLU B 225 -22.04 -2.29 -32.27
N ASN B 226 -23.01 -1.67 -32.93
CA ASN B 226 -23.29 -0.23 -32.80
C ASN B 226 -22.19 0.67 -33.32
N TYR B 227 -22.36 1.97 -33.11
CA TYR B 227 -21.42 2.98 -33.60
C TYR B 227 -20.96 3.89 -32.47
N ASN B 228 -19.67 3.90 -32.21
CA ASN B 228 -19.07 4.83 -31.27
C ASN B 228 -18.11 5.69 -32.06
N LEU B 229 -18.42 6.99 -32.21
CA LEU B 229 -17.69 7.77 -33.20
C LEU B 229 -16.23 7.95 -32.87
N ARG B 230 -15.88 8.09 -31.59
CA ARG B 230 -14.46 8.28 -31.28
C ARG B 230 -13.69 6.95 -31.39
N HIS B 231 -14.36 5.82 -31.18
CA HIS B 231 -13.74 4.53 -31.48
C HIS B 231 -13.41 4.44 -32.97
N ILE B 232 -14.31 4.95 -33.79
CA ILE B 232 -14.19 4.84 -35.23
C ILE B 232 -13.25 5.87 -35.84
N PHE B 233 -13.39 7.13 -35.40
CA PHE B 233 -12.76 8.26 -36.06
C PHE B 233 -11.69 8.94 -35.21
N GLY B 234 -11.60 8.54 -33.94
CA GLY B 234 -10.73 9.24 -33.01
C GLY B 234 -9.56 8.39 -32.57
N SER B 235 -9.09 8.69 -31.36
CA SER B 235 -7.91 8.03 -30.80
C SER B 235 -8.18 7.44 -29.42
N ALA B 236 -7.38 6.45 -29.06
CA ALA B 236 -7.28 5.98 -27.67
C ALA B 236 -5.84 5.63 -27.48
N SER B 237 -5.00 6.64 -27.43
CA SER B 237 -3.55 6.47 -27.46
C SER B 237 -2.95 6.53 -26.07
N ILE B 238 -1.68 6.15 -25.98
CA ILE B 238 -0.96 6.34 -24.72
C ILE B 238 -0.92 7.81 -24.36
N LYS B 239 -0.68 8.68 -25.34
CA LYS B 239 -0.65 10.11 -25.02
C LYS B 239 -2.00 10.60 -24.50
N ASP B 240 -3.11 10.03 -24.99
CA ASP B 240 -4.43 10.40 -24.47
C ASP B 240 -4.52 10.16 -22.96
N THR B 241 -3.84 9.11 -22.48
CA THR B 241 -3.94 8.76 -21.06
C THR B 241 -3.32 9.82 -20.14
N VAL B 242 -2.42 10.65 -20.65
CA VAL B 242 -1.81 11.67 -19.78
C VAL B 242 -2.19 13.10 -20.19
N TYR B 243 -2.50 13.30 -21.47
CA TYR B 243 -2.79 14.66 -21.96
C TYR B 243 -4.28 15.01 -21.91
N ASN B 244 -5.13 14.00 -21.98
CA ASN B 244 -6.55 14.23 -22.21
C ASN B 244 -7.46 13.62 -21.15
N ASN B 245 -7.40 12.30 -21.01
CA ASN B 245 -8.33 11.60 -20.13
C ASN B 245 -8.35 12.09 -18.67
N PRO B 246 -7.19 12.45 -18.10
CA PRO B 246 -7.26 12.90 -16.70
C PRO B 246 -8.06 14.19 -16.52
N ARG B 247 -8.10 15.06 -17.53
CA ARG B 247 -8.88 16.30 -17.43
C ARG B 247 -10.37 15.96 -17.42
N THR B 248 -10.78 15.08 -18.32
CA THR B 248 -12.16 14.59 -18.32
C THR B 248 -12.52 13.99 -16.97
N TRP B 249 -11.62 13.13 -16.48
CA TRP B 249 -11.82 12.44 -15.22
C TRP B 249 -11.97 13.40 -14.05
N TYR B 250 -11.11 14.40 -13.97
CA TYR B 250 -11.16 15.32 -12.84
C TYR B 250 -12.47 16.10 -12.84
N GLY B 251 -12.90 16.55 -14.01
CA GLY B 251 -14.17 17.24 -14.14
C GLY B 251 -15.35 16.34 -13.77
N GLN B 252 -15.34 15.09 -14.24
CA GLN B 252 -16.41 14.17 -13.91
C GLN B 252 -16.37 13.76 -12.43
N LYS B 253 -15.17 13.67 -11.84
CA LYS B 253 -15.11 13.37 -10.42
C LYS B 253 -15.71 14.50 -9.59
N PHE B 254 -15.55 15.73 -10.08
CA PHE B 254 -16.06 16.91 -9.36
C PHE B 254 -17.59 16.98 -9.43
N PHE B 255 -18.14 16.75 -10.62
CA PHE B 255 -19.59 16.86 -10.83
C PHE B 255 -20.35 15.56 -10.58
N SER B 256 -19.72 14.42 -10.84
CA SER B 256 -20.36 13.11 -10.72
C SER B 256 -19.52 12.13 -9.89
N PRO B 257 -19.21 12.50 -8.64
CA PRO B 257 -18.27 11.69 -7.86
C PRO B 257 -18.69 10.23 -7.67
N ASP B 258 -19.99 9.97 -7.54
CA ASP B 258 -20.45 8.61 -7.26
C ASP B 258 -20.59 7.76 -8.51
N ASP B 259 -20.42 8.39 -9.68
CA ASP B 259 -20.54 7.69 -10.94
C ASP B 259 -19.19 7.55 -11.64
N THR B 260 -18.13 8.03 -10.99
CA THR B 260 -16.83 8.10 -11.64
C THR B 260 -15.79 7.33 -10.84
N ALA B 261 -15.05 6.46 -11.51
CA ALA B 261 -14.05 5.63 -10.82
C ALA B 261 -12.76 6.43 -10.54
N ASP B 262 -11.70 5.73 -10.14
CA ASP B 262 -10.48 6.40 -9.69
C ASP B 262 -9.32 6.25 -10.65
N ASP B 263 -9.60 5.97 -11.92
CA ASP B 263 -8.55 5.83 -12.92
C ASP B 263 -8.60 7.00 -13.89
N PRO B 264 -7.70 7.99 -13.70
CA PRO B 264 -7.70 9.16 -14.58
C PRO B 264 -7.34 8.84 -16.01
N MET B 265 -6.77 7.65 -16.26
CA MET B 265 -6.27 7.32 -17.59
C MET B 265 -7.35 6.66 -18.46
N GLU B 266 -8.49 6.37 -17.85
CA GLU B 266 -9.60 5.67 -18.51
C GLU B 266 -9.94 6.24 -19.90
N GLN B 267 -9.97 5.36 -20.90
CA GLN B 267 -10.19 5.74 -22.30
C GLN B 267 -11.65 5.82 -22.70
N ASP B 268 -12.52 5.23 -21.90
CA ASP B 268 -13.94 5.19 -22.22
C ASP B 268 -14.81 5.84 -21.16
N LEU B 269 -14.33 6.96 -20.64
CA LEU B 269 -15.18 7.81 -19.82
C LEU B 269 -16.34 8.26 -20.69
N PRO B 270 -17.54 8.36 -20.10
CA PRO B 270 -18.68 8.83 -20.91
C PRO B 270 -18.49 10.24 -21.42
N PHE B 271 -19.10 10.54 -22.56
CA PHE B 271 -19.16 11.88 -23.10
C PHE B 271 -20.23 12.67 -22.33
N ILE B 272 -21.47 12.25 -22.49
CA ILE B 272 -22.60 12.85 -21.79
C ILE B 272 -22.68 12.38 -20.35
N CYS B 273 -22.73 13.33 -19.41
CA CYS B 273 -22.79 13.00 -17.99
C CYS B 273 -23.96 13.69 -17.29
N HIS B 274 -24.28 13.17 -16.10
CA HIS B 274 -25.32 13.75 -15.27
C HIS B 274 -24.76 14.00 -13.89
N ALA B 275 -24.75 15.27 -13.49
CA ALA B 275 -24.15 15.67 -12.23
C ALA B 275 -25.06 15.35 -11.04
N ASN B 276 -24.51 15.37 -9.83
CA ASN B 276 -25.31 15.08 -8.64
C ASN B 276 -25.96 16.34 -8.07
N ARG B 277 -25.81 17.45 -8.79
CA ARG B 277 -26.32 18.73 -8.37
C ARG B 277 -26.36 19.67 -9.57
N LYS B 278 -27.01 20.82 -9.40
CA LYS B 278 -27.02 21.79 -10.48
C LYS B 278 -25.70 22.58 -10.49
N ILE B 279 -25.33 23.06 -11.67
CA ILE B 279 -24.00 23.63 -11.91
C ILE B 279 -24.00 25.15 -12.02
N SER B 280 -23.09 25.80 -11.30
CA SER B 280 -22.97 27.25 -11.32
C SER B 280 -21.83 27.70 -12.21
N VAL B 281 -21.81 28.99 -12.53
CA VAL B 281 -20.70 29.56 -13.28
C VAL B 281 -19.43 29.38 -12.45
N GLU B 282 -19.55 29.58 -11.14
CA GLU B 282 -18.42 29.38 -10.24
C GLU B 282 -17.85 27.96 -10.34
N ASP B 283 -18.73 26.95 -10.42
CA ASP B 283 -18.30 25.55 -10.62
C ASP B 283 -17.50 25.37 -11.91
N VAL B 284 -18.02 25.94 -13.00
CA VAL B 284 -17.38 25.78 -14.28
C VAL B 284 -15.99 26.43 -14.23
N LYS B 285 -15.90 27.64 -13.68
CA LYS B 285 -14.60 28.31 -13.61
C LYS B 285 -13.62 27.51 -12.74
N PHE B 286 -14.11 26.92 -11.66
CA PHE B 286 -13.23 26.10 -10.83
C PHE B 286 -12.58 24.97 -11.64
N VAL B 287 -13.39 24.23 -12.39
CA VAL B 287 -12.84 23.10 -13.15
C VAL B 287 -11.90 23.62 -14.23
N LEU B 288 -12.29 24.71 -14.89
CA LEU B 288 -11.46 25.30 -15.94
C LEU B 288 -10.17 25.91 -15.41
N SER B 289 -10.05 26.02 -14.09
CA SER B 289 -8.85 26.59 -13.48
C SER B 289 -8.03 25.53 -12.75
N SER B 290 -8.44 24.26 -12.87
CA SER B 290 -7.93 23.23 -11.96
C SER B 290 -6.61 22.62 -12.40
N HIS B 291 -5.96 22.00 -11.43
CA HIS B 291 -4.66 21.37 -11.63
C HIS B 291 -4.62 20.16 -10.71
N PHE B 292 -5.68 19.37 -10.79
CA PHE B 292 -5.77 18.10 -10.05
C PHE B 292 -5.57 18.27 -8.55
N GLU B 293 -6.14 19.34 -8.00
CA GLU B 293 -6.06 19.61 -6.58
C GLU B 293 -6.50 18.39 -5.77
N ASN B 294 -5.76 18.13 -4.70
CA ASN B 294 -5.98 17.03 -3.77
C ASN B 294 -5.72 15.65 -4.37
N THR B 295 -4.88 15.63 -5.40
CA THR B 295 -4.32 14.39 -5.92
C THR B 295 -2.82 14.53 -6.07
N LYS B 296 -2.14 13.40 -6.27
CA LYS B 296 -0.70 13.40 -6.46
C LYS B 296 -0.28 13.99 -7.80
N TYR B 297 -1.26 14.30 -8.65
CA TYR B 297 -0.96 14.83 -9.97
C TYR B 297 -0.95 16.35 -10.02
N ASP B 298 -1.15 16.98 -8.86
CA ASP B 298 -1.16 18.43 -8.73
C ASP B 298 0.27 18.97 -8.76
N VAL B 299 0.58 19.77 -9.77
CA VAL B 299 1.96 20.27 -9.90
C VAL B 299 2.33 21.18 -8.72
N TYR B 300 1.33 21.73 -8.06
CA TYR B 300 1.57 22.58 -6.87
C TYR B 300 1.47 21.79 -5.56
N GLY B 301 1.29 20.47 -5.67
CA GLY B 301 0.98 19.63 -4.53
C GLY B 301 2.16 18.86 -3.96
N SER B 302 1.87 17.73 -3.32
CA SER B 302 2.86 17.01 -2.53
C SER B 302 3.41 15.76 -3.21
N GLY B 303 3.01 15.51 -4.45
CA GLY B 303 3.44 14.31 -5.14
C GLY B 303 4.90 14.32 -5.57
N SER B 304 5.36 13.16 -6.05
CA SER B 304 6.70 13.07 -6.60
C SER B 304 6.83 13.97 -7.82
N GLN B 305 8.06 14.31 -8.19
CA GLN B 305 8.30 15.13 -9.36
C GLN B 305 7.68 14.52 -10.62
N SER B 306 7.79 13.20 -10.75
CA SER B 306 7.23 12.55 -11.94
C SER B 306 5.69 12.56 -11.92
N ASP B 307 5.08 12.31 -10.76
CA ASP B 307 3.61 12.35 -10.69
C ASP B 307 3.08 13.76 -10.93
N LYS B 308 3.79 14.76 -10.41
CA LYS B 308 3.38 16.17 -10.50
C LYS B 308 3.39 16.71 -11.92
N THR B 309 4.14 16.07 -12.79
CA THR B 309 4.31 16.56 -14.15
C THR B 309 3.78 15.57 -15.18
N LEU B 310 3.13 14.51 -14.69
CA LEU B 310 2.66 13.45 -15.59
C LEU B 310 1.48 13.88 -16.47
N PHE B 311 0.56 14.65 -15.89
CA PHE B 311 -0.69 15.03 -16.56
C PHE B 311 -0.73 16.50 -16.98
N ARG B 312 -1.32 16.79 -18.14
CA ARG B 312 -1.58 18.16 -18.53
C ARG B 312 -2.72 18.73 -17.70
N PRO B 313 -2.47 19.85 -16.99
CA PRO B 313 -3.55 20.43 -16.18
C PRO B 313 -4.58 21.18 -17.03
N ILE B 314 -5.67 21.59 -16.40
CA ILE B 314 -6.71 22.33 -17.12
C ILE B 314 -6.40 23.83 -17.06
N GLY B 315 -6.27 24.37 -15.84
CA GLY B 315 -5.64 25.67 -15.69
C GLY B 315 -4.19 25.52 -16.07
N ILE B 316 -3.66 26.45 -16.87
CA ILE B 316 -2.30 26.27 -17.40
C ILE B 316 -1.70 27.60 -17.84
N ASN B 317 -0.38 27.67 -17.91
CA ASN B 317 0.30 28.93 -18.23
C ASN B 317 -0.16 29.51 -19.55
N ARG B 318 -0.56 28.64 -20.46
CA ARG B 318 -0.93 29.13 -21.79
C ARG B 318 -2.45 29.27 -21.99
N ASN B 319 -3.22 29.37 -20.89
CA ASN B 319 -4.60 29.90 -20.97
C ASN B 319 -4.51 31.33 -21.52
N HIS B 320 -4.93 31.57 -22.76
CA HIS B 320 -4.88 32.95 -23.26
C HIS B 320 -6.14 33.71 -22.87
N ASN B 321 -7.30 33.09 -23.08
CA ASN B 321 -8.53 33.57 -22.49
C ASN B 321 -9.36 32.39 -22.01
N VAL B 322 -10.27 32.66 -21.09
CA VAL B 322 -11.30 31.72 -20.71
C VAL B 322 -12.63 32.42 -20.88
N HIS B 323 -13.57 31.73 -21.51
CA HIS B 323 -14.88 32.32 -21.71
C HIS B 323 -15.94 31.34 -21.30
N ILE B 324 -16.96 31.85 -20.64
CA ILE B 324 -18.14 31.06 -20.32
C ILE B 324 -19.31 31.81 -20.93
N LEU B 325 -19.88 31.25 -21.98
CA LEU B 325 -20.96 31.92 -22.69
C LEU B 325 -22.28 31.40 -22.13
N GLN B 326 -23.06 32.31 -21.57
CA GLN B 326 -24.27 31.97 -20.86
C GLN B 326 -25.46 32.60 -21.57
N ILE B 327 -26.45 31.78 -21.92
CA ILE B 327 -27.72 32.34 -22.39
C ILE B 327 -28.75 32.09 -21.31
N ARG B 328 -29.17 33.17 -20.65
CA ARG B 328 -30.07 33.08 -19.51
C ARG B 328 -31.54 32.96 -19.91
N ASN B 329 -32.33 32.39 -19.00
CA ASN B 329 -33.77 32.29 -19.22
C ASN B 329 -34.62 32.99 -18.17
N ASN B 330 -34.00 33.43 -17.07
CA ASN B 330 -34.76 34.09 -16.01
C ASN B 330 -34.89 35.60 -16.21
N VAL B 331 -34.55 36.07 -17.42
CA VAL B 331 -34.54 37.51 -17.73
C VAL B 331 -35.09 37.85 -19.13
N PRO B 332 -35.40 39.14 -19.38
CA PRO B 332 -35.76 39.58 -20.74
C PRO B 332 -34.63 39.28 -21.73
N THR B 333 -34.94 39.05 -23.01
CA THR B 333 -33.91 38.68 -23.98
C THR B 333 -32.79 39.71 -24.12
N GLU B 334 -33.10 40.99 -23.89
CA GLU B 334 -32.10 42.04 -24.06
C GLU B 334 -30.95 41.92 -23.06
N ILE B 335 -31.13 41.14 -21.99
CA ILE B 335 -30.03 40.91 -21.05
C ILE B 335 -29.76 39.41 -20.85
N ALA B 336 -30.25 38.59 -21.77
CA ALA B 336 -30.08 37.15 -21.64
C ALA B 336 -28.65 36.67 -21.90
N GLY B 337 -27.96 37.32 -22.84
CA GLY B 337 -26.64 36.87 -23.25
C GLY B 337 -25.53 37.46 -22.41
N ILE B 338 -24.78 36.58 -21.73
CA ILE B 338 -23.66 37.00 -20.89
C ILE B 338 -22.38 36.34 -21.39
N HIS B 339 -21.40 37.17 -21.73
CA HIS B 339 -20.10 36.70 -22.20
C HIS B 339 -19.10 36.81 -21.05
N TRP B 340 -19.04 35.79 -20.21
CA TRP B 340 -18.09 35.78 -19.09
C TRP B 340 -16.68 35.67 -19.64
N LEU B 341 -15.75 36.45 -19.12
CA LEU B 341 -14.43 36.53 -19.73
C LEU B 341 -13.31 36.76 -18.72
N ALA B 342 -12.21 36.05 -18.89
CA ALA B 342 -10.96 36.38 -18.20
C ALA B 342 -9.76 36.05 -19.10
N TYR B 343 -8.60 36.53 -18.68
CA TYR B 343 -7.35 36.40 -19.45
C TYR B 343 -6.24 35.78 -18.61
N GLY B 344 -5.31 35.11 -19.29
CA GLY B 344 -4.12 34.57 -18.62
C GLY B 344 -4.40 33.30 -17.84
N ALA B 345 -3.36 32.71 -17.26
CA ALA B 345 -3.52 31.46 -16.53
C ALA B 345 -4.62 31.57 -15.47
N ASN B 346 -5.53 30.61 -15.49
CA ASN B 346 -6.79 30.73 -14.75
C ASN B 346 -6.68 30.64 -13.23
N THR B 347 -5.48 30.35 -12.74
CA THR B 347 -5.25 30.25 -11.30
C THR B 347 -5.40 31.58 -10.57
N PHE B 348 -5.18 32.70 -11.25
CA PHE B 348 -5.19 33.99 -10.55
C PHE B 348 -6.05 35.03 -11.22
N ASN B 349 -7.08 34.59 -11.93
CA ASN B 349 -8.01 35.54 -12.53
C ASN B 349 -9.44 35.23 -12.08
N THR B 350 -10.39 36.06 -12.52
CA THR B 350 -11.82 35.78 -12.31
C THR B 350 -12.57 36.12 -13.59
N VAL B 351 -13.56 35.30 -13.93
CA VAL B 351 -14.40 35.63 -15.08
C VAL B 351 -15.40 36.75 -14.73
N VAL B 352 -15.56 37.69 -15.66
CA VAL B 352 -16.43 38.84 -15.45
C VAL B 352 -17.64 38.70 -16.36
N PRO B 353 -18.86 38.87 -15.80
CA PRO B 353 -20.08 38.63 -16.56
C PRO B 353 -20.48 39.78 -17.48
N PHE B 354 -19.77 39.97 -18.58
CA PHE B 354 -20.12 41.06 -19.50
C PHE B 354 -21.45 40.83 -20.24
N TYR B 355 -22.29 41.85 -20.27
CA TYR B 355 -23.47 41.80 -21.11
C TYR B 355 -23.04 41.81 -22.57
N ALA B 356 -23.58 40.89 -23.37
CA ALA B 356 -23.20 40.80 -24.77
C ALA B 356 -23.94 41.81 -25.64
N ASN B 357 -25.08 42.29 -25.14
CA ASN B 357 -25.92 43.21 -25.91
C ASN B 357 -25.41 44.65 -25.86
N VAL B 358 -24.25 44.86 -26.48
CA VAL B 358 -23.57 46.15 -26.49
C VAL B 358 -22.91 46.38 -27.85
N ASN B 359 -22.58 47.63 -28.15
CA ASN B 359 -21.94 47.97 -29.43
C ASN B 359 -20.45 48.16 -29.29
N ASP B 360 -19.96 48.17 -28.06
CA ASP B 360 -18.54 48.39 -27.81
C ASP B 360 -18.20 47.74 -26.48
N THR B 361 -16.90 47.64 -26.19
CA THR B 361 -16.41 46.90 -25.03
C THR B 361 -15.50 47.77 -24.16
N PRO B 362 -15.34 47.39 -22.87
CA PRO B 362 -14.55 48.21 -21.94
C PRO B 362 -13.05 48.27 -22.28
N VAL B 363 -12.43 49.43 -22.07
CA VAL B 363 -11.07 49.70 -22.51
C VAL B 363 -10.04 48.73 -21.92
N GLN B 364 -10.20 48.34 -20.65
CA GLN B 364 -9.21 47.47 -20.02
C GLN B 364 -9.23 46.07 -20.61
N TYR B 365 -10.30 45.73 -21.33
CA TYR B 365 -10.43 44.41 -21.94
C TYR B 365 -10.29 44.47 -23.46
N LYS B 366 -10.43 45.66 -24.02
CA LYS B 366 -10.43 45.81 -25.47
C LYS B 366 -9.06 46.11 -26.05
N ASN B 367 -8.22 46.82 -25.31
CA ASN B 367 -7.12 47.52 -25.94
C ASN B 367 -5.71 46.93 -25.77
N ALA B 368 -5.60 45.64 -25.52
CA ALA B 368 -4.28 45.02 -25.47
C ALA B 368 -3.57 45.12 -26.82
N THR B 369 -2.28 45.40 -26.78
CA THR B 369 -1.42 45.33 -27.96
C THR B 369 -0.23 44.42 -27.63
N GLY B 370 0.74 44.38 -28.53
CA GLY B 370 1.95 43.62 -28.31
C GLY B 370 2.88 44.30 -27.33
N LYS B 371 2.56 45.53 -26.95
CA LYS B 371 3.37 46.23 -25.96
C LYS B 371 2.86 45.93 -24.55
N PHE B 372 3.76 45.54 -23.66
CA PHE B 372 3.41 45.23 -22.28
C PHE B 372 2.81 46.46 -21.59
N ASP B 373 1.59 46.31 -21.09
CA ASP B 373 0.87 47.41 -20.45
C ASP B 373 0.03 46.90 -19.30
N LEU B 374 0.47 47.20 -18.08
CA LEU B 374 -0.17 46.66 -16.89
C LEU B 374 -1.47 47.38 -16.56
N ASN B 375 -1.84 48.38 -17.35
CA ASN B 375 -3.17 48.98 -17.25
C ASN B 375 -4.20 48.16 -18.01
N ASN B 376 -3.71 47.19 -18.79
CA ASN B 376 -4.57 46.31 -19.55
C ASN B 376 -4.76 44.98 -18.80
N MET B 377 -5.96 44.42 -18.86
CA MET B 377 -6.26 43.22 -18.06
C MET B 377 -5.59 41.95 -18.58
N TYR B 378 -5.25 41.88 -19.86
CA TYR B 378 -4.52 40.71 -20.32
C TYR B 378 -3.15 40.69 -19.63
N TRP B 379 -2.38 41.77 -19.77
CA TRP B 379 -1.02 41.76 -19.23
C TRP B 379 -1.01 41.71 -17.70
N LEU B 380 -1.96 42.38 -17.06
CA LEU B 380 -2.03 42.39 -15.60
C LEU B 380 -2.34 40.98 -15.08
N SER B 381 -3.29 40.30 -15.70
CA SER B 381 -3.68 38.97 -15.26
C SER B 381 -2.56 37.96 -15.45
N CYS B 382 -1.84 38.06 -16.57
CA CYS B 382 -0.72 37.15 -16.81
C CYS B 382 0.38 37.37 -15.79
N THR B 383 0.65 38.63 -15.49
CA THR B 383 1.70 38.96 -14.52
C THR B 383 1.35 38.38 -13.15
N THR B 384 0.09 38.50 -12.76
CA THR B 384 -0.37 37.99 -11.47
C THR B 384 -0.20 36.46 -11.39
N ALA B 385 -0.59 35.76 -12.44
CA ALA B 385 -0.51 34.30 -12.44
C ALA B 385 0.93 33.79 -12.43
N LEU B 386 1.83 34.50 -13.12
CA LEU B 386 3.24 34.12 -13.10
C LEU B 386 3.82 34.26 -11.68
N LEU B 387 3.56 35.39 -11.03
CA LEU B 387 4.04 35.58 -9.66
C LEU B 387 3.46 34.50 -8.76
N GLY B 388 2.16 34.23 -8.91
CA GLY B 388 1.52 33.22 -8.09
C GLY B 388 2.14 31.84 -8.24
N ASP B 389 2.51 31.50 -9.46
CA ASP B 389 3.13 30.22 -9.80
C ASP B 389 4.47 30.01 -9.07
N THR B 390 5.15 31.09 -8.72
CA THR B 390 6.46 30.95 -8.08
C THR B 390 6.37 30.45 -6.66
N ASP B 391 5.20 30.60 -6.03
CA ASP B 391 5.03 30.08 -4.66
C ASP B 391 3.54 29.96 -4.36
N TYR B 392 2.90 28.98 -4.98
CA TYR B 392 1.44 28.89 -4.95
C TYR B 392 0.86 28.81 -3.55
N ASP B 393 1.44 27.95 -2.70
CA ASP B 393 0.90 27.81 -1.35
C ASP B 393 1.01 29.10 -0.54
N PHE B 394 1.98 29.94 -0.89
CA PHE B 394 2.16 31.21 -0.21
C PHE B 394 1.09 32.22 -0.63
N TYR B 395 0.69 32.17 -1.89
CA TYR B 395 -0.23 33.18 -2.42
C TYR B 395 -1.69 32.74 -2.51
N VAL B 396 -1.96 31.46 -2.27
CA VAL B 396 -3.28 30.93 -2.57
C VAL B 396 -4.38 31.49 -1.67
N ASP B 397 -4.04 31.88 -0.45
CA ASP B 397 -5.06 32.40 0.44
C ASP B 397 -5.53 33.77 -0.03
N MET B 398 -4.60 34.61 -0.49
CA MET B 398 -4.97 35.90 -1.09
C MET B 398 -5.80 35.69 -2.35
N ARG B 399 -5.39 34.70 -3.14
CA ARG B 399 -6.11 34.34 -4.37
C ARG B 399 -7.56 33.97 -4.04
N ASN B 400 -7.74 33.08 -3.06
CA ASN B 400 -9.08 32.62 -2.69
C ASN B 400 -9.93 33.77 -2.16
N ASP B 401 -9.33 34.64 -1.35
CA ASP B 401 -10.07 35.82 -0.85
C ASP B 401 -10.53 36.70 -2.00
N TYR B 402 -9.60 36.97 -2.91
CA TYR B 402 -9.90 37.77 -4.10
C TYR B 402 -11.01 37.17 -4.96
N GLU B 403 -11.00 35.85 -5.13
CA GLU B 403 -12.04 35.23 -5.97
C GLU B 403 -13.43 35.48 -5.41
N LEU B 404 -13.59 35.26 -4.11
CA LEU B 404 -14.88 35.45 -3.48
C LEU B 404 -15.29 36.93 -3.52
N ASP B 405 -14.36 37.79 -3.19
CA ASP B 405 -14.63 39.23 -3.14
C ASP B 405 -15.00 39.77 -4.53
N ALA B 406 -14.23 39.37 -5.55
CA ALA B 406 -14.48 39.86 -6.91
C ALA B 406 -15.79 39.32 -7.48
N MET B 407 -16.02 38.00 -7.37
CA MET B 407 -17.25 37.40 -7.91
CA MET B 407 -17.24 37.41 -7.91
C MET B 407 -18.49 37.96 -7.21
N SER B 408 -18.37 38.24 -5.91
CA SER B 408 -19.48 38.84 -5.18
C SER B 408 -19.81 40.22 -5.73
N ALA B 409 -18.77 41.00 -5.99
CA ALA B 409 -18.94 42.34 -6.55
C ALA B 409 -19.58 42.29 -7.93
N TYR B 410 -19.13 41.35 -8.76
CA TYR B 410 -19.68 41.24 -10.11
C TYR B 410 -21.16 40.90 -10.04
N ARG B 411 -21.54 39.98 -9.17
CA ARG B 411 -22.92 39.53 -9.11
C ARG B 411 -23.82 40.64 -8.55
N LYS B 412 -23.28 41.47 -7.65
CA LYS B 412 -24.05 42.60 -7.15
C LYS B 412 -24.36 43.56 -8.30
N ILE B 413 -23.36 43.85 -9.12
CA ILE B 413 -23.58 44.73 -10.27
C ILE B 413 -24.57 44.11 -11.25
N GLN B 414 -24.42 42.82 -11.53
CA GLN B 414 -25.35 42.13 -12.42
C GLN B 414 -26.77 42.16 -11.89
N ASN B 415 -26.95 41.82 -10.61
CA ASN B 415 -28.27 41.81 -9.99
C ASN B 415 -28.92 43.20 -9.99
N ASP B 416 -28.12 44.23 -9.71
CA ASP B 416 -28.63 45.61 -9.73
C ASP B 416 -29.02 46.04 -11.14
N THR B 417 -28.20 45.66 -12.12
CA THR B 417 -28.41 46.05 -13.52
C THR B 417 -29.65 45.35 -14.07
N ASP B 418 -29.76 44.04 -13.80
CA ASP B 418 -30.92 43.24 -14.20
C ASP B 418 -32.21 43.81 -13.64
N ALA B 419 -32.14 44.25 -12.39
CA ALA B 419 -33.33 44.70 -11.65
C ALA B 419 -33.91 45.99 -12.22
N ASP B 420 -33.09 46.78 -12.93
CA ASP B 420 -33.53 48.08 -13.40
C ASP B 420 -33.67 48.14 -14.93
N ILE B 421 -33.78 46.98 -15.57
CA ILE B 421 -33.77 46.91 -17.04
C ILE B 421 -35.05 47.44 -17.67
N SER B 422 -36.17 47.30 -16.96
CA SER B 422 -37.46 47.69 -17.51
C SER B 422 -37.54 49.20 -17.72
N GLY B 423 -37.93 49.61 -18.92
CA GLY B 423 -38.15 51.02 -19.21
C GLY B 423 -36.92 51.78 -19.68
N GLN B 424 -35.78 51.10 -19.77
CA GLN B 424 -34.55 51.75 -20.23
C GLN B 424 -34.69 52.17 -21.69
N LYS B 425 -34.48 53.47 -21.92
CA LYS B 425 -34.66 54.05 -23.24
C LYS B 425 -33.56 53.65 -24.23
N ASP B 426 -32.34 53.50 -23.73
CA ASP B 426 -31.22 53.10 -24.57
C ASP B 426 -30.56 51.88 -23.94
N ILE B 427 -30.97 50.68 -24.35
CA ILE B 427 -30.49 49.47 -23.70
C ILE B 427 -28.98 49.30 -23.84
N GLU B 428 -28.45 49.48 -25.05
CA GLU B 428 -27.02 49.28 -25.27
C GLU B 428 -26.16 50.23 -24.44
N LYS B 429 -26.56 51.49 -24.32
CA LYS B 429 -25.77 52.41 -23.51
C LYS B 429 -25.88 52.05 -22.01
N TYR B 430 -27.05 51.60 -21.59
CA TYR B 430 -27.28 51.16 -20.22
C TYR B 430 -26.37 49.98 -19.89
N LEU B 431 -26.30 49.02 -20.80
CA LEU B 431 -25.47 47.83 -20.57
C LEU B 431 -23.99 48.12 -20.77
N GLU B 432 -23.65 49.07 -21.63
CA GLU B 432 -22.25 49.47 -21.76
C GLU B 432 -21.78 50.11 -20.47
N ASN B 433 -22.67 50.85 -19.81
CA ASN B 433 -22.33 51.44 -18.52
C ASN B 433 -22.09 50.35 -17.46
N ALA B 434 -22.95 49.34 -17.47
CA ALA B 434 -22.82 48.22 -16.55
C ALA B 434 -21.50 47.47 -16.81
N ASN B 435 -21.18 47.24 -18.08
CA ASN B 435 -19.92 46.56 -18.42
C ASN B 435 -18.71 47.39 -18.03
N LYS B 436 -18.82 48.72 -18.14
CA LYS B 436 -17.75 49.60 -17.72
C LYS B 436 -17.54 49.47 -16.21
N LYS B 437 -18.64 49.42 -15.46
CA LYS B 437 -18.56 49.23 -14.01
C LYS B 437 -17.92 47.89 -13.65
N LEU B 438 -18.32 46.83 -14.37
CA LEU B 438 -17.75 45.51 -14.15
C LEU B 438 -16.25 45.49 -14.43
N ALA B 439 -15.86 46.04 -15.58
CA ALA B 439 -14.43 46.07 -15.95
C ALA B 439 -13.63 46.94 -15.00
N ASP B 440 -14.20 48.06 -14.57
CA ASP B 440 -13.50 48.93 -13.62
C ASP B 440 -13.22 48.21 -12.31
N VAL B 441 -14.22 47.52 -11.77
CA VAL B 441 -14.02 46.84 -10.50
C VAL B 441 -13.13 45.62 -10.71
N ALA B 442 -13.26 44.94 -11.84
CA ALA B 442 -12.38 43.79 -12.12
C ALA B 442 -10.91 44.23 -12.13
N PHE B 443 -10.65 45.38 -12.76
CA PHE B 443 -9.28 45.87 -12.78
C PHE B 443 -8.83 46.25 -11.38
N GLU B 444 -9.67 46.98 -10.64
CA GLU B 444 -9.27 47.40 -9.30
C GLU B 444 -8.98 46.21 -8.41
N LYS B 445 -9.79 45.16 -8.50
CA LYS B 445 -9.57 44.00 -7.64
C LYS B 445 -8.36 43.16 -8.09
N GLN B 446 -8.15 43.06 -9.41
CA GLN B 446 -6.98 42.35 -9.93
C GLN B 446 -5.70 43.06 -9.50
N ASN B 447 -5.72 44.38 -9.61
CA ASN B 447 -4.57 45.19 -9.25
C ASN B 447 -4.28 45.12 -7.75
N LYS B 448 -5.33 45.17 -6.94
CA LYS B 448 -5.16 45.08 -5.50
C LYS B 448 -4.58 43.73 -5.10
N LEU B 449 -5.05 42.66 -5.76
CA LEU B 449 -4.50 41.32 -5.52
C LEU B 449 -3.01 41.29 -5.82
N LEU B 450 -2.60 41.76 -7.01
CA LEU B 450 -1.18 41.74 -7.36
C LEU B 450 -0.39 42.58 -6.38
N GLY B 451 -0.95 43.73 -5.98
CA GLY B 451 -0.26 44.58 -5.00
C GLY B 451 -0.05 43.87 -3.69
N ASP B 452 -1.08 43.15 -3.24
CA ASP B 452 -0.99 42.41 -1.98
C ASP B 452 0.03 41.29 -2.11
N MET B 453 0.06 40.64 -3.27
CA MET B 453 1.04 39.58 -3.50
C MET B 453 2.46 40.14 -3.50
N VAL B 454 2.65 41.29 -4.13
CA VAL B 454 3.97 41.90 -4.23
C VAL B 454 4.44 42.36 -2.85
N THR B 455 3.53 42.92 -2.07
CA THR B 455 3.91 43.42 -0.76
C THR B 455 4.28 42.27 0.18
N THR B 456 3.44 41.24 0.22
CA THR B 456 3.71 40.10 1.09
C THR B 456 4.86 39.26 0.57
N GLY B 457 4.89 39.07 -0.75
CA GLY B 457 5.97 38.32 -1.37
C GLY B 457 7.33 38.96 -1.16
N SER B 458 7.38 40.29 -1.21
CA SER B 458 8.66 40.98 -1.04
C SER B 458 9.23 40.72 0.33
N ASN B 459 8.36 40.58 1.32
CA ASN B 459 8.81 40.22 2.67
C ASN B 459 9.46 38.84 2.73
N ASN B 460 9.15 37.99 1.77
CA ASN B 460 9.64 36.61 1.77
C ASN B 460 10.66 36.33 0.66
N MET B 461 11.27 37.37 0.10
CA MET B 461 12.28 37.18 -0.93
C MET B 461 13.50 36.42 -0.40
N LYS B 462 14.15 35.68 -1.29
CA LYS B 462 15.42 35.03 -0.93
C LYS B 462 16.45 36.08 -0.54
N LEU B 463 16.49 37.16 -1.31
CA LEU B 463 17.41 38.26 -1.07
C LEU B 463 16.91 39.07 0.11
N ARG B 464 17.13 38.54 1.31
CA ARG B 464 16.72 39.22 2.52
C ARG B 464 17.65 38.86 3.66
N TYR B 465 17.66 39.70 4.68
CA TYR B 465 18.35 39.40 5.93
C TYR B 465 17.77 40.33 6.96
N ASN B 466 16.93 39.79 7.83
CA ASN B 466 16.26 40.60 8.85
C ASN B 466 16.84 40.40 10.24
N LEU B 467 16.85 41.47 11.01
CA LEU B 467 17.07 41.35 12.45
C LEU B 467 15.73 41.03 13.11
N ASN B 468 15.68 39.96 13.90
CA ASN B 468 14.41 39.53 14.46
C ASN B 468 14.16 40.24 15.79
N ASP B 469 13.88 41.54 15.69
CA ASP B 469 13.60 42.34 16.87
C ASP B 469 12.60 43.44 16.53
N CYS C 9 19.33 -28.03 6.71
CA CYS C 9 18.85 -28.90 5.65
C CYS C 9 17.39 -28.59 5.26
N THR C 10 17.02 -28.98 4.05
CA THR C 10 15.64 -28.95 3.58
C THR C 10 15.39 -30.29 2.90
N SER C 11 14.24 -30.92 3.20
CA SER C 11 13.90 -32.24 2.65
C SER C 11 12.61 -32.18 1.86
N ILE C 12 12.54 -32.91 0.76
CA ILE C 12 11.29 -33.00 0.00
C ILE C 12 10.98 -34.45 -0.26
N LEU C 13 9.76 -34.86 0.08
CA LEU C 13 9.32 -36.24 -0.08
C LEU C 13 8.16 -36.31 -1.07
N VAL C 14 8.15 -37.33 -1.92
CA VAL C 14 7.08 -37.46 -2.93
C VAL C 14 6.58 -38.91 -3.03
N GLY C 15 5.28 -39.12 -2.81
CA GLY C 15 4.70 -40.45 -2.91
C GLY C 15 4.61 -40.94 -4.34
N LYS C 16 4.42 -42.26 -4.52
CA LYS C 16 4.51 -42.84 -5.86
C LYS C 16 3.41 -42.41 -6.82
N LYS C 17 2.27 -41.94 -6.31
CA LYS C 17 1.22 -41.46 -7.20
C LYS C 17 1.32 -39.95 -7.42
N ALA C 18 2.26 -39.32 -6.73
CA ALA C 18 2.41 -37.86 -6.82
C ALA C 18 3.50 -37.46 -7.79
N SER C 19 4.35 -38.42 -8.16
CA SER C 19 5.46 -38.16 -9.07
C SER C 19 5.00 -38.28 -10.52
N ILE C 20 5.74 -37.64 -11.42
CA ILE C 20 5.34 -37.64 -12.82
C ILE C 20 5.56 -39.02 -13.45
N ASP C 21 6.43 -39.83 -12.84
CA ASP C 21 6.82 -41.10 -13.45
C ASP C 21 6.48 -42.32 -12.60
N GLY C 22 5.75 -42.11 -11.52
CA GLY C 22 5.34 -43.21 -10.66
C GLY C 22 6.43 -43.74 -9.72
N SER C 23 7.53 -43.01 -9.59
CA SER C 23 8.56 -43.36 -8.64
C SER C 23 8.27 -42.79 -7.25
N THR C 24 8.98 -43.30 -6.25
CA THR C 24 9.03 -42.61 -4.95
C THR C 24 10.27 -41.73 -4.96
N LEU C 25 10.18 -40.58 -4.27
CA LEU C 25 11.33 -39.67 -4.14
C LEU C 25 11.52 -39.24 -2.69
N ILE C 26 12.73 -39.37 -2.19
CA ILE C 26 13.08 -38.70 -0.94
C ILE C 26 14.36 -37.91 -1.20
N SER C 27 14.42 -36.70 -0.66
CA SER C 27 15.51 -35.82 -1.00
C SER C 27 15.89 -34.95 0.17
N ARG C 28 17.12 -34.47 0.16
CA ARG C 28 17.58 -33.56 1.20
C ARG C 28 18.78 -32.78 0.72
N ASN C 29 18.83 -31.50 1.11
CA ASN C 29 20.07 -30.74 1.08
C ASN C 29 20.86 -31.03 2.33
N ASP C 30 22.05 -31.57 2.16
CA ASP C 30 22.92 -31.86 3.31
C ASP C 30 23.75 -30.62 3.62
N ASP C 31 23.22 -29.77 4.50
CA ASP C 31 23.85 -28.49 4.81
C ASP C 31 24.74 -28.61 6.05
N GLY C 32 25.88 -27.95 6.02
CA GLY C 32 26.79 -28.00 7.15
C GLY C 32 26.87 -26.68 7.90
N HIS C 33 27.74 -26.61 8.90
CA HIS C 33 28.00 -25.36 9.60
C HIS C 33 28.95 -24.47 8.80
N GLU C 34 30.08 -25.03 8.38
CA GLU C 34 31.01 -24.33 7.50
C GLU C 34 30.48 -24.42 6.07
N ALA C 35 30.79 -23.42 5.25
CA ALA C 35 30.30 -23.40 3.87
C ALA C 35 30.79 -24.61 3.12
N LEU C 36 32.09 -24.86 3.19
CA LEU C 36 32.67 -25.99 2.45
C LEU C 36 33.15 -27.12 3.35
N ASP C 37 32.87 -28.34 2.91
CA ASP C 37 33.38 -29.54 3.58
C ASP C 37 33.28 -30.68 2.57
N PRO C 38 34.43 -31.12 2.03
CA PRO C 38 34.41 -32.00 0.86
C PRO C 38 33.65 -33.30 1.09
N GLN C 39 32.85 -33.66 0.09
CA GLN C 39 32.00 -34.83 0.09
C GLN C 39 32.49 -35.84 -0.92
N ARG C 40 32.24 -37.12 -0.64
CA ARG C 40 32.53 -38.21 -1.56
C ARG C 40 31.29 -39.03 -1.84
N PHE C 41 31.22 -39.61 -3.03
CA PHE C 41 30.16 -40.56 -3.41
C PHE C 41 30.76 -41.95 -3.37
N VAL C 42 30.29 -42.80 -2.46
CA VAL C 42 30.97 -44.07 -2.17
C VAL C 42 29.99 -45.21 -2.03
N VAL C 43 30.27 -46.32 -2.69
CA VAL C 43 29.55 -47.57 -2.44
C VAL C 43 30.28 -48.35 -1.37
N VAL C 44 29.57 -48.69 -0.29
CA VAL C 44 30.12 -49.52 0.78
C VAL C 44 29.74 -50.95 0.50
N ASN C 45 30.70 -51.76 0.06
CA ASN C 45 30.42 -53.17 -0.15
C ASN C 45 30.42 -53.90 1.19
N PRO C 46 29.68 -55.02 1.28
CA PRO C 46 29.50 -55.72 2.57
C PRO C 46 30.80 -56.00 3.28
N GLU C 47 31.85 -56.31 2.53
CA GLU C 47 33.16 -56.65 3.10
C GLU C 47 33.80 -55.49 3.86
N ASP C 48 33.39 -54.26 3.59
CA ASP C 48 34.00 -53.09 4.20
CA ASP C 48 34.04 -53.15 4.29
C ASP C 48 33.12 -52.44 5.27
N GLN C 49 31.95 -53.04 5.50
CA GLN C 49 31.03 -52.55 6.52
C GLN C 49 31.43 -53.06 7.91
N PRO C 50 31.49 -52.15 8.90
CA PRO C 50 31.88 -52.58 10.24
C PRO C 50 30.87 -53.53 10.87
N ARG C 51 31.36 -54.46 11.69
CA ARG C 51 30.50 -55.27 12.53
C ARG C 51 30.54 -54.74 13.97
N ASP C 52 31.64 -54.06 14.31
CA ASP C 52 31.79 -53.47 15.63
C ASP C 52 31.96 -51.96 15.46
N TYR C 53 30.85 -51.23 15.48
CA TYR C 53 30.86 -49.82 15.14
C TYR C 53 31.05 -48.93 16.35
N THR C 54 31.98 -47.99 16.24
CA THR C 54 32.15 -46.96 17.26
C THR C 54 32.15 -45.58 16.62
N SER C 55 31.30 -44.69 17.13
CA SER C 55 31.23 -43.34 16.59
C SER C 55 32.38 -42.49 17.12
N VAL C 56 32.66 -41.40 16.42
CA VAL C 56 33.72 -40.48 16.82
C VAL C 56 33.21 -39.43 17.81
N ILE C 57 32.03 -38.88 17.55
CA ILE C 57 31.53 -37.79 18.36
C ILE C 57 31.08 -38.27 19.74
N SER C 58 30.25 -39.31 19.78
CA SER C 58 29.65 -39.74 21.04
C SER C 58 30.31 -40.97 21.65
N LYS C 59 31.14 -41.63 20.86
CA LYS C 59 31.79 -42.90 21.25
C LYS C 59 30.79 -44.01 21.56
N VAL C 60 29.59 -43.92 20.99
CA VAL C 60 28.62 -45.01 21.11
C VAL C 60 29.17 -46.25 20.41
N ASN C 61 28.95 -47.42 21.01
CA ASN C 61 29.41 -48.68 20.44
C ASN C 61 28.24 -49.57 20.07
N VAL C 62 28.13 -49.90 18.79
CA VAL C 62 27.01 -50.66 18.28
C VAL C 62 27.48 -51.92 17.57
N LYS C 63 27.08 -53.09 18.08
CA LYS C 63 27.36 -54.33 17.39
C LYS C 63 26.36 -54.46 16.27
N LEU C 64 26.84 -54.71 15.05
CA LEU C 64 25.98 -54.76 13.88
C LEU C 64 25.87 -56.19 13.33
N PRO C 65 24.76 -56.49 12.64
CA PRO C 65 24.57 -57.83 12.02
C PRO C 65 25.71 -58.20 11.06
N ASP C 66 25.91 -59.49 10.85
CA ASP C 66 27.04 -59.94 10.06
C ASP C 66 26.69 -60.07 8.58
N ASP C 67 25.47 -59.68 8.22
CA ASP C 67 25.02 -59.77 6.83
C ASP C 67 24.57 -58.44 6.22
N PRO C 68 25.44 -57.42 6.27
CA PRO C 68 25.03 -56.13 5.70
C PRO C 68 24.85 -56.18 4.19
N GLN C 69 23.90 -55.38 3.69
CA GLN C 69 23.75 -55.18 2.26
C GLN C 69 24.66 -54.07 1.77
N ARG C 70 25.09 -54.18 0.52
CA ARG C 70 25.77 -53.09 -0.18
C ARG C 70 24.87 -51.86 -0.23
N TYR C 71 25.46 -50.67 -0.10
CA TYR C 71 24.68 -49.43 -0.20
C TYR C 71 25.52 -48.28 -0.73
N THR C 72 24.85 -47.33 -1.39
CA THR C 72 25.50 -46.07 -1.75
C THR C 72 25.51 -45.16 -0.52
N SER C 73 26.40 -44.17 -0.53
CA SER C 73 26.52 -43.25 0.61
C SER C 73 27.26 -42.01 0.17
N ILE C 74 27.25 -40.98 1.01
CA ILE C 74 27.93 -39.73 0.70
C ILE C 74 28.82 -39.27 1.87
N PRO C 75 29.84 -40.08 2.21
CA PRO C 75 30.66 -39.75 3.38
C PRO C 75 31.50 -38.49 3.21
N ASN C 76 31.80 -37.84 4.33
CA ASN C 76 32.78 -36.75 4.36
C ASN C 76 34.15 -37.26 3.94
N SER C 77 34.89 -36.45 3.17
CA SER C 77 36.28 -36.78 2.83
C SER C 77 37.16 -36.74 4.07
N ILE C 78 36.93 -35.73 4.90
CA ILE C 78 37.67 -35.53 6.13
C ILE C 78 36.92 -36.19 7.27
N LEU C 79 37.55 -37.18 7.91
CA LEU C 79 36.84 -38.07 8.85
C LEU C 79 37.05 -37.69 10.32
N THR C 80 37.50 -36.46 10.56
CA THR C 80 37.75 -35.95 11.91
C THR C 80 36.57 -36.12 12.85
N ASN C 81 35.37 -35.94 12.32
CA ASN C 81 34.16 -36.06 13.12
C ASN C 81 33.34 -37.29 12.77
N GLY C 82 33.95 -38.28 12.12
CA GLY C 82 33.22 -39.47 11.75
C GLY C 82 32.83 -39.52 10.27
N ILE C 83 32.08 -40.54 9.91
CA ILE C 83 31.82 -40.82 8.50
C ILE C 83 30.82 -39.87 7.85
N TRP C 84 29.72 -39.60 8.56
CA TRP C 84 28.64 -38.73 8.05
C TRP C 84 28.19 -39.15 6.64
N PRO C 85 27.64 -40.36 6.53
CA PRO C 85 27.28 -40.94 5.22
C PRO C 85 26.08 -40.25 4.53
N ALA C 86 25.27 -39.52 5.30
CA ALA C 86 24.15 -38.70 4.80
C ALA C 86 22.94 -39.47 4.23
N ALA C 87 23.16 -40.32 3.24
CA ALA C 87 22.03 -40.90 2.50
C ALA C 87 22.50 -41.94 1.52
N GLY C 88 21.62 -42.87 1.19
CA GLY C 88 21.95 -43.83 0.16
C GLY C 88 20.82 -44.81 -0.11
N ILE C 89 21.10 -45.72 -1.03
CA ILE C 89 20.15 -46.75 -1.43
C ILE C 89 20.86 -48.09 -1.27
N ASN C 90 20.19 -49.07 -0.66
CA ASN C 90 20.82 -50.40 -0.51
C ASN C 90 20.40 -51.38 -1.62
N SER C 91 20.91 -52.61 -1.58
CA SER C 91 20.69 -53.52 -2.69
C SER C 91 19.28 -54.12 -2.70
N SER C 92 18.49 -53.84 -1.65
CA SER C 92 17.05 -54.14 -1.65
C SER C 92 16.22 -52.98 -2.21
N ASN C 93 16.91 -51.99 -2.78
CA ASN C 93 16.26 -50.78 -3.28
C ASN C 93 15.45 -50.08 -2.21
N VAL C 94 16.04 -50.01 -1.02
CA VAL C 94 15.52 -49.17 0.04
C VAL C 94 16.38 -47.92 0.12
N ALA C 95 15.73 -46.76 0.21
CA ALA C 95 16.42 -45.48 0.32
C ALA C 95 16.31 -44.90 1.72
N MET C 96 17.34 -44.17 2.15
CA MET C 96 17.30 -43.52 3.45
C MET C 96 18.10 -42.24 3.40
N SER C 97 17.57 -41.16 4.00
CA SER C 97 18.37 -39.95 4.20
C SER C 97 18.28 -39.48 5.65
N ALA C 98 19.44 -39.29 6.27
CA ALA C 98 19.53 -38.91 7.67
C ALA C 98 20.69 -37.93 7.86
N THR C 99 20.41 -36.69 8.29
CA THR C 99 19.15 -36.27 8.87
C THR C 99 18.77 -34.86 8.50
N GLU C 100 17.52 -34.52 8.79
CA GLU C 100 17.05 -33.16 8.85
C GLU C 100 17.04 -32.75 10.33
N THR C 101 17.91 -31.84 10.77
CA THR C 101 17.87 -31.42 12.18
C THR C 101 16.54 -30.73 12.43
N ILE C 102 15.78 -31.18 13.43
CA ILE C 102 14.48 -30.55 13.68
C ILE C 102 14.50 -29.86 15.04
N THR C 103 13.32 -29.54 15.57
CA THR C 103 13.25 -28.85 16.85
C THR C 103 12.56 -29.73 17.91
N THR C 104 12.61 -29.24 19.14
CA THR C 104 12.08 -29.94 20.29
C THR C 104 11.56 -28.89 21.27
N ASN C 105 11.23 -29.26 22.50
CA ASN C 105 10.91 -28.25 23.50
C ASN C 105 11.29 -28.72 24.90
N SER C 106 11.26 -27.80 25.85
CA SER C 106 11.77 -28.07 27.19
C SER C 106 10.91 -29.03 27.98
N ARG C 107 9.62 -29.12 27.67
CA ARG C 107 8.71 -29.99 28.40
C ARG C 107 9.02 -31.46 28.10
N VAL C 108 9.24 -31.80 26.83
CA VAL C 108 9.60 -33.19 26.54
C VAL C 108 11.07 -33.47 26.89
N GLN C 109 11.98 -32.50 26.70
CA GLN C 109 13.37 -32.72 27.08
C GLN C 109 13.50 -32.93 28.58
N GLY C 110 12.61 -32.31 29.35
CA GLY C 110 12.61 -32.49 30.79
C GLY C 110 12.24 -33.90 31.23
N LEU C 111 11.58 -34.64 30.34
CA LEU C 111 11.13 -36.00 30.65
C LEU C 111 12.06 -37.07 30.07
N ASP C 112 12.62 -36.78 28.90
CA ASP C 112 13.48 -37.73 28.19
C ASP C 112 14.66 -36.99 27.57
N PRO C 113 15.67 -36.66 28.40
CA PRO C 113 16.82 -35.87 27.94
C PRO C 113 17.65 -36.57 26.89
N PHE C 114 18.39 -35.77 26.12
CA PHE C 114 19.38 -36.29 25.18
C PHE C 114 20.37 -37.22 25.88
N VAL C 115 20.81 -38.22 25.14
CA VAL C 115 21.79 -39.20 25.62
C VAL C 115 23.17 -38.90 25.02
N GLU C 116 24.10 -38.50 25.88
CA GLU C 116 25.39 -37.97 25.43
C GLU C 116 26.23 -39.01 24.69
N ASN C 117 26.10 -40.27 25.07
CA ASN C 117 26.80 -41.32 24.35
C ASN C 117 25.87 -42.10 23.43
N GLY C 118 24.88 -41.40 22.87
CA GLY C 118 23.91 -42.01 21.98
C GLY C 118 24.27 -41.87 20.51
N LEU C 119 23.30 -42.20 19.66
CA LEU C 119 23.47 -42.13 18.21
C LEU C 119 23.20 -40.73 17.68
N GLY C 120 23.82 -40.40 16.56
CA GLY C 120 23.60 -39.11 15.91
C GLY C 120 23.60 -39.23 14.40
N GLU C 121 23.40 -38.09 13.74
CA GLU C 121 23.46 -38.03 12.28
C GLU C 121 24.77 -38.60 11.72
N GLU C 122 25.84 -38.50 12.50
CA GLU C 122 27.12 -39.12 12.14
C GLU C 122 26.94 -40.58 11.76
N ASP C 123 25.98 -41.22 12.40
CA ASP C 123 25.91 -42.67 12.45
C ASP C 123 24.74 -43.33 11.73
N LEU C 124 23.63 -42.62 11.58
CA LEU C 124 22.36 -43.30 11.36
C LEU C 124 22.28 -44.16 10.09
N VAL C 125 22.70 -43.63 8.94
CA VAL C 125 22.59 -44.45 7.71
C VAL C 125 23.43 -45.73 7.86
N THR C 126 24.61 -45.58 8.44
CA THR C 126 25.55 -46.69 8.61
C THR C 126 24.96 -47.85 9.42
N VAL C 127 24.22 -47.51 10.46
CA VAL C 127 23.74 -48.54 11.37
C VAL C 127 22.31 -49.01 11.05
N VAL C 128 21.64 -48.36 10.10
CA VAL C 128 20.28 -48.76 9.74
C VAL C 128 20.16 -49.34 8.33
N LEU C 129 20.59 -48.57 7.33
CA LEU C 129 20.33 -48.90 5.93
C LEU C 129 20.80 -50.30 5.46
N PRO C 130 21.98 -50.78 5.90
CA PRO C 130 22.41 -52.08 5.35
C PRO C 130 21.61 -53.28 5.83
N TYR C 131 20.68 -53.09 6.77
CA TYR C 131 20.09 -54.22 7.48
C TYR C 131 18.58 -54.33 7.31
N VAL C 132 18.01 -53.55 6.39
CA VAL C 132 16.56 -53.52 6.24
C VAL C 132 16.16 -53.75 4.79
N LYS C 133 14.99 -54.33 4.58
CA LYS C 133 14.57 -54.67 3.23
C LYS C 133 13.30 -53.95 2.80
N SER C 134 12.83 -53.03 3.63
CA SER C 134 11.73 -52.15 3.25
C SER C 134 11.86 -50.84 4.00
N ALA C 135 11.15 -49.82 3.54
CA ALA C 135 11.13 -48.53 4.25
C ALA C 135 10.57 -48.72 5.65
N ARG C 136 9.51 -49.53 5.75
CA ARG C 136 8.89 -49.79 7.05
C ARG C 136 9.87 -50.45 8.00
N GLU C 137 10.64 -51.41 7.50
CA GLU C 137 11.69 -52.05 8.31
C GLU C 137 12.74 -51.06 8.77
N GLY C 138 13.06 -50.11 7.88
CA GLY C 138 13.99 -49.05 8.22
C GLY C 138 13.49 -48.23 9.40
N VAL C 139 12.22 -47.83 9.33
CA VAL C 139 11.58 -47.08 10.40
C VAL C 139 11.69 -47.86 11.70
N LYS C 140 11.34 -49.13 11.65
CA LYS C 140 11.31 -49.93 12.87
C LYS C 140 12.69 -50.18 13.47
N ARG C 141 13.68 -50.39 12.61
CA ARG C 141 15.04 -50.61 13.09
C ARG C 141 15.58 -49.33 13.73
N LEU C 142 15.35 -48.20 13.09
CA LEU C 142 15.84 -46.95 13.66
C LEU C 142 15.18 -46.69 15.02
N GLY C 143 13.87 -46.92 15.09
CA GLY C 143 13.13 -46.79 16.34
C GLY C 143 13.72 -47.66 17.45
N SER C 144 14.04 -48.92 17.12
CA SER C 144 14.62 -49.82 18.08
CA SER C 144 14.62 -49.84 18.07
C SER C 144 15.99 -49.37 18.56
N LEU C 145 16.80 -48.84 17.64
CA LEU C 145 18.14 -48.37 17.99
C LEU C 145 18.06 -47.13 18.88
N LEU C 146 17.07 -46.27 18.65
CA LEU C 146 16.90 -45.10 19.51
C LEU C 146 16.53 -45.54 20.94
N GLU C 147 15.69 -46.56 21.05
CA GLU C 147 15.33 -47.07 22.36
C GLU C 147 16.51 -47.73 23.04
N GLU C 148 17.34 -48.43 22.25
CA GLU C 148 18.45 -49.17 22.81
C GLU C 148 19.64 -48.27 23.19
N TYR C 149 19.96 -47.30 22.33
CA TYR C 149 21.19 -46.51 22.48
C TYR C 149 20.98 -45.04 22.83
N GLY C 150 19.78 -44.55 22.56
CA GLY C 150 19.46 -43.15 22.74
C GLY C 150 20.04 -42.29 21.63
N THR C 151 19.74 -41.00 21.67
CA THR C 151 20.28 -40.05 20.71
C THR C 151 20.59 -38.72 21.40
N TYR C 152 21.52 -37.95 20.84
CA TYR C 152 21.85 -36.64 21.39
C TYR C 152 21.41 -35.49 20.51
N GLU C 153 20.60 -35.78 19.50
CA GLU C 153 20.13 -34.79 18.53
C GLU C 153 18.63 -34.91 18.27
N PRO C 154 17.97 -33.81 17.89
CA PRO C 154 16.61 -33.84 17.35
C PRO C 154 16.64 -33.97 15.82
N ASN C 155 16.17 -35.11 15.29
CA ASN C 155 16.35 -35.40 13.87
C ASN C 155 15.11 -35.88 13.13
N GLY C 156 15.06 -35.57 11.84
CA GLY C 156 14.07 -36.16 10.94
C GLY C 156 14.77 -37.02 9.90
N ILE C 157 14.20 -38.18 9.63
CA ILE C 157 14.81 -39.16 8.72
C ILE C 157 13.78 -39.65 7.71
N SER C 158 14.17 -39.70 6.44
CA SER C 158 13.28 -40.22 5.41
C SER C 158 13.69 -41.63 4.99
N PHE C 159 12.70 -42.45 4.68
CA PHE C 159 12.89 -43.80 4.13
C PHE C 159 12.01 -43.98 2.92
N ALA C 160 12.46 -44.78 1.95
CA ALA C 160 11.57 -45.11 0.84
C ALA C 160 11.92 -46.45 0.23
N ASP C 161 10.90 -47.11 -0.33
CA ASP C 161 11.13 -48.21 -1.25
C ASP C 161 10.22 -47.94 -2.46
N ASN C 162 9.99 -48.94 -3.31
CA ASN C 162 9.20 -48.63 -4.50
C ASN C 162 7.71 -48.45 -4.21
N GLU C 163 7.29 -48.79 -3.00
CA GLU C 163 5.89 -48.64 -2.65
C GLU C 163 5.62 -47.46 -1.74
N GLU C 164 6.46 -47.29 -0.72
CA GLU C 164 6.15 -46.38 0.38
C GLU C 164 7.23 -45.36 0.67
N VAL C 165 6.80 -44.22 1.20
CA VAL C 165 7.68 -43.18 1.71
C VAL C 165 7.33 -42.91 3.15
N TRP C 166 8.34 -42.90 4.03
CA TRP C 166 8.14 -42.64 5.46
C TRP C 166 8.98 -41.49 5.97
N TRP C 167 8.45 -40.78 6.96
CA TRP C 167 9.19 -39.73 7.64
C TRP C 167 9.19 -40.02 9.12
N LEU C 168 10.38 -40.18 9.71
CA LEU C 168 10.51 -40.43 11.15
C LEU C 168 11.11 -39.22 11.84
N GLU C 169 10.53 -38.82 12.97
CA GLU C 169 11.12 -37.75 13.76
C GLU C 169 11.45 -38.26 15.15
N THR C 170 12.65 -37.94 15.61
CA THR C 170 13.10 -38.36 16.93
C THR C 170 12.65 -37.33 17.97
N ILE C 171 12.33 -37.84 19.15
CA ILE C 171 11.69 -37.07 20.20
C ILE C 171 12.39 -37.34 21.51
N GLY C 172 13.11 -36.36 22.04
CA GLY C 172 13.90 -36.58 23.24
C GLY C 172 15.00 -37.60 23.01
N GLY C 173 15.50 -38.17 24.09
CA GLY C 173 16.60 -39.11 24.00
C GLY C 173 16.28 -40.46 23.42
N HIS C 174 15.02 -40.88 23.51
CA HIS C 174 14.66 -42.26 23.16
C HIS C 174 13.37 -42.42 22.36
N HIS C 175 12.53 -41.39 22.31
CA HIS C 175 11.23 -41.57 21.67
C HIS C 175 11.25 -41.18 20.20
N TRP C 176 10.19 -41.56 19.49
CA TRP C 176 10.12 -41.33 18.05
C TRP C 176 8.72 -41.54 17.54
N ALA C 177 8.45 -40.98 16.37
CA ALA C 177 7.20 -41.20 15.66
C ALA C 177 7.47 -41.15 14.17
N ALA C 178 6.64 -41.86 13.41
CA ALA C 178 6.83 -41.88 11.96
C ALA C 178 5.49 -41.92 11.25
N VAL C 179 5.45 -41.29 10.08
CA VAL C 179 4.25 -41.22 9.27
C VAL C 179 4.58 -41.69 7.86
N ARG C 180 3.70 -42.52 7.31
CA ARG C 180 3.79 -42.89 5.91
C ARG C 180 3.12 -41.79 5.07
N ILE C 181 3.89 -41.22 4.15
CA ILE C 181 3.36 -40.18 3.27
C ILE C 181 2.36 -40.81 2.31
N PRO C 182 1.14 -40.26 2.22
CA PRO C 182 0.18 -40.84 1.25
C PRO C 182 0.73 -40.91 -0.17
N ASP C 183 0.33 -41.92 -0.94
CA ASP C 183 0.83 -42.10 -2.29
C ASP C 183 0.73 -40.85 -3.16
N ASP C 184 -0.34 -40.07 -2.97
CA ASP C 184 -0.62 -38.94 -3.83
C ASP C 184 -0.14 -37.61 -3.24
N ALA C 185 0.72 -37.69 -2.22
CA ALA C 185 1.10 -36.50 -1.46
C ALA C 185 2.58 -36.15 -1.60
N TYR C 186 2.92 -34.93 -1.18
CA TYR C 186 4.32 -34.55 -1.02
C TYR C 186 4.49 -33.84 0.32
N VAL C 187 5.75 -33.70 0.72
CA VAL C 187 6.12 -32.97 1.93
C VAL C 187 7.33 -32.08 1.64
N VAL C 188 7.30 -30.86 2.17
CA VAL C 188 8.50 -30.01 2.25
C VAL C 188 8.81 -29.79 3.72
N ALA C 189 10.01 -30.16 4.16
CA ALA C 189 10.35 -30.13 5.59
C ALA C 189 11.64 -29.38 5.86
N PRO C 190 11.56 -28.31 6.67
CA PRO C 190 12.75 -27.55 7.08
C PRO C 190 13.25 -28.02 8.45
N ASN C 191 14.07 -27.20 9.09
CA ASN C 191 14.71 -27.57 10.36
C ASN C 191 13.82 -27.33 11.56
N ARG C 192 12.64 -27.91 11.51
CA ARG C 192 11.61 -27.69 12.51
C ARG C 192 10.82 -28.98 12.59
N MET C 193 10.37 -29.39 13.78
CA MET C 193 9.57 -30.61 13.83
C MET C 193 8.32 -30.45 12.95
N ASN C 194 8.01 -31.50 12.18
CA ASN C 194 7.05 -31.41 11.07
C ASN C 194 5.74 -32.15 11.23
N ILE C 195 5.78 -33.32 11.88
CA ILE C 195 4.58 -34.14 11.94
C ILE C 195 3.47 -33.42 12.71
N ASP C 196 2.30 -33.29 12.10
CA ASP C 196 1.21 -32.55 12.75
C ASP C 196 0.18 -33.56 13.27
N GLN C 197 -1.06 -33.48 12.80
CA GLN C 197 -2.11 -34.39 13.27
C GLN C 197 -1.68 -35.85 13.16
N PHE C 198 -1.88 -36.62 14.23
CA PHE C 198 -1.28 -37.96 14.32
C PHE C 198 -2.24 -39.01 14.90
N ASP C 199 -2.47 -40.07 14.12
CA ASP C 199 -3.34 -41.17 14.55
C ASP C 199 -2.47 -42.37 14.98
N PHE C 200 -2.46 -42.67 16.27
CA PHE C 200 -1.58 -43.72 16.80
C PHE C 200 -1.92 -45.11 16.28
N ASP C 201 -3.19 -45.34 15.99
CA ASP C 201 -3.67 -46.67 15.61
C ASP C 201 -3.67 -46.92 14.09
N SER C 202 -3.23 -45.92 13.32
CA SER C 202 -3.25 -46.00 11.87
C SER C 202 -2.17 -46.95 11.35
N ASP C 203 -2.44 -47.64 10.24
CA ASP C 203 -1.40 -48.44 9.59
C ASP C 203 -0.35 -47.53 8.96
N ASP C 204 -0.68 -46.25 8.84
CA ASP C 204 0.21 -45.28 8.21
C ASP C 204 1.11 -44.58 9.22
N THR C 205 1.05 -45.02 10.48
CA THR C 205 1.92 -44.46 11.52
C THR C 205 2.62 -45.54 12.33
N LEU C 206 3.80 -45.21 12.86
CA LEU C 206 4.54 -46.04 13.80
C LEU C 206 5.12 -45.10 14.83
N CYS C 207 5.29 -45.59 16.06
CA CYS C 207 5.89 -44.75 17.09
C CYS C 207 6.28 -45.59 18.29
N SER C 208 6.98 -44.94 19.23
CA SER C 208 7.28 -45.50 20.53
C SER C 208 6.01 -46.09 21.14
N SER C 209 6.11 -47.31 21.69
CA SER C 209 4.90 -47.96 22.22
C SER C 209 4.27 -47.16 23.35
N ASP C 210 5.08 -46.34 24.02
CA ASP C 210 4.60 -45.54 25.14
C ASP C 210 4.33 -44.07 24.77
N LEU C 211 4.33 -43.73 23.49
CA LEU C 211 4.26 -42.30 23.13
C LEU C 211 2.97 -41.62 23.60
N LYS C 212 1.83 -42.28 23.41
CA LYS C 212 0.55 -41.68 23.81
C LYS C 212 0.50 -41.53 25.32
N ASP C 213 0.95 -42.54 26.05
CA ASP C 213 1.00 -42.48 27.50
C ASP C 213 1.94 -41.37 27.97
N LEU C 214 3.07 -41.21 27.30
CA LEU C 214 4.02 -40.15 27.65
C LEU C 214 3.32 -38.80 27.59
N ILE C 215 2.55 -38.61 26.51
CA ILE C 215 1.80 -37.37 26.31
C ILE C 215 0.69 -37.21 27.33
N ASP C 216 -0.16 -38.22 27.44
CA ASP C 216 -1.35 -38.16 28.29
C ASP C 216 -1.02 -38.02 29.77
N ASN C 217 0.00 -38.72 30.23
CA ASN C 217 0.31 -38.81 31.66
C ASN C 217 1.15 -37.67 32.18
N ASN C 218 1.68 -36.83 31.29
CA ASN C 218 2.56 -35.75 31.73
C ASN C 218 2.10 -34.38 31.26
N ASN C 219 0.82 -34.27 30.90
CA ASN C 219 0.22 -32.99 30.52
C ASN C 219 1.03 -32.28 29.43
N LEU C 220 1.46 -33.04 28.43
CA LEU C 220 2.27 -32.47 27.35
C LEU C 220 1.41 -31.88 26.24
N ASN C 221 0.12 -32.23 26.20
CA ASN C 221 -0.73 -31.85 25.06
C ASN C 221 -1.33 -30.45 25.23
N PRO C 222 -0.94 -29.49 24.37
CA PRO C 222 -1.48 -28.13 24.52
C PRO C 222 -2.86 -27.96 23.90
N ASP C 223 -3.30 -28.94 23.10
CA ASP C 223 -4.54 -28.77 22.38
C ASP C 223 -5.74 -29.34 23.10
N PHE C 224 -6.89 -28.73 22.87
CA PHE C 224 -8.14 -29.15 23.50
C PHE C 224 -8.62 -30.49 22.97
N GLU C 225 -8.36 -30.74 21.70
CA GLU C 225 -8.76 -31.98 21.06
C GLU C 225 -7.63 -32.58 20.25
N ASN C 226 -7.58 -33.90 20.17
CA ASN C 226 -6.68 -34.63 19.28
C ASN C 226 -5.18 -34.47 19.60
N TYR C 227 -4.35 -35.04 18.73
CA TYR C 227 -2.91 -35.03 18.91
C TYR C 227 -2.19 -34.50 17.67
N ASN C 228 -1.47 -33.41 17.86
CA ASN C 228 -0.62 -32.82 16.85
C ASN C 228 0.80 -32.92 17.37
N LEU C 229 1.64 -33.76 16.75
CA LEU C 229 2.91 -34.07 17.40
C LEU C 229 3.86 -32.88 17.51
N ARG C 230 3.86 -31.99 16.52
CA ARG C 230 4.81 -30.88 16.61
C ARG C 230 4.28 -29.82 17.59
N HIS C 231 2.97 -29.73 17.77
CA HIS C 231 2.42 -28.91 18.84
C HIS C 231 2.88 -29.42 20.21
N ILE C 232 2.92 -30.74 20.35
CA ILE C 232 3.24 -31.38 21.62
C ILE C 232 4.75 -31.43 21.88
N PHE C 233 5.50 -31.83 20.85
CA PHE C 233 6.91 -32.18 21.02
C PHE C 233 7.86 -31.20 20.33
N GLY C 234 7.31 -30.29 19.54
CA GLY C 234 8.13 -29.43 18.70
C GLY C 234 8.11 -27.97 19.12
N SER C 235 8.32 -27.09 18.15
CA SER C 235 8.41 -25.67 18.41
C SER C 235 7.48 -24.87 17.51
N ALA C 236 7.10 -23.68 17.97
CA ALA C 236 6.49 -22.67 17.13
C ALA C 236 7.05 -21.35 17.63
N SER C 237 8.33 -21.14 17.33
CA SER C 237 9.09 -20.03 17.88
C SER C 237 9.17 -18.87 16.92
N ILE C 238 9.64 -17.74 17.41
CA ILE C 238 9.90 -16.61 16.55
C ILE C 238 10.96 -17.00 15.52
N LYS C 239 11.99 -17.72 15.95
CA LYS C 239 13.04 -18.11 15.00
C LYS C 239 12.47 -18.99 13.90
N ASP C 240 11.48 -19.83 14.24
CA ASP C 240 10.84 -20.66 13.21
C ASP C 240 10.27 -19.80 12.07
N THR C 241 9.76 -18.61 12.39
CA THR C 241 9.10 -17.77 11.39
C THR C 241 10.05 -17.26 10.33
N VAL C 242 11.35 -17.25 10.63
CA VAL C 242 12.31 -16.75 9.64
C VAL C 242 13.25 -17.84 9.15
N TYR C 243 13.51 -18.86 9.97
CA TYR C 243 14.48 -19.89 9.63
C TYR C 243 13.85 -21.07 8.92
N ASN C 244 12.58 -21.31 9.22
CA ASN C 244 11.95 -22.58 8.84
C ASN C 244 10.70 -22.43 7.99
N ASN C 245 9.70 -21.77 8.55
CA ASN C 245 8.40 -21.69 7.89
C ASN C 245 8.45 -21.13 6.45
N PRO C 246 9.28 -20.11 6.18
CA PRO C 246 9.25 -19.60 4.80
C PRO C 246 9.73 -20.62 3.75
N ARG C 247 10.61 -21.53 4.15
CA ARG C 247 11.05 -22.58 3.23
C ARG C 247 9.90 -23.51 2.90
N THR C 248 9.19 -23.96 3.94
CA THR C 248 7.98 -24.77 3.73
C THR C 248 6.98 -24.04 2.85
N TRP C 249 6.76 -22.76 3.17
CA TRP C 249 5.81 -21.95 2.43
C TRP C 249 6.17 -21.83 0.95
N TYR C 250 7.45 -21.57 0.67
CA TYR C 250 7.85 -21.35 -0.72
C TYR C 250 7.63 -22.64 -1.52
N GLY C 251 7.98 -23.77 -0.94
CA GLY C 251 7.76 -25.05 -1.60
C GLY C 251 6.28 -25.34 -1.82
N GLN C 252 5.47 -25.06 -0.81
CA GLN C 252 4.03 -25.31 -0.95
C GLN C 252 3.38 -24.33 -1.94
N LYS C 253 3.89 -23.10 -1.98
CA LYS C 253 3.38 -22.16 -2.98
C LYS C 253 3.69 -22.62 -4.40
N PHE C 254 4.83 -23.28 -4.58
CA PHE C 254 5.25 -23.76 -5.88
C PHE C 254 4.40 -24.96 -6.34
N PHE C 255 4.17 -25.90 -5.42
CA PHE C 255 3.46 -27.13 -5.76
C PHE C 255 1.94 -27.02 -5.59
N SER C 256 1.52 -26.22 -4.62
CA SER C 256 0.10 -26.08 -4.27
C SER C 256 -0.32 -24.61 -4.17
N PRO C 257 -0.15 -23.85 -5.27
CA PRO C 257 -0.36 -22.39 -5.24
C PRO C 257 -1.76 -21.98 -4.80
N ASP C 258 -2.77 -22.75 -5.18
CA ASP C 258 -4.15 -22.34 -4.88
C ASP C 258 -4.61 -22.76 -3.50
N ASP C 259 -3.78 -23.56 -2.81
CA ASP C 259 -4.12 -24.01 -1.46
C ASP C 259 -3.22 -23.36 -0.41
N THR C 260 -2.35 -22.45 -0.85
CA THR C 260 -1.37 -21.86 0.05
C THR C 260 -1.52 -20.34 0.11
N ALA C 261 -1.60 -19.79 1.33
CA ALA C 261 -1.79 -18.36 1.53
C ALA C 261 -0.48 -17.59 1.33
N ASP C 262 -0.47 -16.32 1.70
CA ASP C 262 0.66 -15.46 1.36
C ASP C 262 1.50 -15.05 2.56
N ASP C 263 1.43 -15.85 3.62
CA ASP C 263 2.18 -15.58 4.83
C ASP C 263 3.28 -16.62 5.03
N PRO C 264 4.53 -16.27 4.67
CA PRO C 264 5.64 -17.22 4.80
C PRO C 264 5.94 -17.59 6.26
N MET C 265 5.42 -16.81 7.21
CA MET C 265 5.78 -17.02 8.61
C MET C 265 4.84 -18.00 9.33
N GLU C 266 3.78 -18.41 8.63
CA GLU C 266 2.73 -19.30 9.17
C GLU C 266 3.29 -20.52 9.89
N GLN C 267 2.83 -20.73 11.12
CA GLN C 267 3.32 -21.80 12.00
C GLN C 267 2.58 -23.11 11.83
N ASP C 268 1.42 -23.06 11.17
CA ASP C 268 0.63 -24.28 11.00
C ASP C 268 0.39 -24.64 9.53
N LEU C 269 1.42 -24.45 8.71
CA LEU C 269 1.38 -25.00 7.37
C LEU C 269 1.23 -26.52 7.47
N PRO C 270 0.44 -27.10 6.58
CA PRO C 270 0.30 -28.55 6.63
C PRO C 270 1.61 -29.28 6.40
N PHE C 271 1.72 -30.45 7.01
CA PHE C 271 2.82 -31.37 6.78
C PHE C 271 2.58 -32.08 5.45
N ILE C 272 1.50 -32.87 5.39
CA ILE C 272 1.12 -33.55 4.16
C ILE C 272 0.38 -32.63 3.19
N CYS C 273 0.86 -32.57 1.95
CA CYS C 273 0.28 -31.71 0.93
C CYS C 273 -0.06 -32.46 -0.35
N HIS C 274 -0.93 -31.84 -1.14
CA HIS C 274 -1.32 -32.38 -2.45
C HIS C 274 -1.11 -31.33 -3.53
N ALA C 275 -0.24 -31.63 -4.48
CA ALA C 275 0.13 -30.69 -5.52
C ALA C 275 -0.97 -30.59 -6.58
N ASN C 276 -0.93 -29.53 -7.40
CA ASN C 276 -1.92 -29.37 -8.47
C ASN C 276 -1.48 -30.06 -9.77
N ARG C 277 -0.38 -30.81 -9.69
CA ARG C 277 0.20 -31.50 -10.83
C ARG C 277 1.16 -32.57 -10.33
N LYS C 278 1.60 -33.46 -11.22
CA LYS C 278 2.59 -34.45 -10.84
C LYS C 278 3.98 -33.82 -10.82
N ILE C 279 4.84 -34.36 -9.97
CA ILE C 279 6.12 -33.74 -9.61
C ILE C 279 7.29 -34.44 -10.27
N SER C 280 8.16 -33.64 -10.88
CA SER C 280 9.35 -34.17 -11.56
C SER C 280 10.59 -33.98 -10.70
N VAL C 281 11.66 -34.69 -11.07
CA VAL C 281 12.95 -34.51 -10.41
C VAL C 281 13.40 -33.06 -10.60
N GLU C 282 13.18 -32.52 -11.80
CA GLU C 282 13.50 -31.12 -12.08
C GLU C 282 12.79 -30.16 -11.11
N ASP C 283 11.51 -30.42 -10.83
CA ASP C 283 10.77 -29.63 -9.84
C ASP C 283 11.42 -29.68 -8.47
N VAL C 284 11.78 -30.89 -8.03
CA VAL C 284 12.35 -31.04 -6.70
C VAL C 284 13.67 -30.27 -6.62
N LYS C 285 14.53 -30.41 -7.63
CA LYS C 285 15.80 -29.70 -7.63
C LYS C 285 15.59 -28.18 -7.65
N PHE C 286 14.60 -27.70 -8.39
CA PHE C 286 14.30 -26.26 -8.37
C PHE C 286 14.01 -25.79 -6.95
N VAL C 287 13.12 -26.48 -6.24
CA VAL C 287 12.77 -26.01 -4.90
C VAL C 287 13.99 -26.12 -3.99
N LEU C 288 14.75 -27.20 -4.13
CA LEU C 288 15.94 -27.39 -3.30
C LEU C 288 17.08 -26.42 -3.64
N SER C 289 16.94 -25.69 -4.73
CA SER C 289 17.95 -24.69 -5.11
C SER C 289 17.47 -23.27 -4.91
N SER C 290 16.29 -23.11 -4.31
CA SER C 290 15.59 -21.82 -4.38
C SER C 290 16.04 -20.82 -3.30
N HIS C 291 15.75 -19.57 -3.58
CA HIS C 291 16.09 -18.45 -2.71
C HIS C 291 14.97 -17.43 -2.83
N PHE C 292 13.74 -17.94 -2.70
CA PHE C 292 12.53 -17.09 -2.70
C PHE C 292 12.43 -16.22 -3.94
N GLU C 293 12.77 -16.79 -5.09
CA GLU C 293 12.68 -16.07 -6.36
C GLU C 293 11.32 -15.44 -6.53
N ASN C 294 11.35 -14.21 -7.05
CA ASN C 294 10.16 -13.41 -7.34
C ASN C 294 9.40 -12.99 -6.07
N THR C 295 10.14 -12.92 -4.95
CA THR C 295 9.63 -12.25 -3.75
C THR C 295 10.69 -11.28 -3.23
N LYS C 296 10.27 -10.43 -2.30
CA LYS C 296 11.17 -9.47 -1.71
C LYS C 296 12.20 -10.13 -0.77
N TYR C 297 12.07 -11.43 -0.54
CA TYR C 297 12.96 -12.15 0.38
C TYR C 297 14.13 -12.81 -0.34
N ASP C 298 14.21 -12.59 -1.66
CA ASP C 298 15.28 -13.13 -2.49
C ASP C 298 16.54 -12.30 -2.29
N VAL C 299 17.59 -12.94 -1.77
CA VAL C 299 18.83 -12.22 -1.47
C VAL C 299 19.48 -11.68 -2.74
N TYR C 300 19.15 -12.28 -3.89
CA TYR C 300 19.64 -11.82 -5.18
C TYR C 300 18.65 -10.88 -5.89
N GLY C 301 17.56 -10.53 -5.21
CA GLY C 301 16.46 -9.80 -5.80
C GLY C 301 16.46 -8.30 -5.49
N SER C 302 15.27 -7.71 -5.54
CA SER C 302 15.13 -6.25 -5.51
C SER C 302 14.67 -5.71 -4.15
N GLY C 303 14.53 -6.57 -3.16
CA GLY C 303 14.04 -6.16 -1.86
C GLY C 303 15.03 -5.29 -1.08
N SER C 304 14.54 -4.75 0.04
CA SER C 304 15.39 -4.00 0.94
C SER C 304 16.46 -4.90 1.54
N GLN C 305 17.53 -4.31 2.06
CA GLN C 305 18.59 -5.10 2.66
C GLN C 305 18.04 -5.98 3.78
N SER C 306 17.11 -5.46 4.58
CA SER C 306 16.58 -6.26 5.67
C SER C 306 15.67 -7.38 5.13
N ASP C 307 14.83 -7.09 4.13
CA ASP C 307 13.97 -8.15 3.58
C ASP C 307 14.78 -9.24 2.89
N LYS C 308 15.86 -8.85 2.21
CA LYS C 308 16.71 -9.79 1.46
C LYS C 308 17.46 -10.77 2.34
N THR C 309 17.63 -10.42 3.61
CA THR C 309 18.42 -11.21 4.54
C THR C 309 17.58 -11.75 5.69
N LEU C 310 16.26 -11.55 5.61
CA LEU C 310 15.38 -11.94 6.71
C LEU C 310 15.21 -13.46 6.84
N PHE C 311 15.11 -14.14 5.70
CA PHE C 311 14.82 -15.57 5.68
C PHE C 311 16.02 -16.43 5.27
N ARG C 312 16.15 -17.59 5.90
CA ARG C 312 17.12 -18.58 5.46
C ARG C 312 16.66 -19.21 4.14
N PRO C 313 17.48 -19.11 3.08
CA PRO C 313 17.08 -19.70 1.79
C PRO C 313 17.26 -21.22 1.79
N ILE C 314 16.76 -21.86 0.74
CA ILE C 314 16.87 -23.31 0.61
C ILE C 314 18.19 -23.67 -0.09
N GLY C 315 18.40 -23.14 -1.29
CA GLY C 315 19.74 -23.14 -1.88
C GLY C 315 20.60 -22.23 -1.02
N ILE C 316 21.81 -22.65 -0.67
CA ILE C 316 22.60 -21.87 0.27
C ILE C 316 24.08 -22.22 0.15
N ASN C 317 24.95 -21.30 0.57
CA ASN C 317 26.39 -21.51 0.42
C ASN C 317 26.86 -22.81 1.08
N ARG C 318 26.17 -23.23 2.13
CA ARG C 318 26.64 -24.41 2.85
C ARG C 318 25.86 -25.70 2.48
N ASN C 319 25.22 -25.71 1.29
CA ASN C 319 24.81 -26.99 0.67
C ASN C 319 26.09 -27.80 0.42
N HIS C 320 26.32 -28.87 1.16
CA HIS C 320 27.52 -29.68 0.90
C HIS C 320 27.23 -30.72 -0.19
N ASN C 321 26.12 -31.41 -0.05
CA ASN C 321 25.60 -32.21 -1.15
C ASN C 321 24.10 -32.06 -1.19
N VAL C 322 23.53 -32.34 -2.35
CA VAL C 322 22.10 -32.50 -2.50
C VAL C 322 21.89 -33.87 -3.12
N HIS C 323 20.94 -34.62 -2.57
CA HIS C 323 20.65 -35.94 -3.10
C HIS C 323 19.15 -36.08 -3.26
N ILE C 324 18.77 -36.70 -4.38
CA ILE C 324 17.39 -37.07 -4.61
C ILE C 324 17.40 -38.58 -4.84
N LEU C 325 16.85 -39.32 -3.88
CA LEU C 325 16.85 -40.78 -3.96
C LEU C 325 15.54 -41.23 -4.58
N GLN C 326 15.62 -41.88 -5.73
CA GLN C 326 14.45 -42.24 -6.51
C GLN C 326 14.36 -43.76 -6.64
N ILE C 327 13.24 -44.33 -6.23
CA ILE C 327 13.00 -45.74 -6.53
C ILE C 327 11.93 -45.82 -7.60
N ARG C 328 12.33 -46.22 -8.80
CA ARG C 328 11.44 -46.18 -9.95
C ARG C 328 10.57 -47.42 -10.02
N ASN C 329 9.41 -47.27 -10.67
CA ASN C 329 8.50 -48.38 -10.89
C ASN C 329 8.24 -48.65 -12.38
N ASN C 330 8.82 -47.83 -13.26
CA ASN C 330 8.59 -48.01 -14.69
C ASN C 330 9.70 -48.82 -15.35
N VAL C 331 10.55 -49.45 -14.53
CA VAL C 331 11.70 -50.21 -15.01
C VAL C 331 11.90 -51.48 -14.18
N PRO C 332 12.68 -52.45 -14.71
CA PRO C 332 13.04 -53.63 -13.92
C PRO C 332 13.82 -53.26 -12.67
N THR C 333 13.75 -54.11 -11.65
CA THR C 333 14.36 -53.81 -10.37
C THR C 333 15.86 -53.51 -10.48
N GLU C 334 16.53 -54.06 -11.50
CA GLU C 334 17.97 -53.86 -11.66
C GLU C 334 18.38 -52.42 -11.88
N ILE C 335 17.43 -51.61 -12.34
CA ILE C 335 17.73 -50.20 -12.57
C ILE C 335 16.73 -49.28 -11.88
N ALA C 336 16.03 -49.80 -10.89
CA ALA C 336 15.02 -49.00 -10.21
C ALA C 336 15.62 -47.91 -9.33
N GLY C 337 16.75 -48.19 -8.69
CA GLY C 337 17.31 -47.27 -7.71
C GLY C 337 18.25 -46.23 -8.32
N ILE C 338 17.88 -44.96 -8.20
CA ILE C 338 18.68 -43.87 -8.75
C ILE C 338 19.09 -42.93 -7.61
N HIS C 339 20.39 -42.73 -7.46
CA HIS C 339 20.93 -41.83 -6.44
C HIS C 339 21.35 -40.53 -7.15
N TRP C 340 20.39 -39.61 -7.31
CA TRP C 340 20.71 -38.32 -7.93
C TRP C 340 21.61 -37.52 -7.00
N LEU C 341 22.64 -36.88 -7.52
CA LEU C 341 23.65 -36.26 -6.66
C LEU C 341 24.24 -34.99 -7.27
N ALA C 342 24.43 -33.97 -6.42
CA ALA C 342 25.24 -32.81 -6.76
C ALA C 342 25.95 -32.29 -5.51
N TYR C 343 26.91 -31.41 -5.72
CA TYR C 343 27.76 -30.85 -4.67
C TYR C 343 27.74 -29.33 -4.67
N GLY C 344 27.97 -28.73 -3.50
CA GLY C 344 28.10 -27.28 -3.43
C GLY C 344 26.78 -26.53 -3.53
N ALA C 345 26.83 -25.21 -3.39
CA ALA C 345 25.61 -24.40 -3.40
C ALA C 345 24.77 -24.70 -4.63
N ASN C 346 23.49 -24.97 -4.42
CA ASN C 346 22.65 -25.57 -5.47
C ASN C 346 22.29 -24.62 -6.61
N THR C 347 22.65 -23.35 -6.48
CA THR C 347 22.40 -22.39 -7.54
C THR C 347 23.18 -22.65 -8.82
N PHE C 348 24.33 -23.31 -8.74
CA PHE C 348 25.13 -23.47 -9.96
C PHE C 348 25.56 -24.91 -10.22
N ASN C 349 24.76 -25.87 -9.77
CA ASN C 349 25.05 -27.27 -10.05
C ASN C 349 23.85 -27.95 -10.71
N THR C 350 24.00 -29.23 -11.06
CA THR C 350 22.89 -30.05 -11.54
C THR C 350 22.97 -31.42 -10.89
N VAL C 351 21.82 -31.99 -10.51
CA VAL C 351 21.83 -33.37 -10.00
C VAL C 351 21.99 -34.35 -11.16
N VAL C 352 22.83 -35.36 -10.93
CA VAL C 352 23.17 -36.37 -11.91
C VAL C 352 22.54 -37.70 -11.48
N PRO C 353 21.84 -38.39 -12.39
CA PRO C 353 21.09 -39.59 -12.01
C PRO C 353 21.93 -40.87 -11.96
N PHE C 354 22.79 -41.00 -10.96
CA PHE C 354 23.61 -42.21 -10.88
C PHE C 354 22.78 -43.45 -10.56
N TYR C 355 23.02 -44.53 -11.30
CA TYR C 355 22.44 -45.82 -10.93
C TYR C 355 23.07 -46.29 -9.63
N ALA C 356 22.25 -46.73 -8.70
CA ALA C 356 22.74 -47.16 -7.40
C ALA C 356 23.25 -48.61 -7.44
N ASN C 357 22.83 -49.38 -8.44
CA ASN C 357 23.18 -50.81 -8.54
C ASN C 357 24.57 -51.01 -9.15
N VAL C 358 25.57 -50.57 -8.40
CA VAL C 358 26.97 -50.59 -8.80
C VAL C 358 27.86 -50.95 -7.63
N ASN C 359 29.09 -51.37 -7.90
CA ASN C 359 30.04 -51.73 -6.84
C ASN C 359 31.06 -50.63 -6.55
N ASP C 360 31.08 -49.61 -7.41
CA ASP C 360 32.05 -48.52 -7.27
C ASP C 360 31.44 -47.29 -7.93
N THR C 361 32.07 -46.14 -7.73
CA THR C 361 31.50 -44.86 -8.15
C THR C 361 32.49 -44.05 -9.01
N PRO C 362 31.99 -43.10 -9.81
CA PRO C 362 32.87 -42.35 -10.71
C PRO C 362 33.91 -41.47 -9.99
N VAL C 363 35.12 -41.41 -10.53
CA VAL C 363 36.23 -40.75 -9.86
C VAL C 363 35.97 -39.26 -9.58
N GLN C 364 35.29 -38.55 -10.48
CA GLN C 364 35.08 -37.12 -10.25
C GLN C 364 34.15 -36.87 -9.08
N TYR C 365 33.41 -37.89 -8.66
CA TYR C 365 32.49 -37.75 -7.53
C TYR C 365 32.98 -38.48 -6.29
N LYS C 366 33.93 -39.38 -6.45
CA LYS C 366 34.40 -40.21 -5.35
C LYS C 366 35.63 -39.65 -4.63
N ASN C 367 36.48 -38.94 -5.36
CA ASN C 367 37.85 -38.82 -4.83
CA ASN C 367 37.88 -38.75 -4.97
C ASN C 367 38.24 -37.44 -4.28
N ALA C 368 37.27 -36.67 -3.82
CA ALA C 368 37.62 -35.42 -3.15
C ALA C 368 38.40 -35.68 -1.86
N THR C 369 39.41 -34.85 -1.65
CA THR C 369 40.14 -34.81 -0.38
C THR C 369 40.12 -33.40 0.18
N GLY C 370 40.87 -33.17 1.25
CA GLY C 370 40.95 -31.84 1.81
C GLY C 370 41.79 -30.90 0.96
N LYS C 371 42.46 -31.44 -0.06
CA LYS C 371 43.25 -30.61 -0.96
C LYS C 371 42.37 -30.10 -2.11
N PHE C 372 42.40 -28.79 -2.34
CA PHE C 372 41.64 -28.19 -3.43
C PHE C 372 42.03 -28.79 -4.78
N ASP C 373 41.05 -29.34 -5.49
CA ASP C 373 41.31 -29.99 -6.77
C ASP C 373 40.16 -29.76 -7.74
N LEU C 374 40.41 -28.95 -8.76
CA LEU C 374 39.36 -28.55 -9.68
C LEU C 374 39.04 -29.62 -10.71
N ASN C 375 39.74 -30.75 -10.64
CA ASN C 375 39.37 -31.93 -11.42
C ASN C 375 38.27 -32.73 -10.72
N ASN C 376 38.00 -32.36 -9.48
CA ASN C 376 36.96 -33.00 -8.68
C ASN C 376 35.67 -32.17 -8.67
N MET C 377 34.52 -32.84 -8.71
CA MET C 377 33.24 -32.11 -8.84
C MET C 377 32.82 -31.37 -7.57
N TYR C 378 33.30 -31.79 -6.40
CA TYR C 378 32.97 -31.02 -5.20
C TYR C 378 33.62 -29.64 -5.33
N TRP C 379 34.93 -29.59 -5.54
CA TRP C 379 35.62 -28.31 -5.57
C TRP C 379 35.22 -27.46 -6.78
N LEU C 380 35.01 -28.10 -7.93
CA LEU C 380 34.61 -27.38 -9.14
C LEU C 380 33.22 -26.74 -8.97
N SER C 381 32.28 -27.49 -8.39
CA SER C 381 30.93 -26.98 -8.21
C SER C 381 30.92 -25.82 -7.20
N CYS C 382 31.69 -25.95 -6.13
CA CYS C 382 31.74 -24.89 -5.13
C CYS C 382 32.33 -23.63 -5.73
N THR C 383 33.39 -23.79 -6.52
CA THR C 383 34.02 -22.64 -7.16
C THR C 383 33.03 -21.92 -8.07
N THR C 384 32.26 -22.68 -8.84
CA THR C 384 31.26 -22.10 -9.76
C THR C 384 30.22 -21.29 -9.01
N ALA C 385 29.68 -21.87 -7.93
CA ALA C 385 28.64 -21.20 -7.16
C ALA C 385 29.14 -19.94 -6.46
N LEU C 386 30.38 -19.94 -5.97
CA LEU C 386 30.94 -18.74 -5.36
C LEU C 386 31.05 -17.62 -6.39
N LEU C 387 31.60 -17.93 -7.56
CA LEU C 387 31.72 -16.91 -8.61
C LEU C 387 30.32 -16.41 -8.98
N GLY C 388 29.37 -17.32 -9.15
CA GLY C 388 28.02 -16.92 -9.52
C GLY C 388 27.39 -15.96 -8.52
N ASP C 389 27.64 -16.21 -7.24
CA ASP C 389 27.13 -15.40 -6.14
C ASP C 389 27.60 -13.95 -6.20
N THR C 390 28.75 -13.70 -6.82
CA THR C 390 29.29 -12.33 -6.85
C THR C 390 28.53 -11.41 -7.80
N ASP C 391 27.79 -11.98 -8.74
CA ASP C 391 26.96 -11.18 -9.65
C ASP C 391 25.90 -12.08 -10.29
N TYR C 392 24.91 -12.47 -9.49
CA TYR C 392 23.97 -13.51 -9.90
C TYR C 392 23.23 -13.15 -11.18
N ASP C 393 22.72 -11.92 -11.27
CA ASP C 393 21.96 -11.53 -12.46
C ASP C 393 22.82 -11.54 -13.73
N PHE C 394 24.12 -11.35 -13.58
CA PHE C 394 25.06 -11.37 -14.70
C PHE C 394 25.30 -12.80 -15.19
N TYR C 395 25.31 -13.75 -14.26
CA TYR C 395 25.65 -15.13 -14.62
C TYR C 395 24.45 -16.07 -14.80
N VAL C 396 23.25 -15.62 -14.46
CA VAL C 396 22.12 -16.54 -14.34
C VAL C 396 21.68 -17.08 -15.71
N ASP C 397 21.90 -16.33 -16.79
CA ASP C 397 21.45 -16.83 -18.09
C ASP C 397 22.33 -18.00 -18.51
N MET C 398 23.64 -17.89 -18.28
CA MET C 398 24.53 -19.03 -18.53
C MET C 398 24.15 -20.21 -17.65
N ARG C 399 23.83 -19.92 -16.39
CA ARG C 399 23.40 -20.94 -15.45
C ARG C 399 22.18 -21.67 -16.00
N ASN C 400 21.17 -20.92 -16.42
CA ASN C 400 19.95 -21.52 -16.92
C ASN C 400 20.17 -22.37 -18.16
N ASP C 401 21.01 -21.87 -19.08
CA ASP C 401 21.34 -22.61 -20.29
C ASP C 401 22.00 -23.93 -19.94
N TYR C 402 22.96 -23.86 -19.03
CA TYR C 402 23.68 -25.03 -18.55
C TYR C 402 22.76 -26.06 -17.90
N GLU C 403 21.80 -25.60 -17.09
CA GLU C 403 20.91 -26.58 -16.45
C GLU C 403 20.10 -27.39 -17.48
N LEU C 404 19.54 -26.71 -18.47
CA LEU C 404 18.73 -27.41 -19.49
C LEU C 404 19.60 -28.36 -20.30
N ASP C 405 20.76 -27.87 -20.73
CA ASP C 405 21.66 -28.63 -21.55
C ASP C 405 22.17 -29.87 -20.82
N ALA C 406 22.56 -29.69 -19.56
CA ALA C 406 23.12 -30.81 -18.79
C ALA C 406 22.04 -31.83 -18.46
N MET C 407 20.88 -31.38 -17.98
CA MET C 407 19.82 -32.31 -17.61
CA MET C 407 19.83 -32.32 -17.60
C MET C 407 19.33 -33.07 -18.83
N SER C 408 19.34 -32.41 -19.98
CA SER C 408 18.95 -33.08 -21.24
C SER C 408 19.92 -34.22 -21.55
N ALA C 409 21.20 -33.94 -21.41
CA ALA C 409 22.23 -34.94 -21.67
C ALA C 409 22.11 -36.11 -20.71
N TYR C 410 21.85 -35.82 -19.43
CA TYR C 410 21.74 -36.91 -18.45
C TYR C 410 20.57 -37.80 -18.82
N ARG C 411 19.47 -37.18 -19.22
CA ARG C 411 18.25 -37.94 -19.49
C ARG C 411 18.43 -38.82 -20.71
N LYS C 412 19.17 -38.32 -21.70
CA LYS C 412 19.46 -39.09 -22.89
C LYS C 412 20.29 -40.33 -22.52
N ILE C 413 21.30 -40.16 -21.68
CA ILE C 413 22.11 -41.31 -21.25
C ILE C 413 21.25 -42.28 -20.44
N GLN C 414 20.45 -41.76 -19.52
CA GLN C 414 19.55 -42.62 -18.74
C GLN C 414 18.58 -43.36 -19.66
N ASN C 415 17.95 -42.66 -20.60
CA ASN C 415 16.99 -43.32 -21.49
C ASN C 415 17.66 -44.40 -22.34
N ASP C 416 18.85 -44.12 -22.87
CA ASP C 416 19.55 -45.12 -23.68
C ASP C 416 19.95 -46.32 -22.84
N THR C 417 20.43 -46.07 -21.62
CA THR C 417 20.89 -47.14 -20.72
C THR C 417 19.72 -47.99 -20.27
N ASP C 418 18.62 -47.35 -19.90
CA ASP C 418 17.40 -48.07 -19.53
C ASP C 418 16.91 -48.97 -20.67
N ALA C 419 16.94 -48.44 -21.89
CA ALA C 419 16.36 -49.15 -23.03
C ALA C 419 17.13 -50.41 -23.41
N ASP C 420 18.40 -50.47 -23.04
CA ASP C 420 19.27 -51.56 -23.46
C ASP C 420 19.61 -52.51 -22.29
N ILE C 421 18.82 -52.47 -21.23
CA ILE C 421 19.13 -53.19 -20.01
C ILE C 421 18.95 -54.70 -20.12
N SER C 422 18.00 -55.13 -20.95
CA SER C 422 17.66 -56.54 -20.99
C SER C 422 18.79 -57.41 -21.53
N GLY C 423 19.15 -58.42 -20.77
CA GLY C 423 20.17 -59.35 -21.22
C GLY C 423 21.59 -58.95 -20.86
N GLN C 424 21.79 -57.81 -20.20
CA GLN C 424 23.14 -57.43 -19.79
C GLN C 424 23.65 -58.44 -18.76
N LYS C 425 24.74 -59.11 -19.09
CA LYS C 425 25.25 -60.20 -18.28
C LYS C 425 25.95 -59.76 -17.00
N ASP C 426 26.59 -58.59 -17.03
CA ASP C 426 27.27 -58.04 -15.88
C ASP C 426 26.65 -56.68 -15.59
N ILE C 427 25.63 -56.68 -14.76
CA ILE C 427 24.83 -55.48 -14.54
C ILE C 427 25.66 -54.35 -13.92
N GLU C 428 26.48 -54.67 -12.92
CA GLU C 428 27.26 -53.61 -12.27
C GLU C 428 28.26 -52.97 -13.23
N LYS C 429 28.87 -53.76 -14.10
CA LYS C 429 29.82 -53.19 -15.06
C LYS C 429 29.11 -52.30 -16.07
N TYR C 430 27.94 -52.74 -16.50
CA TYR C 430 27.11 -51.99 -17.44
C TYR C 430 26.68 -50.65 -16.81
N LEU C 431 26.21 -50.70 -15.58
CA LEU C 431 25.74 -49.47 -14.94
C LEU C 431 26.91 -48.60 -14.45
N GLU C 432 28.04 -49.21 -14.11
CA GLU C 432 29.21 -48.38 -13.80
C GLU C 432 29.67 -47.61 -15.02
N ASN C 433 29.55 -48.23 -16.19
CA ASN C 433 29.90 -47.55 -17.42
C ASN C 433 28.96 -46.38 -17.69
N ALA C 434 27.68 -46.60 -17.42
CA ALA C 434 26.67 -45.56 -17.58
C ALA C 434 26.96 -44.41 -16.63
N ASN C 435 27.31 -44.73 -15.38
CA ASN C 435 27.61 -43.69 -14.40
C ASN C 435 28.87 -42.93 -14.79
N LYS C 436 29.84 -43.64 -15.37
CA LYS C 436 31.04 -42.97 -15.85
C LYS C 436 30.69 -41.98 -16.96
N LYS C 437 29.81 -42.38 -17.89
CA LYS C 437 29.42 -41.47 -18.96
C LYS C 437 28.71 -40.24 -18.36
N LEU C 438 27.85 -40.49 -17.39
CA LEU C 438 27.13 -39.41 -16.72
C LEU C 438 28.08 -38.44 -16.01
N ALA C 439 29.02 -38.98 -15.24
CA ALA C 439 29.97 -38.14 -14.51
C ALA C 439 30.88 -37.39 -15.48
N ASP C 440 31.30 -38.04 -16.56
CA ASP C 440 32.16 -37.37 -17.55
C ASP C 440 31.45 -36.16 -18.16
N VAL C 441 30.20 -36.34 -18.56
CA VAL C 441 29.40 -35.27 -19.16
CA VAL C 441 29.51 -35.23 -19.19
C VAL C 441 29.13 -34.17 -18.14
N ALA C 442 28.82 -34.59 -16.92
CA ALA C 442 28.55 -33.62 -15.86
C ALA C 442 29.77 -32.73 -15.61
N PHE C 443 30.95 -33.35 -15.58
CA PHE C 443 32.18 -32.58 -15.36
C PHE C 443 32.45 -31.65 -16.53
N GLU C 444 32.32 -32.16 -17.75
CA GLU C 444 32.59 -31.34 -18.93
C GLU C 444 31.65 -30.14 -18.98
N LYS C 445 30.39 -30.33 -18.64
CA LYS C 445 29.44 -29.21 -18.69
C LYS C 445 29.64 -28.23 -17.53
N GLN C 446 29.99 -28.75 -16.35
CA GLN C 446 30.27 -27.88 -15.21
C GLN C 446 31.47 -27.01 -15.53
N ASN C 447 32.49 -27.65 -16.10
CA ASN C 447 33.70 -26.94 -16.45
C ASN C 447 33.47 -25.90 -17.55
N LYS C 448 32.67 -26.26 -18.57
CA LYS C 448 32.37 -25.32 -19.65
C LYS C 448 31.62 -24.12 -19.10
N LEU C 449 30.70 -24.38 -18.18
CA LEU C 449 29.96 -23.29 -17.53
C LEU C 449 30.91 -22.35 -16.80
N LEU C 450 31.79 -22.89 -15.97
CA LEU C 450 32.71 -22.02 -15.24
C LEU C 450 33.59 -21.26 -16.22
N GLY C 451 34.02 -21.92 -17.29
CA GLY C 451 34.84 -21.25 -18.29
C GLY C 451 34.12 -20.09 -18.94
N ASP C 452 32.85 -20.30 -19.25
CA ASP C 452 32.05 -19.24 -19.86
C ASP C 452 31.86 -18.10 -18.87
N MET C 453 31.66 -18.45 -17.59
CA MET C 453 31.50 -17.43 -16.56
C MET C 453 32.79 -16.63 -16.38
N VAL C 454 33.93 -17.31 -16.40
CA VAL C 454 35.21 -16.62 -16.22
C VAL C 454 35.52 -15.72 -17.41
N THR C 455 35.18 -16.18 -18.60
CA THR C 455 35.46 -15.42 -19.81
C THR C 455 34.61 -14.16 -19.87
N THR C 456 33.31 -14.31 -19.65
CA THR C 456 32.40 -13.16 -19.67
C THR C 456 32.62 -12.27 -18.45
N GLY C 457 32.81 -12.88 -17.28
CA GLY C 457 33.05 -12.13 -16.07
C GLY C 457 34.31 -11.30 -16.14
N SER C 458 35.36 -11.83 -16.76
CA SER C 458 36.62 -11.08 -16.85
C SER C 458 36.47 -9.80 -17.65
N ASN C 459 35.59 -9.83 -18.65
CA ASN C 459 35.30 -8.63 -19.43
C ASN C 459 34.65 -7.53 -18.57
N ASN C 460 34.04 -7.94 -17.47
CA ASN C 460 33.29 -7.01 -16.62
C ASN C 460 33.96 -6.76 -15.25
N MET C 461 35.26 -7.05 -15.14
CA MET C 461 35.96 -6.81 -13.90
C MET C 461 36.00 -5.33 -13.54
N LYS C 462 36.06 -5.02 -12.26
CA LYS C 462 36.25 -3.63 -11.82
C LYS C 462 37.58 -3.09 -12.32
N LEU C 463 38.61 -3.92 -12.22
CA LEU C 463 39.95 -3.59 -12.68
C LEU C 463 39.99 -3.69 -14.20
N ARG C 464 39.44 -2.67 -14.85
CA ARG C 464 39.43 -2.59 -16.30
C ARG C 464 39.45 -1.14 -16.72
N TYR C 465 39.88 -0.91 -17.96
CA TYR C 465 39.78 0.41 -18.57
C TYR C 465 39.89 0.14 -20.06
N ASN C 466 38.77 0.25 -20.76
CA ASN C 466 38.75 -0.04 -22.17
C ASN C 466 38.65 1.21 -23.01
N LEU C 467 39.31 1.19 -24.17
CA LEU C 467 39.04 2.16 -25.21
C LEU C 467 37.83 1.65 -26.00
N ASN C 468 36.79 2.47 -26.11
CA ASN C 468 35.58 2.02 -26.77
C ASN C 468 35.65 2.27 -28.27
N ASP C 469 36.49 1.47 -28.93
CA ASP C 469 36.67 1.59 -30.36
C ASP C 469 36.99 0.22 -30.98
N CYS D 9 12.13 -12.41 -30.01
CA CYS D 9 11.01 -12.11 -30.90
C CYS D 9 9.68 -12.10 -30.18
N THR D 10 8.73 -11.38 -30.77
CA THR D 10 7.34 -11.40 -30.34
C THR D 10 6.46 -11.54 -31.57
N SER D 11 5.46 -12.42 -31.50
CA SER D 11 4.55 -12.68 -32.62
C SER D 11 3.09 -12.38 -32.25
N ILE D 12 2.34 -11.83 -33.20
CA ILE D 12 0.91 -11.62 -33.02
C ILE D 12 0.16 -12.16 -34.22
N LEU D 13 -0.85 -12.98 -33.93
CA LEU D 13 -1.67 -13.63 -34.97
C LEU D 13 -3.11 -13.17 -34.83
N VAL D 14 -3.78 -12.91 -35.96
CA VAL D 14 -5.16 -12.45 -35.93
C VAL D 14 -6.00 -13.17 -36.99
N GLY D 15 -7.05 -13.85 -36.55
CA GLY D 15 -7.94 -14.55 -37.48
C GLY D 15 -8.79 -13.60 -38.31
N LYS D 16 -9.36 -14.11 -39.40
CA LYS D 16 -10.02 -13.23 -40.37
C LYS D 16 -11.30 -12.59 -39.84
N LYS D 17 -11.90 -13.15 -38.80
CA LYS D 17 -13.08 -12.53 -38.22
C LYS D 17 -12.70 -11.64 -37.03
N ALA D 18 -11.42 -11.62 -36.70
CA ALA D 18 -10.93 -10.84 -35.56
C ALA D 18 -10.35 -9.49 -35.99
N SER D 19 -10.04 -9.36 -37.28
CA SER D 19 -9.45 -8.13 -37.82
C SER D 19 -10.53 -7.12 -38.19
N ILE D 20 -10.14 -5.86 -38.26
CA ILE D 20 -11.10 -4.79 -38.55
C ILE D 20 -11.56 -4.84 -40.00
N ASP D 21 -10.79 -5.48 -40.86
CA ASP D 21 -11.08 -5.45 -42.30
C ASP D 21 -11.31 -6.83 -42.90
N GLY D 22 -11.38 -7.85 -42.05
CA GLY D 22 -11.63 -9.21 -42.52
C GLY D 22 -10.44 -9.89 -43.15
N SER D 23 -9.25 -9.33 -42.96
CA SER D 23 -8.01 -9.96 -43.41
C SER D 23 -7.49 -10.91 -42.34
N THR D 24 -6.56 -11.77 -42.75
CA THR D 24 -5.73 -12.50 -41.79
C THR D 24 -4.45 -11.73 -41.58
N LEU D 25 -3.91 -11.79 -40.35
CA LEU D 25 -2.64 -11.14 -40.04
C LEU D 25 -1.72 -12.10 -39.28
N ILE D 26 -0.49 -12.23 -39.73
CA ILE D 26 0.55 -12.83 -38.90
C ILE D 26 1.72 -11.87 -38.89
N SER D 27 2.34 -11.74 -37.73
CA SER D 27 3.36 -10.73 -37.53
C SER D 27 4.44 -11.21 -36.59
N ARG D 28 5.62 -10.60 -36.69
CA ARG D 28 6.71 -10.94 -35.79
C ARG D 28 7.71 -9.82 -35.80
N ASN D 29 8.28 -9.55 -34.62
CA ASN D 29 9.52 -8.80 -34.51
C ASN D 29 10.67 -9.75 -34.70
N ASP D 30 11.47 -9.50 -35.73
CA ASP D 30 12.65 -10.34 -36.00
C ASP D 30 13.81 -9.77 -35.20
N ASP D 31 13.98 -10.27 -33.97
CA ASP D 31 15.00 -9.74 -33.07
C ASP D 31 16.27 -10.57 -33.17
N GLY D 32 17.42 -9.92 -33.13
CA GLY D 32 18.67 -10.64 -33.20
C GLY D 32 19.38 -10.64 -31.87
N HIS D 33 20.59 -11.19 -31.85
CA HIS D 33 21.43 -11.15 -30.67
C HIS D 33 22.14 -9.79 -30.58
N GLU D 34 22.75 -9.37 -31.68
CA GLU D 34 23.35 -8.04 -31.77
C GLU D 34 22.26 -7.01 -32.06
N ALA D 35 22.46 -5.79 -31.58
CA ALA D 35 21.45 -4.75 -31.78
C ALA D 35 21.23 -4.46 -33.27
N LEU D 36 22.31 -4.25 -34.02
CA LEU D 36 22.16 -3.95 -35.44
C LEU D 36 22.67 -5.09 -36.33
N ASP D 37 21.91 -5.36 -37.39
CA ASP D 37 22.30 -6.31 -38.42
C ASP D 37 21.45 -5.99 -39.65
N PRO D 38 22.08 -5.40 -40.69
CA PRO D 38 21.29 -4.80 -41.78
C PRO D 38 20.40 -5.81 -42.50
N GLN D 39 19.18 -5.37 -42.79
CA GLN D 39 18.16 -6.20 -43.42
C GLN D 39 17.84 -5.67 -44.81
N ARG D 40 17.43 -6.58 -45.69
CA ARG D 40 16.98 -6.21 -47.03
C ARG D 40 15.56 -6.74 -47.27
N PHE D 41 14.81 -6.02 -48.11
CA PHE D 41 13.49 -6.45 -48.56
C PHE D 41 13.64 -6.95 -50.00
N VAL D 42 13.41 -8.24 -50.21
CA VAL D 42 13.77 -8.87 -51.47
C VAL D 42 12.70 -9.83 -51.97
N VAL D 43 12.37 -9.72 -53.25
CA VAL D 43 11.53 -10.72 -53.91
C VAL D 43 12.43 -11.76 -54.55
N VAL D 44 12.21 -13.02 -54.20
CA VAL D 44 12.95 -14.12 -54.81
C VAL D 44 12.12 -14.70 -55.96
N ASN D 45 12.54 -14.39 -57.19
CA ASN D 45 11.86 -14.93 -58.36
C ASN D 45 12.29 -16.39 -58.55
N PRO D 46 11.40 -17.20 -59.13
CA PRO D 46 11.61 -18.65 -59.24
C PRO D 46 12.97 -19.02 -59.82
N GLU D 47 13.44 -18.26 -60.81
CA GLU D 47 14.72 -18.56 -61.46
C GLU D 47 15.90 -18.40 -60.51
N ASP D 48 15.70 -17.66 -59.42
CA ASP D 48 16.76 -17.41 -58.45
C ASP D 48 16.69 -18.31 -57.21
N GLN D 49 15.66 -19.14 -57.13
CA GLN D 49 15.49 -20.04 -55.99
C GLN D 49 16.34 -21.31 -56.16
N PRO D 50 17.10 -21.69 -55.11
CA PRO D 50 17.92 -22.91 -55.22
C PRO D 50 17.09 -24.16 -55.38
N ARG D 51 17.62 -25.14 -56.11
CA ARG D 51 17.03 -26.47 -56.15
C ARG D 51 17.85 -27.42 -55.29
N ASP D 52 19.12 -27.10 -55.09
CA ASP D 52 20.01 -27.87 -54.24
C ASP D 52 20.46 -26.96 -53.09
N TYR D 53 19.71 -26.98 -51.99
CA TYR D 53 19.94 -26.04 -50.90
C TYR D 53 20.88 -26.60 -49.83
N THR D 54 21.90 -25.81 -49.47
CA THR D 54 22.76 -26.16 -48.34
C THR D 54 22.84 -24.98 -47.36
N SER D 55 22.59 -25.25 -46.09
CA SER D 55 22.65 -24.19 -45.09
C SER D 55 24.08 -23.88 -44.70
N VAL D 56 24.28 -22.70 -44.14
CA VAL D 56 25.60 -22.29 -43.69
C VAL D 56 25.89 -22.78 -42.28
N ILE D 57 24.92 -22.67 -41.38
CA ILE D 57 25.15 -23.00 -39.98
C ILE D 57 25.27 -24.50 -39.73
N SER D 58 24.31 -25.27 -40.24
CA SER D 58 24.23 -26.70 -39.95
C SER D 58 24.75 -27.60 -41.06
N LYS D 59 24.97 -26.99 -42.24
CA LYS D 59 25.37 -27.70 -43.46
C LYS D 59 24.36 -28.75 -43.90
N VAL D 60 23.10 -28.59 -43.50
CA VAL D 60 22.04 -29.47 -43.95
C VAL D 60 21.88 -29.31 -45.47
N ASN D 61 21.64 -30.42 -46.16
CA ASN D 61 21.45 -30.36 -47.61
C ASN D 61 20.04 -30.82 -47.97
N VAL D 62 19.28 -29.93 -48.60
CA VAL D 62 17.89 -30.20 -48.92
C VAL D 62 17.64 -30.05 -50.41
N LYS D 63 17.25 -31.13 -51.08
CA LYS D 63 16.84 -31.03 -52.47
C LYS D 63 15.43 -30.47 -52.53
N LEU D 64 15.25 -29.43 -53.33
CA LEU D 64 13.96 -28.72 -53.41
C LEU D 64 13.27 -28.93 -54.75
N PRO D 65 11.93 -28.83 -54.76
CA PRO D 65 11.16 -28.96 -56.01
C PRO D 65 11.57 -27.97 -57.09
N ASP D 66 11.31 -28.33 -58.34
CA ASP D 66 11.75 -27.54 -59.47
C ASP D 66 10.71 -26.49 -59.89
N ASP D 67 9.63 -26.38 -59.11
CA ASP D 67 8.60 -25.39 -59.41
C ASP D 67 8.31 -24.41 -58.28
N PRO D 68 9.36 -23.73 -57.77
CA PRO D 68 9.10 -22.79 -56.67
C PRO D 68 8.26 -21.60 -57.12
N GLN D 69 7.45 -21.09 -56.20
CA GLN D 69 6.70 -19.86 -56.42
C GLN D 69 7.53 -18.65 -56.02
N ARG D 70 7.30 -17.54 -56.71
CA ARG D 70 7.87 -16.25 -56.31
C ARG D 70 7.43 -15.90 -54.90
N TYR D 71 8.31 -15.29 -54.11
CA TYR D 71 7.94 -14.86 -52.76
C TYR D 71 8.72 -13.66 -52.27
N THR D 72 8.11 -12.88 -51.40
CA THR D 72 8.82 -11.81 -50.71
C THR D 72 9.63 -12.40 -49.56
N SER D 73 10.65 -11.66 -49.11
CA SER D 73 11.50 -12.13 -48.04
C SER D 73 12.26 -10.96 -47.44
N ILE D 74 12.88 -11.19 -46.30
CA ILE D 74 13.65 -10.16 -45.61
C ILE D 74 15.05 -10.68 -45.25
N PRO D 75 15.85 -11.01 -46.27
CA PRO D 75 17.15 -11.62 -45.98
C PRO D 75 18.14 -10.65 -45.33
N ASN D 76 19.07 -11.20 -44.55
CA ASN D 76 20.19 -10.42 -44.04
C ASN D 76 21.05 -9.90 -45.18
N SER D 77 21.54 -8.67 -45.06
CA SER D 77 22.49 -8.12 -46.04
C SER D 77 23.81 -8.86 -46.00
N ILE D 78 24.27 -9.13 -44.78
CA ILE D 78 25.53 -9.83 -44.55
C ILE D 78 25.23 -11.31 -44.42
N LEU D 79 25.79 -12.12 -45.32
CA LEU D 79 25.38 -13.52 -45.44
C LEU D 79 26.30 -14.52 -44.74
N THR D 80 27.12 -14.02 -43.81
CA THR D 80 28.07 -14.85 -43.07
C THR D 80 27.43 -16.08 -42.43
N ASN D 81 26.21 -15.91 -41.94
CA ASN D 81 25.51 -17.01 -41.28
C ASN D 81 24.32 -17.53 -42.08
N GLY D 82 24.32 -17.25 -43.39
CA GLY D 82 23.22 -17.71 -44.21
C GLY D 82 22.20 -16.62 -44.53
N ILE D 83 21.12 -17.02 -45.18
CA ILE D 83 20.18 -16.06 -45.75
C ILE D 83 19.27 -15.39 -44.70
N TRP D 84 18.73 -16.19 -43.79
CA TRP D 84 17.81 -15.70 -42.76
C TRP D 84 16.67 -14.84 -43.36
N PRO D 85 15.83 -15.47 -44.19
CA PRO D 85 14.77 -14.76 -44.93
C PRO D 85 13.62 -14.24 -44.06
N ALA D 86 13.48 -14.80 -42.87
CA ALA D 86 12.54 -14.36 -41.83
C ALA D 86 11.05 -14.59 -42.15
N ALA D 87 10.59 -14.09 -43.28
CA ALA D 87 9.15 -14.06 -43.53
C ALA D 87 8.83 -13.57 -44.92
N GLY D 88 7.69 -14.00 -45.44
CA GLY D 88 7.22 -13.47 -46.71
C GLY D 88 5.88 -14.02 -47.14
N ILE D 89 5.46 -13.58 -48.32
CA ILE D 89 4.21 -13.97 -48.94
C ILE D 89 4.55 -14.50 -50.32
N ASN D 90 3.96 -15.65 -50.69
CA ASN D 90 4.22 -16.21 -52.03
C ASN D 90 3.11 -15.84 -53.01
N SER D 91 3.24 -16.29 -54.25
CA SER D 91 2.33 -15.87 -55.31
C SER D 91 0.96 -16.56 -55.20
N SER D 92 0.84 -17.51 -54.28
CA SER D 92 -0.46 -18.08 -53.94
C SER D 92 -1.12 -17.35 -52.77
N ASN D 93 -0.53 -16.22 -52.37
CA ASN D 93 -1.02 -15.46 -51.22
C ASN D 93 -1.05 -16.31 -49.95
N VAL D 94 0.01 -17.08 -49.78
CA VAL D 94 0.28 -17.74 -48.51
C VAL D 94 1.39 -16.96 -47.82
N ALA D 95 1.19 -16.69 -46.54
CA ALA D 95 2.16 -15.99 -45.71
C ALA D 95 2.82 -16.95 -44.73
N MET D 96 4.08 -16.68 -44.42
CA MET D 96 4.83 -17.48 -43.44
C MET D 96 5.83 -16.60 -42.71
N SER D 97 5.95 -16.78 -41.39
CA SER D 97 7.02 -16.15 -40.62
C SER D 97 7.70 -17.17 -39.73
N ALA D 98 9.02 -17.25 -39.85
CA ALA D 98 9.83 -18.22 -39.13
C ALA D 98 11.16 -17.60 -38.75
N THR D 99 11.47 -17.46 -37.45
CA THR D 99 10.76 -18.12 -36.36
C THR D 99 10.62 -17.27 -35.12
N GLU D 100 9.79 -17.75 -34.21
CA GLU D 100 9.74 -17.32 -32.84
C GLU D 100 10.49 -18.36 -32.01
N THR D 101 11.67 -18.04 -31.47
CA THR D 101 12.40 -19.04 -30.65
C THR D 101 11.56 -19.33 -29.41
N ILE D 102 11.24 -20.60 -29.16
CA ILE D 102 10.44 -20.90 -27.99
C ILE D 102 11.26 -21.73 -27.00
N THR D 103 10.59 -22.37 -26.04
CA THR D 103 11.30 -23.15 -25.03
C THR D 103 10.98 -24.65 -25.13
N THR D 104 11.73 -25.42 -24.35
CA THR D 104 11.61 -26.87 -24.35
C THR D 104 11.89 -27.33 -22.92
N ASN D 105 12.05 -28.63 -22.69
CA ASN D 105 12.49 -29.08 -21.37
C ASN D 105 13.32 -30.36 -21.49
N SER D 106 13.97 -30.73 -20.40
CA SER D 106 14.97 -31.78 -20.44
C SER D 106 14.37 -33.16 -20.63
N ARG D 107 13.10 -33.33 -20.24
CA ARG D 107 12.43 -34.63 -20.36
C ARG D 107 12.16 -34.95 -21.84
N VAL D 108 11.69 -33.99 -22.63
CA VAL D 108 11.48 -34.30 -24.03
C VAL D 108 12.82 -34.29 -24.79
N GLN D 109 13.76 -33.42 -24.41
CA GLN D 109 15.04 -33.39 -25.10
C GLN D 109 15.82 -34.69 -24.89
N GLY D 110 15.61 -35.33 -23.74
CA GLY D 110 16.23 -36.62 -23.45
C GLY D 110 15.70 -37.73 -24.34
N LEU D 111 14.53 -37.52 -24.93
CA LEU D 111 13.90 -38.55 -25.77
C LEU D 111 14.12 -38.28 -27.26
N ASP D 112 14.15 -37.01 -27.63
CA ASP D 112 14.28 -36.61 -29.02
C ASP D 112 15.19 -35.39 -29.10
N PRO D 113 16.52 -35.61 -29.01
CA PRO D 113 17.51 -34.53 -28.97
C PRO D 113 17.54 -33.71 -30.25
N PHE D 114 18.04 -32.49 -30.16
CA PHE D 114 18.32 -31.67 -31.32
C PHE D 114 19.23 -32.41 -32.30
N VAL D 115 19.01 -32.16 -33.58
CA VAL D 115 19.79 -32.72 -34.66
C VAL D 115 20.74 -31.66 -35.20
N GLU D 116 22.04 -31.84 -34.98
CA GLU D 116 22.99 -30.78 -35.23
C GLU D 116 23.12 -30.41 -36.71
N ASN D 117 22.89 -31.37 -37.60
CA ASN D 117 22.92 -31.08 -39.02
C ASN D 117 21.51 -30.97 -39.61
N GLY D 118 20.58 -30.49 -38.78
CA GLY D 118 19.19 -30.33 -39.18
C GLY D 118 18.85 -28.94 -39.67
N LEU D 119 17.55 -28.66 -39.77
CA LEU D 119 17.07 -27.35 -40.22
C LEU D 119 16.98 -26.35 -39.08
N GLY D 120 17.10 -25.06 -39.42
CA GLY D 120 16.95 -23.99 -38.44
C GLY D 120 16.25 -22.77 -39.02
N GLU D 121 16.07 -21.75 -38.18
CA GLU D 121 15.49 -20.49 -38.60
C GLU D 121 16.21 -19.88 -39.82
N GLU D 122 17.49 -20.17 -39.93
CA GLU D 122 18.26 -19.76 -41.11
C GLU D 122 17.56 -20.15 -42.41
N ASP D 123 16.86 -21.29 -42.36
CA ASP D 123 16.44 -22.02 -43.56
C ASP D 123 14.94 -22.06 -43.83
N LEU D 124 14.12 -21.95 -42.79
CA LEU D 124 12.74 -22.46 -42.89
C LEU D 124 11.87 -21.81 -43.97
N VAL D 125 11.85 -20.48 -44.08
CA VAL D 125 11.01 -19.85 -45.11
C VAL D 125 11.44 -20.32 -46.51
N THR D 126 12.75 -20.37 -46.73
CA THR D 126 13.33 -20.73 -48.02
C THR D 126 12.90 -22.12 -48.47
N VAL D 127 12.83 -23.06 -47.54
CA VAL D 127 12.56 -24.44 -47.93
C VAL D 127 11.07 -24.82 -47.82
N VAL D 128 10.24 -23.93 -47.29
CA VAL D 128 8.82 -24.21 -47.14
C VAL D 128 7.92 -23.33 -48.01
N LEU D 129 8.01 -22.00 -47.83
CA LEU D 129 7.05 -21.08 -48.46
C LEU D 129 6.88 -21.20 -49.99
N PRO D 130 7.97 -21.39 -50.76
CA PRO D 130 7.76 -21.41 -52.22
C PRO D 130 6.98 -22.60 -52.77
N TYR D 131 6.67 -23.57 -51.91
CA TYR D 131 6.19 -24.88 -52.40
C TYR D 131 4.80 -25.25 -51.91
N VAL D 132 4.08 -24.28 -51.33
CA VAL D 132 2.78 -24.55 -50.74
C VAL D 132 1.71 -23.55 -51.20
N LYS D 133 0.46 -24.00 -51.24
CA LYS D 133 -0.61 -23.14 -51.75
C LYS D 133 -1.69 -22.85 -50.72
N SER D 134 -1.47 -23.28 -49.48
CA SER D 134 -2.34 -22.90 -48.36
C SER D 134 -1.54 -22.92 -47.08
N ALA D 135 -2.07 -22.29 -46.04
CA ALA D 135 -1.40 -22.30 -44.74
C ALA D 135 -1.31 -23.73 -44.20
N ARG D 136 -2.37 -24.52 -44.38
CA ARG D 136 -2.37 -25.90 -43.92
C ARG D 136 -1.29 -26.71 -44.66
N GLU D 137 -1.12 -26.47 -45.95
CA GLU D 137 -0.04 -27.12 -46.69
C GLU D 137 1.33 -26.72 -46.16
N GLY D 138 1.46 -25.47 -45.74
CA GLY D 138 2.69 -25.00 -45.11
C GLY D 138 2.99 -25.79 -43.85
N VAL D 139 1.99 -25.93 -42.99
CA VAL D 139 2.12 -26.70 -41.76
C VAL D 139 2.59 -28.11 -42.07
N LYS D 140 1.93 -28.75 -43.03
CA LYS D 140 2.26 -30.14 -43.34
C LYS D 140 3.65 -30.31 -43.95
N ARG D 141 4.04 -29.41 -44.84
CA ARG D 141 5.38 -29.50 -45.42
C ARG D 141 6.45 -29.31 -44.36
N LEU D 142 6.27 -28.32 -43.49
CA LEU D 142 7.26 -28.10 -42.44
C LEU D 142 7.36 -29.31 -41.52
N GLY D 143 6.20 -29.85 -41.11
CA GLY D 143 6.19 -31.05 -40.30
C GLY D 143 6.97 -32.18 -40.97
N SER D 144 6.75 -32.36 -42.26
CA SER D 144 7.43 -33.43 -43.01
CA SER D 144 7.43 -33.43 -43.01
C SER D 144 8.94 -33.20 -43.08
N LEU D 145 9.35 -31.94 -43.22
CA LEU D 145 10.77 -31.62 -43.29
C LEU D 145 11.45 -31.83 -41.95
N LEU D 146 10.74 -31.54 -40.85
CA LEU D 146 11.29 -31.76 -39.52
C LEU D 146 11.52 -33.25 -39.29
N GLU D 147 10.60 -34.07 -39.77
CA GLU D 147 10.75 -35.52 -39.64
C GLU D 147 11.90 -36.04 -40.47
N GLU D 148 12.06 -35.47 -41.66
CA GLU D 148 13.08 -35.92 -42.60
C GLU D 148 14.48 -35.45 -42.25
N TYR D 149 14.60 -34.19 -41.81
CA TYR D 149 15.92 -33.58 -41.60
C TYR D 149 16.24 -33.28 -40.15
N GLY D 150 15.21 -33.19 -39.32
CA GLY D 150 15.40 -32.79 -37.94
C GLY D 150 15.65 -31.29 -37.82
N THR D 151 15.76 -30.82 -36.59
CA THR D 151 16.06 -29.41 -36.32
C THR D 151 16.98 -29.28 -35.10
N TYR D 152 17.73 -28.17 -35.03
CA TYR D 152 18.60 -27.92 -33.89
C TYR D 152 18.11 -26.78 -32.99
N GLU D 153 16.88 -26.33 -33.22
CA GLU D 153 16.30 -25.21 -32.47
C GLU D 153 14.87 -25.51 -32.03
N PRO D 154 14.42 -24.90 -30.91
CA PRO D 154 13.01 -24.87 -30.54
C PRO D 154 12.30 -23.65 -31.14
N ASN D 155 11.37 -23.85 -32.06
CA ASN D 155 10.83 -22.73 -32.84
C ASN D 155 9.31 -22.72 -32.95
N GLY D 156 8.76 -21.52 -33.07
CA GLY D 156 7.36 -21.32 -33.41
C GLY D 156 7.27 -20.66 -34.77
N ILE D 157 6.35 -21.13 -35.60
CA ILE D 157 6.22 -20.66 -36.97
C ILE D 157 4.78 -20.33 -37.29
N SER D 158 4.52 -19.18 -37.91
CA SER D 158 3.16 -18.83 -38.30
C SER D 158 2.96 -19.01 -39.81
N PHE D 159 1.75 -19.43 -40.16
CA PHE D 159 1.30 -19.54 -41.57
C PHE D 159 -0.06 -18.87 -41.70
N ALA D 160 -0.34 -18.28 -42.85
CA ALA D 160 -1.68 -17.77 -43.11
C ALA D 160 -2.01 -17.76 -44.59
N ASP D 161 -3.30 -17.89 -44.89
CA ASP D 161 -3.81 -17.57 -46.22
C ASP D 161 -5.03 -16.70 -46.03
N ASN D 162 -5.86 -16.51 -47.05
CA ASN D 162 -6.99 -15.61 -46.86
C ASN D 162 -8.10 -16.19 -45.97
N GLU D 163 -8.00 -17.49 -45.67
CA GLU D 163 -8.97 -18.18 -44.83
C GLU D 163 -8.50 -18.48 -43.41
N GLU D 164 -7.28 -19.00 -43.30
CA GLU D 164 -6.83 -19.60 -42.06
C GLU D 164 -5.50 -19.06 -41.56
N VAL D 165 -5.34 -19.10 -40.25
CA VAL D 165 -4.08 -18.81 -39.58
C VAL D 165 -3.66 -20.00 -38.74
N TRP D 166 -2.41 -20.43 -38.90
CA TRP D 166 -1.87 -21.57 -38.14
C TRP D 166 -0.63 -21.19 -37.37
N TRP D 167 -0.42 -21.85 -36.24
CA TRP D 167 0.79 -21.71 -35.45
C TRP D 167 1.38 -23.09 -35.24
N LEU D 168 2.62 -23.29 -35.68
CA LEU D 168 3.29 -24.58 -35.48
C LEU D 168 4.43 -24.41 -34.49
N GLU D 169 4.54 -25.34 -33.55
CA GLU D 169 5.68 -25.33 -32.64
C GLU D 169 6.48 -26.62 -32.77
N THR D 170 7.80 -26.48 -32.86
CA THR D 170 8.67 -27.64 -32.98
C THR D 170 9.04 -28.16 -31.59
N ILE D 171 9.17 -29.49 -31.49
CA ILE D 171 9.30 -30.18 -30.21
C ILE D 171 10.43 -31.19 -30.33
N GLY D 172 11.54 -30.94 -29.65
CA GLY D 172 12.70 -31.80 -29.81
C GLY D 172 13.27 -31.77 -31.22
N GLY D 173 14.03 -32.79 -31.57
CA GLY D 173 14.68 -32.82 -32.87
C GLY D 173 13.78 -33.05 -34.05
N HIS D 174 12.65 -33.71 -33.84
CA HIS D 174 11.81 -34.16 -34.95
C HIS D 174 10.32 -33.94 -34.78
N HIS D 175 9.84 -33.66 -33.57
CA HIS D 175 8.40 -33.61 -33.37
C HIS D 175 7.84 -32.19 -33.51
N TRP D 176 6.52 -32.10 -33.61
CA TRP D 176 5.88 -30.81 -33.83
C TRP D 176 4.39 -30.91 -33.55
N ALA D 177 3.77 -29.76 -33.33
CA ALA D 177 2.32 -29.66 -33.17
C ALA D 177 1.90 -28.32 -33.74
N ALA D 178 0.68 -28.26 -34.24
CA ALA D 178 0.18 -27.02 -34.81
C ALA D 178 -1.31 -26.83 -34.54
N VAL D 179 -1.72 -25.58 -34.34
CA VAL D 179 -3.11 -25.25 -34.04
C VAL D 179 -3.60 -24.22 -35.03
N ARG D 180 -4.82 -24.42 -35.52
CA ARG D 180 -5.48 -23.41 -36.34
C ARG D 180 -6.11 -22.40 -35.41
N ILE D 181 -5.71 -21.14 -35.54
CA ILE D 181 -6.27 -20.05 -34.74
C ILE D 181 -7.72 -19.85 -35.17
N PRO D 182 -8.66 -19.87 -34.22
CA PRO D 182 -10.05 -19.59 -34.58
C PRO D 182 -10.19 -18.26 -35.31
N ASP D 183 -11.15 -18.20 -36.23
CA ASP D 183 -11.36 -17.01 -37.04
C ASP D 183 -11.52 -15.75 -36.20
N ASP D 184 -12.15 -15.88 -35.04
CA ASP D 184 -12.49 -14.73 -34.21
C ASP D 184 -11.47 -14.47 -33.11
N ALA D 185 -10.30 -15.10 -33.21
CA ALA D 185 -9.32 -15.04 -32.12
C ALA D 185 -8.04 -14.34 -32.50
N TYR D 186 -7.22 -14.04 -31.48
CA TYR D 186 -5.88 -13.58 -31.70
C TYR D 186 -4.93 -14.31 -30.75
N VAL D 187 -3.64 -14.20 -31.04
CA VAL D 187 -2.58 -14.75 -30.20
C VAL D 187 -1.45 -13.73 -30.05
N VAL D 188 -0.90 -13.59 -28.84
CA VAL D 188 0.37 -12.92 -28.60
C VAL D 188 1.35 -13.97 -28.09
N ALA D 189 2.47 -14.14 -28.78
CA ALA D 189 3.40 -15.21 -28.45
C ALA D 189 4.82 -14.70 -28.27
N PRO D 190 5.39 -14.89 -27.06
CA PRO D 190 6.78 -14.53 -26.82
C PRO D 190 7.71 -15.74 -27.00
N ASN D 191 8.91 -15.65 -26.43
CA ASN D 191 9.95 -16.68 -26.60
C ASN D 191 9.78 -17.85 -25.65
N ARG D 192 8.60 -18.44 -25.66
CA ARG D 192 8.24 -19.48 -24.71
C ARG D 192 7.24 -20.38 -25.44
N MET D 193 7.30 -21.69 -25.21
CA MET D 193 6.33 -22.56 -25.88
C MET D 193 4.93 -22.12 -25.49
N ASN D 194 4.04 -22.04 -26.49
CA ASN D 194 2.74 -21.37 -26.31
C ASN D 194 1.51 -22.29 -26.33
N ILE D 195 1.53 -23.33 -27.14
CA ILE D 195 0.31 -24.14 -27.30
C ILE D 195 -0.10 -24.76 -25.96
N ASP D 196 -1.35 -24.54 -25.54
CA ASP D 196 -1.79 -25.07 -24.26
C ASP D 196 -2.71 -26.27 -24.48
N GLN D 197 -3.96 -26.20 -24.03
CA GLN D 197 -4.89 -27.32 -24.18
C GLN D 197 -4.94 -27.81 -25.62
N PHE D 198 -4.86 -29.12 -25.85
CA PHE D 198 -4.68 -29.64 -27.20
C PHE D 198 -5.55 -30.87 -27.45
N ASP D 199 -6.44 -30.76 -28.44
CA ASP D 199 -7.36 -31.85 -28.79
C ASP D 199 -6.78 -32.57 -30.00
N PHE D 200 -6.29 -33.80 -29.79
CA PHE D 200 -5.66 -34.56 -30.86
C PHE D 200 -6.64 -34.90 -32.00
N ASP D 201 -7.92 -34.94 -31.68
CA ASP D 201 -8.94 -35.39 -32.63
C ASP D 201 -9.50 -34.26 -33.48
N SER D 202 -9.11 -33.03 -33.16
CA SER D 202 -9.73 -31.87 -33.79
C SER D 202 -9.27 -31.62 -35.22
N ASP D 203 -10.19 -31.10 -36.05
CA ASP D 203 -9.83 -30.67 -37.39
C ASP D 203 -8.94 -29.42 -37.32
N ASP D 204 -8.91 -28.80 -36.15
CA ASP D 204 -8.16 -27.57 -35.97
C ASP D 204 -6.74 -27.82 -35.46
N THR D 205 -6.36 -29.09 -35.36
CA THR D 205 -5.00 -29.41 -34.94
C THR D 205 -4.33 -30.39 -35.89
N LEU D 206 -3.01 -30.27 -35.96
CA LEU D 206 -2.16 -31.21 -36.68
C LEU D 206 -0.93 -31.45 -35.82
N CYS D 207 -0.34 -32.63 -35.92
CA CYS D 207 0.88 -32.92 -35.15
C CYS D 207 1.57 -34.18 -35.64
N SER D 208 2.75 -34.42 -35.09
CA SER D 208 3.43 -35.70 -35.27
C SER D 208 2.46 -36.85 -35.03
N SER D 209 2.48 -37.85 -35.90
CA SER D 209 1.52 -38.95 -35.77
C SER D 209 1.70 -39.72 -34.46
N ASP D 210 2.90 -39.68 -33.90
CA ASP D 210 3.22 -40.40 -32.67
C ASP D 210 3.19 -39.52 -31.42
N LEU D 211 2.70 -38.28 -31.54
CA LEU D 211 2.86 -37.33 -30.42
C LEU D 211 2.17 -37.77 -29.13
N LYS D 212 0.93 -38.24 -29.25
CA LYS D 212 0.18 -38.67 -28.07
C LYS D 212 0.84 -39.88 -27.43
N ASP D 213 1.27 -40.83 -28.26
CA ASP D 213 1.94 -42.01 -27.75
C ASP D 213 3.27 -41.65 -27.09
N LEU D 214 3.99 -40.69 -27.67
CA LEU D 214 5.25 -40.22 -27.08
C LEU D 214 4.98 -39.72 -25.65
N ILE D 215 3.91 -38.95 -25.48
CA ILE D 215 3.54 -38.43 -24.18
C ILE D 215 3.12 -39.53 -23.22
N ASP D 216 2.17 -40.36 -23.65
CA ASP D 216 1.60 -41.38 -22.79
C ASP D 216 2.63 -42.42 -22.36
N ASN D 217 3.50 -42.81 -23.27
CA ASN D 217 4.38 -43.94 -23.03
C ASN D 217 5.65 -43.59 -22.27
N ASN D 218 5.92 -42.30 -22.12
CA ASN D 218 7.15 -41.89 -21.46
C ASN D 218 6.92 -41.00 -20.26
N ASN D 219 5.69 -41.06 -19.73
CA ASN D 219 5.32 -40.36 -18.51
C ASN D 219 5.66 -38.88 -18.58
N LEU D 220 5.37 -38.26 -19.72
CA LEU D 220 5.70 -36.84 -19.93
C LEU D 220 4.64 -35.89 -19.40
N ASN D 221 3.44 -36.40 -19.17
CA ASN D 221 2.32 -35.53 -18.82
C ASN D 221 2.26 -35.21 -17.34
N PRO D 222 2.45 -33.93 -16.97
CA PRO D 222 2.41 -33.60 -15.54
C PRO D 222 0.99 -33.42 -15.03
N ASP D 223 0.00 -33.33 -15.92
CA ASP D 223 -1.35 -33.01 -15.46
C ASP D 223 -2.19 -34.26 -15.24
N PHE D 224 -3.12 -34.15 -14.29
CA PHE D 224 -4.00 -35.27 -13.94
C PHE D 224 -5.00 -35.59 -15.03
N GLU D 225 -5.44 -34.56 -15.76
CA GLU D 225 -6.36 -34.74 -16.88
C GLU D 225 -5.97 -33.91 -18.09
N ASN D 226 -6.32 -34.42 -19.26
CA ASN D 226 -6.16 -33.73 -20.54
C ASN D 226 -4.70 -33.53 -20.93
N TYR D 227 -4.51 -32.84 -22.04
CA TYR D 227 -3.17 -32.59 -22.56
C TYR D 227 -2.96 -31.10 -22.80
N ASN D 228 -1.97 -30.54 -22.10
CA ASN D 228 -1.56 -29.15 -22.30
C ASN D 228 -0.12 -29.20 -22.82
N LEU D 229 0.10 -28.83 -24.08
CA LEU D 229 1.39 -29.13 -24.71
C LEU D 229 2.56 -28.37 -24.09
N ARG D 230 2.35 -27.13 -23.68
CA ARG D 230 3.49 -26.42 -23.11
C ARG D 230 3.76 -26.91 -21.68
N HIS D 231 2.74 -27.40 -20.98
CA HIS D 231 2.97 -28.08 -19.71
C HIS D 231 3.84 -29.31 -19.92
N ILE D 232 3.61 -30.01 -21.02
CA ILE D 232 4.30 -31.26 -21.31
C ILE D 232 5.69 -31.07 -21.92
N PHE D 233 5.78 -30.18 -22.91
CA PHE D 233 6.96 -30.06 -23.75
C PHE D 233 7.72 -28.75 -23.58
N GLY D 234 7.14 -27.82 -22.83
CA GLY D 234 7.67 -26.48 -22.74
C GLY D 234 8.21 -26.17 -21.37
N SER D 235 8.19 -24.89 -21.00
CA SER D 235 8.73 -24.42 -19.74
C SER D 235 7.74 -23.60 -18.95
N ALA D 236 7.97 -23.54 -17.66
CA ALA D 236 7.32 -22.56 -16.78
C ALA D 236 8.38 -22.18 -15.76
N SER D 237 9.38 -21.45 -16.22
CA SER D 237 10.57 -21.17 -15.41
C SER D 237 10.49 -19.80 -14.75
N ILE D 238 11.41 -19.56 -13.83
CA ILE D 238 11.55 -18.22 -13.26
C ILE D 238 11.90 -17.23 -14.38
N LYS D 239 12.79 -17.62 -15.29
CA LYS D 239 13.13 -16.71 -16.39
C LYS D 239 11.91 -16.37 -17.26
N ASP D 240 11.01 -17.34 -17.45
CA ASP D 240 9.77 -17.06 -18.20
C ASP D 240 8.98 -15.90 -17.59
N THR D 241 9.00 -15.78 -16.26
CA THR D 241 8.21 -14.76 -15.58
C THR D 241 8.68 -13.35 -15.89
N VAL D 242 9.92 -13.19 -16.36
CA VAL D 242 10.41 -11.84 -16.65
C VAL D 242 10.71 -11.62 -18.13
N TYR D 243 11.06 -12.68 -18.84
CA TYR D 243 11.46 -12.58 -20.24
C TYR D 243 10.29 -12.75 -21.20
N ASN D 244 9.28 -13.49 -20.75
CA ASN D 244 8.24 -13.95 -21.67
C ASN D 244 6.84 -13.56 -21.26
N ASN D 245 6.40 -14.02 -20.08
CA ASN D 245 5.02 -13.83 -19.66
C ASN D 245 4.52 -12.37 -19.67
N PRO D 246 5.39 -11.41 -19.27
CA PRO D 246 4.87 -10.03 -19.28
C PRO D 246 4.53 -9.49 -20.67
N ARG D 247 5.22 -9.99 -21.70
CA ARG D 247 4.90 -9.56 -23.07
C ARG D 247 3.52 -10.06 -23.48
N THR D 248 3.28 -11.35 -23.24
CA THR D 248 1.96 -11.93 -23.44
C THR D 248 0.91 -11.15 -22.66
N TRP D 249 1.22 -10.89 -21.40
CA TRP D 249 0.30 -10.17 -20.52
C TRP D 249 -0.04 -8.78 -21.04
N TYR D 250 0.97 -8.03 -21.46
CA TYR D 250 0.72 -6.66 -21.90
C TYR D 250 -0.18 -6.64 -23.14
N GLY D 251 0.10 -7.55 -24.07
CA GLY D 251 -0.72 -7.65 -25.27
C GLY D 251 -2.15 -8.05 -24.93
N GLN D 252 -2.31 -9.02 -24.05
CA GLN D 252 -3.66 -9.45 -23.68
C GLN D 252 -4.39 -8.37 -22.87
N LYS D 253 -3.65 -7.61 -22.06
CA LYS D 253 -4.27 -6.51 -21.32
C LYS D 253 -4.78 -5.45 -22.30
N PHE D 254 -4.08 -5.27 -23.40
CA PHE D 254 -4.45 -4.28 -24.41
C PHE D 254 -5.68 -4.71 -25.23
N PHE D 255 -5.70 -5.98 -25.65
CA PHE D 255 -6.80 -6.47 -26.50
C PHE D 255 -8.00 -7.01 -25.70
N SER D 256 -7.70 -7.58 -24.54
CA SER D 256 -8.71 -8.24 -23.69
C SER D 256 -8.64 -7.77 -22.24
N PRO D 257 -8.81 -6.46 -22.00
CA PRO D 257 -8.60 -5.90 -20.66
C PRO D 257 -9.48 -6.51 -19.58
N ASP D 258 -10.72 -6.86 -19.92
CA ASP D 258 -11.64 -7.36 -18.91
C ASP D 258 -11.49 -8.86 -18.65
N ASP D 259 -10.68 -9.53 -19.45
CA ASP D 259 -10.45 -10.96 -19.30
C ASP D 259 -9.05 -11.24 -18.79
N THR D 260 -8.30 -10.19 -18.50
CA THR D 260 -6.89 -10.34 -18.13
C THR D 260 -6.63 -9.73 -16.76
N ALA D 261 -6.01 -10.50 -15.88
CA ALA D 261 -5.71 -10.04 -14.54
C ALA D 261 -4.47 -9.15 -14.52
N ASP D 262 -3.96 -8.85 -13.33
CA ASP D 262 -2.91 -7.85 -13.16
C ASP D 262 -1.56 -8.44 -12.78
N ASP D 263 -1.35 -9.72 -13.10
CA ASP D 263 -0.05 -10.34 -12.82
C ASP D 263 0.69 -10.65 -14.12
N PRO D 264 1.68 -9.81 -14.47
CA PRO D 264 2.43 -10.03 -15.70
C PRO D 264 3.25 -11.31 -15.69
N MET D 265 3.46 -11.89 -14.51
CA MET D 265 4.34 -13.05 -14.40
C MET D 265 3.60 -14.37 -14.58
N GLU D 266 2.29 -14.26 -14.72
CA GLU D 266 1.42 -15.44 -14.85
C GLU D 266 1.91 -16.47 -15.89
N GLN D 267 2.02 -17.72 -15.46
CA GLN D 267 2.54 -18.82 -16.28
C GLN D 267 1.48 -19.50 -17.15
N ASP D 268 0.20 -19.29 -16.83
CA ASP D 268 -0.86 -19.95 -17.58
C ASP D 268 -1.83 -18.97 -18.22
N LEU D 269 -1.28 -17.88 -18.77
CA LEU D 269 -2.09 -17.03 -19.64
C LEU D 269 -2.56 -17.85 -20.83
N PRO D 270 -3.80 -17.60 -21.28
CA PRO D 270 -4.29 -18.36 -22.42
C PRO D 270 -3.44 -18.13 -23.68
N PHE D 271 -3.41 -19.15 -24.54
CA PHE D 271 -2.80 -19.05 -25.85
C PHE D 271 -3.76 -18.31 -26.77
N ILE D 272 -4.90 -18.95 -27.00
CA ILE D 272 -5.97 -18.36 -27.82
C ILE D 272 -6.80 -17.36 -27.02
N CYS D 273 -6.95 -16.16 -27.56
CA CYS D 273 -7.71 -15.10 -26.89
C CYS D 273 -8.77 -14.50 -27.78
N HIS D 274 -9.72 -13.82 -27.16
CA HIS D 274 -10.78 -13.11 -27.87
C HIS D 274 -10.81 -11.66 -27.41
N ALA D 275 -10.56 -10.75 -28.35
CA ALA D 275 -10.45 -9.33 -28.02
C ALA D 275 -11.84 -8.72 -27.83
N ASN D 276 -11.89 -7.54 -27.24
CA ASN D 276 -13.17 -6.88 -27.03
C ASN D 276 -13.56 -6.00 -28.20
N ARG D 277 -12.78 -6.08 -29.28
CA ARG D 277 -12.98 -5.26 -30.46
C ARG D 277 -12.23 -5.90 -31.60
N LYS D 278 -12.48 -5.44 -32.82
CA LYS D 278 -11.71 -5.90 -33.97
C LYS D 278 -10.38 -5.17 -34.01
N ILE D 279 -9.39 -5.85 -34.58
CA ILE D 279 -8.00 -5.47 -34.49
C ILE D 279 -7.46 -4.87 -35.78
N SER D 280 -6.80 -3.72 -35.67
CA SER D 280 -6.24 -3.04 -36.82
C SER D 280 -4.74 -3.30 -36.92
N VAL D 281 -4.16 -2.98 -38.07
CA VAL D 281 -2.72 -3.06 -38.26
C VAL D 281 -2.03 -2.09 -37.29
N GLU D 282 -2.62 -0.92 -37.11
CA GLU D 282 -2.11 0.05 -36.14
C GLU D 282 -2.02 -0.55 -34.74
N ASP D 283 -3.06 -1.28 -34.35
CA ASP D 283 -3.08 -1.98 -33.06
C ASP D 283 -1.92 -2.95 -32.93
N VAL D 284 -1.71 -3.75 -33.97
CA VAL D 284 -0.66 -4.77 -33.95
C VAL D 284 0.70 -4.10 -33.82
N LYS D 285 0.92 -3.04 -34.61
CA LYS D 285 2.20 -2.34 -34.53
C LYS D 285 2.40 -1.71 -33.15
N PHE D 286 1.32 -1.16 -32.56
CA PHE D 286 1.46 -0.62 -31.21
C PHE D 286 1.99 -1.66 -30.22
N VAL D 287 1.39 -2.85 -30.21
CA VAL D 287 1.82 -3.87 -29.25
C VAL D 287 3.25 -4.29 -29.58
N LEU D 288 3.55 -4.45 -30.86
CA LEU D 288 4.90 -4.85 -31.27
C LEU D 288 5.97 -3.78 -31.03
N SER D 289 5.54 -2.56 -30.68
CA SER D 289 6.48 -1.48 -30.39
C SER D 289 6.54 -1.14 -28.91
N SER D 290 5.85 -1.93 -28.09
CA SER D 290 5.57 -1.49 -26.71
C SER D 290 6.69 -1.81 -25.73
N HIS D 291 6.65 -1.08 -24.64
CA HIS D 291 7.64 -1.21 -23.58
C HIS D 291 6.91 -0.95 -22.27
N PHE D 292 5.79 -1.65 -22.11
CA PHE D 292 5.00 -1.64 -20.88
C PHE D 292 4.58 -0.23 -20.46
N GLU D 293 4.18 0.56 -21.46
CA GLU D 293 3.72 1.93 -21.20
C GLU D 293 2.65 1.95 -20.13
N ASN D 294 2.74 2.95 -19.25
CA ASN D 294 1.82 3.18 -18.15
C ASN D 294 1.87 2.09 -17.08
N THR D 295 3.02 1.43 -16.99
CA THR D 295 3.32 0.57 -15.85
C THR D 295 4.70 0.90 -15.32
N LYS D 296 5.01 0.39 -14.12
CA LYS D 296 6.30 0.64 -13.51
C LYS D 296 7.42 -0.14 -14.22
N TYR D 297 7.05 -0.98 -15.18
CA TYR D 297 8.02 -1.81 -15.89
C TYR D 297 8.51 -1.17 -17.20
N ASP D 298 8.05 0.05 -17.46
CA ASP D 298 8.45 0.82 -18.62
C ASP D 298 9.83 1.42 -18.41
N VAL D 299 10.81 1.01 -19.23
CA VAL D 299 12.19 1.48 -19.06
C VAL D 299 12.31 3.00 -19.27
N TYR D 300 11.34 3.58 -19.99
CA TYR D 300 11.29 5.02 -20.20
C TYR D 300 10.35 5.72 -19.20
N GLY D 301 9.83 4.97 -18.24
CA GLY D 301 8.82 5.48 -17.33
C GLY D 301 9.35 5.93 -15.97
N SER D 302 8.48 5.89 -14.96
CA SER D 302 8.78 6.48 -13.66
C SER D 302 9.16 5.48 -12.57
N GLY D 303 9.25 4.21 -12.92
CA GLY D 303 9.52 3.17 -11.94
C GLY D 303 10.94 3.20 -11.40
N SER D 304 11.19 2.38 -10.38
CA SER D 304 12.53 2.21 -9.86
C SER D 304 13.44 1.60 -10.92
N GLN D 305 14.75 1.77 -10.74
CA GLN D 305 15.71 1.22 -11.67
C GLN D 305 15.50 -0.29 -11.83
N SER D 306 15.22 -0.98 -10.73
CA SER D 306 15.04 -2.43 -10.78
CA SER D 306 15.02 -2.42 -10.77
C SER D 306 13.75 -2.80 -11.53
N ASP D 307 12.66 -2.09 -11.22
CA ASP D 307 11.41 -2.38 -11.93
C ASP D 307 11.51 -2.05 -13.41
N LYS D 308 12.19 -0.96 -13.75
CA LYS D 308 12.30 -0.50 -15.14
C LYS D 308 13.06 -1.46 -16.03
N THR D 309 13.88 -2.31 -15.41
CA THR D 309 14.76 -3.18 -16.16
C THR D 309 14.45 -4.65 -15.90
N LEU D 310 13.36 -4.91 -15.16
CA LEU D 310 13.02 -6.29 -14.78
C LEU D 310 12.53 -7.14 -15.96
N PHE D 311 11.74 -6.52 -16.83
CA PHE D 311 11.09 -7.24 -17.92
C PHE D 311 11.70 -6.93 -19.30
N ARG D 312 11.77 -7.95 -20.16
CA ARG D 312 12.14 -7.72 -21.55
C ARG D 312 10.99 -7.07 -22.31
N PRO D 313 11.23 -5.89 -22.91
CA PRO D 313 10.16 -5.21 -23.66
C PRO D 313 9.92 -5.86 -25.01
N ILE D 314 8.85 -5.43 -25.69
CA ILE D 314 8.53 -5.96 -27.02
C ILE D 314 9.25 -5.15 -28.10
N GLY D 315 9.01 -3.84 -28.12
CA GLY D 315 9.87 -2.93 -28.86
C GLY D 315 11.22 -2.97 -28.16
N ILE D 316 12.30 -3.08 -28.93
CA ILE D 316 13.60 -3.28 -28.31
C ILE D 316 14.74 -2.89 -29.26
N ASN D 317 15.92 -2.57 -28.72
CA ASN D 317 17.03 -2.09 -29.57
C ASN D 317 17.38 -3.08 -30.67
N ARG D 318 17.16 -4.37 -30.41
CA ARG D 318 17.54 -5.38 -31.39
C ARG D 318 16.38 -5.88 -32.26
N ASN D 319 15.30 -5.10 -32.35
CA ASN D 319 14.35 -5.28 -33.47
C ASN D 319 15.11 -5.06 -34.78
N HIS D 320 15.36 -6.10 -35.57
CA HIS D 320 16.04 -5.90 -36.85
C HIS D 320 15.05 -5.55 -37.96
N ASN D 321 13.98 -6.32 -38.04
CA ASN D 321 12.84 -5.92 -38.85
C ASN D 321 11.57 -6.26 -38.09
N VAL D 322 10.49 -5.59 -38.46
CA VAL D 322 9.16 -5.99 -38.03
C VAL D 322 8.31 -6.17 -39.27
N HIS D 323 7.56 -7.26 -39.32
CA HIS D 323 6.72 -7.51 -40.47
C HIS D 323 5.33 -7.89 -40.02
N ILE D 324 4.33 -7.37 -40.73
CA ILE D 324 2.96 -7.77 -40.52
C ILE D 324 2.49 -8.24 -41.87
N LEU D 325 2.28 -9.54 -41.98
CA LEU D 325 1.87 -10.12 -43.26
C LEU D 325 0.36 -10.20 -43.27
N GLN D 326 -0.24 -9.50 -44.22
CA GLN D 326 -1.68 -9.38 -44.29
C GLN D 326 -2.20 -10.00 -45.58
N ILE D 327 -3.13 -10.94 -45.46
CA ILE D 327 -3.85 -11.43 -46.63
C ILE D 327 -5.27 -10.90 -46.57
N ARG D 328 -5.57 -9.95 -47.45
CA ARG D 328 -6.84 -9.24 -47.43
C ARG D 328 -7.92 -10.02 -48.15
N ASN D 329 -9.16 -9.75 -47.77
CA ASN D 329 -10.30 -10.36 -48.42
C ASN D 329 -11.16 -9.30 -49.06
N ASN D 330 -12.05 -9.76 -49.94
CA ASN D 330 -12.97 -8.87 -50.64
C ASN D 330 -12.28 -7.76 -51.46
N VAL D 331 -11.03 -8.03 -51.87
CA VAL D 331 -10.31 -7.17 -52.81
C VAL D 331 -9.81 -8.19 -53.80
N PRO D 332 -9.45 -7.77 -55.03
CA PRO D 332 -8.94 -8.77 -55.97
C PRO D 332 -7.69 -9.47 -55.45
N THR D 333 -7.50 -10.75 -55.82
CA THR D 333 -6.37 -11.51 -55.30
C THR D 333 -5.04 -10.88 -55.67
N GLU D 334 -4.99 -10.17 -56.80
CA GLU D 334 -3.74 -9.56 -57.25
C GLU D 334 -3.24 -8.46 -56.30
N ILE D 335 -4.10 -7.98 -55.41
CA ILE D 335 -3.65 -6.99 -54.40
C ILE D 335 -4.00 -7.42 -52.97
N ALA D 336 -4.28 -8.70 -52.76
CA ALA D 336 -4.65 -9.18 -51.44
C ALA D 336 -3.47 -9.24 -50.49
N GLY D 337 -2.29 -9.57 -51.01
CA GLY D 337 -1.12 -9.79 -50.18
C GLY D 337 -0.34 -8.53 -49.89
N ILE D 338 -0.28 -8.18 -48.60
CA ILE D 338 0.43 -6.98 -48.17
C ILE D 338 1.50 -7.38 -47.18
N HIS D 339 2.74 -7.04 -47.51
CA HIS D 339 3.89 -7.31 -46.67
C HIS D 339 4.27 -6.01 -45.95
N TRP D 340 3.63 -5.75 -44.81
CA TRP D 340 3.96 -4.54 -44.03
C TRP D 340 5.36 -4.69 -43.46
N LEU D 341 6.16 -3.63 -43.52
CA LEU D 341 7.57 -3.78 -43.13
C LEU D 341 8.15 -2.52 -42.51
N ALA D 342 8.95 -2.70 -41.46
CA ALA D 342 9.82 -1.64 -40.94
C ALA D 342 11.11 -2.23 -40.39
N TYR D 343 12.07 -1.36 -40.11
CA TYR D 343 13.42 -1.74 -39.68
C TYR D 343 13.80 -1.04 -38.38
N GLY D 344 14.67 -1.67 -37.60
CA GLY D 344 15.22 -1.04 -36.41
C GLY D 344 14.24 -1.02 -35.24
N ALA D 345 14.69 -0.51 -34.09
CA ALA D 345 13.87 -0.48 -32.89
C ALA D 345 12.52 0.17 -33.18
N ASN D 346 11.44 -0.50 -32.79
CA ASN D 346 10.10 -0.15 -33.26
C ASN D 346 9.50 1.12 -32.67
N THR D 347 10.21 1.70 -31.71
CA THR D 347 9.75 2.94 -31.10
C THR D 347 9.75 4.12 -32.07
N PHE D 348 10.59 4.09 -33.10
CA PHE D 348 10.72 5.27 -33.95
C PHE D 348 10.59 4.99 -35.44
N ASN D 349 9.88 3.93 -35.79
CA ASN D 349 9.62 3.62 -37.18
C ASN D 349 8.12 3.48 -37.45
N THR D 350 7.76 3.24 -38.70
CA THR D 350 6.39 2.91 -39.07
C THR D 350 6.40 1.78 -40.10
N VAL D 351 5.44 0.86 -39.99
CA VAL D 351 5.31 -0.19 -41.01
C VAL D 351 4.66 0.36 -42.27
N VAL D 352 5.22 -0.05 -43.41
CA VAL D 352 4.81 0.42 -44.72
C VAL D 352 4.13 -0.74 -45.44
N PRO D 353 2.93 -0.50 -46.00
CA PRO D 353 2.12 -1.59 -46.58
C PRO D 353 2.53 -1.95 -48.01
N PHE D 354 3.67 -2.60 -48.17
CA PHE D 354 4.11 -2.99 -49.50
C PHE D 354 3.22 -4.06 -50.11
N TYR D 355 2.82 -3.86 -51.36
CA TYR D 355 2.16 -4.91 -52.12
C TYR D 355 3.14 -6.05 -52.38
N ALA D 356 2.75 -7.29 -52.10
CA ALA D 356 3.64 -8.42 -52.28
C ALA D 356 3.70 -8.90 -53.74
N ASN D 357 2.67 -8.55 -54.51
CA ASN D 357 2.56 -9.02 -55.90
C ASN D 357 3.43 -8.17 -56.83
N VAL D 358 4.74 -8.29 -56.66
CA VAL D 358 5.72 -7.52 -57.43
C VAL D 358 6.94 -8.41 -57.73
N ASN D 359 7.75 -8.01 -58.70
CA ASN D 359 8.95 -8.77 -59.08
C ASN D 359 10.24 -8.20 -58.50
N ASP D 360 10.15 -7.02 -57.92
CA ASP D 360 11.32 -6.34 -57.36
C ASP D 360 10.82 -5.39 -56.26
N THR D 361 11.76 -4.83 -55.50
CA THR D 361 11.44 -4.07 -54.31
C THR D 361 12.09 -2.67 -54.33
N PRO D 362 11.55 -1.74 -53.55
CA PRO D 362 12.09 -0.36 -53.58
C PRO D 362 13.51 -0.23 -53.06
N VAL D 363 14.29 0.65 -53.68
CA VAL D 363 15.72 0.73 -53.42
C VAL D 363 16.08 1.05 -51.96
N GLN D 364 15.29 1.91 -51.31
CA GLN D 364 15.60 2.31 -49.93
C GLN D 364 15.40 1.16 -48.96
N TYR D 365 14.67 0.14 -49.39
CA TYR D 365 14.41 -1.02 -48.53
C TYR D 365 15.19 -2.25 -48.96
N LYS D 366 15.68 -2.23 -50.19
CA LYS D 366 16.37 -3.39 -50.75
C LYS D 366 17.89 -3.36 -50.59
N ASN D 367 18.49 -2.17 -50.57
CA ASN D 367 19.93 -2.12 -50.84
CA ASN D 367 19.91 -2.00 -50.85
C ASN D 367 20.86 -1.84 -49.65
N ALA D 368 20.41 -2.19 -48.45
CA ALA D 368 21.32 -2.07 -47.31
C ALA D 368 22.52 -3.00 -47.47
N THR D 369 23.70 -2.48 -47.11
CA THR D 369 24.90 -3.30 -47.01
C THR D 369 25.49 -3.13 -45.62
N GLY D 370 26.67 -3.69 -45.39
CA GLY D 370 27.35 -3.52 -44.13
C GLY D 370 27.95 -2.13 -43.95
N LYS D 371 27.91 -1.33 -45.01
CA LYS D 371 28.39 0.06 -44.92
C LYS D 371 27.26 0.98 -44.49
N PHE D 372 27.54 1.78 -43.47
CA PHE D 372 26.56 2.73 -42.95
C PHE D 372 26.15 3.73 -44.04
N ASP D 373 24.86 3.77 -44.33
CA ASP D 373 24.32 4.62 -45.38
C ASP D 373 22.95 5.13 -44.98
N LEU D 374 22.87 6.42 -44.68
CA LEU D 374 21.66 7.02 -44.16
C LEU D 374 20.62 7.29 -45.25
N ASN D 375 20.97 6.97 -46.50
CA ASN D 375 19.99 6.99 -47.58
C ASN D 375 19.17 5.70 -47.59
N ASN D 376 19.61 4.74 -46.81
CA ASN D 376 18.93 3.46 -46.68
C ASN D 376 18.07 3.42 -45.44
N MET D 377 16.89 2.81 -45.53
CA MET D 377 15.93 2.85 -44.44
C MET D 377 16.32 2.00 -43.23
N TYR D 378 17.15 0.98 -43.43
CA TYR D 378 17.61 0.25 -42.26
C TYR D 378 18.46 1.18 -41.38
N TRP D 379 19.49 1.77 -41.97
CA TRP D 379 20.40 2.59 -41.18
C TRP D 379 19.74 3.86 -40.66
N LEU D 380 18.88 4.47 -41.47
CA LEU D 380 18.21 5.70 -41.05
C LEU D 380 17.27 5.43 -39.86
N SER D 381 16.52 4.32 -39.94
CA SER D 381 15.58 3.97 -38.88
C SER D 381 16.30 3.65 -37.57
N CYS D 382 17.40 2.91 -37.65
CA CYS D 382 18.16 2.58 -36.44
C CYS D 382 18.71 3.84 -35.81
N THR D 383 19.21 4.75 -36.63
CA THR D 383 19.77 6.00 -36.13
C THR D 383 18.72 6.80 -35.38
N THR D 384 17.52 6.86 -35.95
CA THR D 384 16.43 7.60 -35.34
C THR D 384 16.08 7.03 -33.97
N ALA D 385 15.95 5.71 -33.89
CA ALA D 385 15.57 5.08 -32.63
C ALA D 385 16.64 5.23 -31.56
N LEU D 386 17.91 5.19 -31.94
CA LEU D 386 18.99 5.39 -30.97
C LEU D 386 18.90 6.80 -30.38
N LEU D 387 18.74 7.81 -31.24
CA LEU D 387 18.66 9.18 -30.74
C LEU D 387 17.43 9.31 -29.83
N GLY D 388 16.31 8.74 -30.26
CA GLY D 388 15.09 8.82 -29.47
C GLY D 388 15.25 8.22 -28.09
N ASP D 389 16.00 7.11 -28.03
CA ASP D 389 16.28 6.42 -26.77
C ASP D 389 17.03 7.28 -25.75
N THR D 390 17.79 8.27 -26.23
CA THR D 390 18.59 9.08 -25.31
C THR D 390 17.75 10.04 -24.48
N ASP D 391 16.54 10.34 -24.94
CA ASP D 391 15.64 11.20 -24.18
C ASP D 391 14.22 11.02 -24.70
N TYR D 392 13.64 9.87 -24.36
CA TYR D 392 12.37 9.47 -24.95
C TYR D 392 11.25 10.48 -24.72
N ASP D 393 11.10 10.93 -23.48
CA ASP D 393 10.02 11.89 -23.20
C ASP D 393 10.17 13.21 -23.98
N PHE D 394 11.41 13.55 -24.33
CA PHE D 394 11.67 14.77 -25.09
C PHE D 394 11.27 14.60 -26.56
N TYR D 395 11.44 13.39 -27.10
CA TYR D 395 11.21 13.16 -28.52
C TYR D 395 9.87 12.51 -28.85
N VAL D 396 9.13 12.05 -27.84
CA VAL D 396 7.97 11.19 -28.11
C VAL D 396 6.83 11.93 -28.81
N ASP D 397 6.71 13.24 -28.59
CA ASP D 397 5.60 13.96 -29.23
C ASP D 397 5.85 14.06 -30.74
N MET D 398 7.10 14.34 -31.13
CA MET D 398 7.45 14.33 -32.55
C MET D 398 7.24 12.93 -33.13
N ARG D 399 7.61 11.91 -32.35
CA ARG D 399 7.40 10.52 -32.75
C ARG D 399 5.93 10.26 -33.03
N ASN D 400 5.07 10.66 -32.09
CA ASN D 400 3.64 10.44 -32.22
C ASN D 400 3.06 11.16 -33.43
N ASP D 401 3.49 12.41 -33.66
CA ASP D 401 3.03 13.17 -34.82
C ASP D 401 3.39 12.46 -36.11
N TYR D 402 4.64 12.01 -36.17
CA TYR D 402 5.18 11.31 -37.33
C TYR D 402 4.41 10.03 -37.62
N GLU D 403 4.06 9.27 -36.58
CA GLU D 403 3.35 8.01 -36.79
C GLU D 403 2.00 8.24 -37.47
N LEU D 404 1.24 9.20 -36.94
CA LEU D 404 -0.08 9.51 -37.50
C LEU D 404 0.06 10.03 -38.92
N ASP D 405 1.00 10.95 -39.13
CA ASP D 405 1.20 11.56 -40.43
C ASP D 405 1.62 10.52 -41.47
N ALA D 406 2.56 9.64 -41.10
CA ALA D 406 3.07 8.65 -42.04
C ALA D 406 2.03 7.59 -42.38
N MET D 407 1.37 7.05 -41.36
CA MET D 407 0.39 5.99 -41.59
C MET D 407 -0.77 6.53 -42.43
N SER D 408 -1.14 7.79 -42.21
CA SER D 408 -2.20 8.41 -43.00
C SER D 408 -1.81 8.47 -44.46
N ALA D 409 -0.56 8.88 -44.70
CA ALA D 409 -0.04 8.97 -46.07
C ALA D 409 -0.01 7.59 -46.73
N TYR D 410 0.42 6.57 -45.99
CA TYR D 410 0.47 5.22 -46.57
C TYR D 410 -0.92 4.75 -46.94
N ARG D 411 -1.89 5.00 -46.08
CA ARG D 411 -3.23 4.48 -46.33
C ARG D 411 -3.86 5.22 -47.51
N LYS D 412 -3.53 6.49 -47.68
CA LYS D 412 -4.03 7.24 -48.83
C LYS D 412 -3.51 6.61 -50.12
N ILE D 413 -2.22 6.29 -50.14
CA ILE D 413 -1.63 5.65 -51.31
C ILE D 413 -2.24 4.27 -51.55
N GLN D 414 -2.41 3.48 -50.48
CA GLN D 414 -3.05 2.17 -50.61
C GLN D 414 -4.48 2.29 -51.12
N ASN D 415 -5.26 3.18 -50.53
CA ASN D 415 -6.65 3.36 -50.95
C ASN D 415 -6.74 3.80 -52.40
N ASP D 416 -5.89 4.73 -52.81
CA ASP D 416 -5.89 5.19 -54.20
C ASP D 416 -5.48 4.09 -55.16
N THR D 417 -4.48 3.32 -54.76
CA THR D 417 -3.95 2.25 -55.60
C THR D 417 -4.98 1.13 -55.75
N ASP D 418 -5.61 0.75 -54.63
CA ASP D 418 -6.66 -0.27 -54.64
C ASP D 418 -7.81 0.12 -55.56
N ALA D 419 -8.19 1.39 -55.50
CA ALA D 419 -9.38 1.88 -56.21
C ALA D 419 -9.22 1.82 -57.74
N ASP D 420 -7.98 1.81 -58.21
CA ASP D 420 -7.73 1.88 -59.66
C ASP D 420 -7.12 0.58 -60.21
N ILE D 421 -7.29 -0.52 -59.50
CA ILE D 421 -6.63 -1.77 -59.89
C ILE D 421 -7.26 -2.41 -61.13
N SER D 422 -8.57 -2.22 -61.31
CA SER D 422 -9.26 -2.90 -62.39
C SER D 422 -8.80 -2.38 -63.76
N GLY D 423 -8.44 -3.29 -64.65
CA GLY D 423 -8.06 -2.92 -66.00
C GLY D 423 -6.59 -2.58 -66.22
N GLN D 424 -5.79 -2.66 -65.16
CA GLN D 424 -4.37 -2.41 -65.28
C GLN D 424 -3.71 -3.47 -66.13
N LYS D 425 -3.01 -3.04 -67.18
CA LYS D 425 -2.43 -3.98 -68.14
C LYS D 425 -1.22 -4.71 -67.59
N ASP D 426 -0.45 -4.03 -66.75
CA ASP D 426 0.71 -4.65 -66.14
C ASP D 426 0.62 -4.49 -64.63
N ILE D 427 0.04 -5.48 -63.96
CA ILE D 427 -0.23 -5.38 -62.51
C ILE D 427 1.05 -5.21 -61.70
N GLU D 428 2.06 -6.01 -61.98
CA GLU D 428 3.29 -5.93 -61.20
C GLU D 428 3.96 -4.55 -61.37
N LYS D 429 3.93 -4.01 -62.58
CA LYS D 429 4.51 -2.70 -62.82
C LYS D 429 3.70 -1.63 -62.09
N TYR D 430 2.38 -1.80 -62.09
CA TYR D 430 1.47 -0.90 -61.40
C TYR D 430 1.77 -0.90 -59.90
N LEU D 431 1.93 -2.09 -59.34
CA LEU D 431 2.16 -2.22 -57.90
C LEU D 431 3.59 -1.88 -57.50
N GLU D 432 4.55 -2.09 -58.40
CA GLU D 432 5.92 -1.67 -58.12
C GLU D 432 5.98 -0.15 -58.04
N ASN D 433 5.18 0.51 -58.88
CA ASN D 433 5.12 1.97 -58.83
C ASN D 433 4.49 2.44 -57.52
N ALA D 434 3.46 1.73 -57.07
CA ALA D 434 2.81 2.06 -55.81
C ALA D 434 3.79 1.88 -54.65
N ASN D 435 4.55 0.78 -54.68
CA ASN D 435 5.54 0.52 -53.63
C ASN D 435 6.67 1.54 -53.63
N LYS D 436 7.04 2.02 -54.81
CA LYS D 436 8.04 3.07 -54.92
C LYS D 436 7.53 4.34 -54.26
N LYS D 437 6.26 4.66 -54.50
CA LYS D 437 5.66 5.84 -53.88
C LYS D 437 5.63 5.69 -52.37
N LEU D 438 5.26 4.50 -51.91
CA LEU D 438 5.23 4.21 -50.48
C LEU D 438 6.61 4.37 -49.85
N ALA D 439 7.61 3.75 -50.46
CA ALA D 439 8.97 3.83 -49.93
C ALA D 439 9.52 5.25 -49.99
N ASP D 440 9.21 5.97 -51.06
CA ASP D 440 9.68 7.36 -51.19
C ASP D 440 9.12 8.21 -50.06
N VAL D 441 7.82 8.07 -49.78
CA VAL D 441 7.23 8.90 -48.73
C VAL D 441 7.69 8.42 -47.36
N ALA D 442 7.85 7.10 -47.19
CA ALA D 442 8.36 6.59 -45.91
C ALA D 442 9.75 7.16 -45.61
N PHE D 443 10.61 7.21 -46.61
CA PHE D 443 11.95 7.75 -46.40
C PHE D 443 11.87 9.24 -46.09
N GLU D 444 11.08 9.98 -46.85
CA GLU D 444 10.97 11.42 -46.63
C GLU D 444 10.47 11.72 -45.22
N LYS D 445 9.48 10.97 -44.76
CA LYS D 445 8.92 11.23 -43.43
C LYS D 445 9.87 10.77 -42.32
N GLN D 446 10.56 9.65 -42.53
CA GLN D 446 11.56 9.19 -41.55
C GLN D 446 12.69 10.22 -41.42
N ASN D 447 13.13 10.73 -42.57
CA ASN D 447 14.20 11.71 -42.60
C ASN D 447 13.78 13.03 -41.96
N LYS D 448 12.56 13.47 -42.24
CA LYS D 448 12.07 14.70 -41.63
C LYS D 448 11.97 14.54 -40.12
N LEU D 449 11.54 13.38 -39.66
CA LEU D 449 11.45 13.13 -38.22
C LEU D 449 12.84 13.25 -37.58
N LEU D 450 13.83 12.58 -38.15
CA LEU D 450 15.17 12.63 -37.59
C LEU D 450 15.69 14.06 -37.62
N GLY D 451 15.42 14.79 -38.69
CA GLY D 451 15.85 16.17 -38.78
C GLY D 451 15.23 17.03 -37.70
N ASP D 452 13.94 16.81 -37.44
CA ASP D 452 13.25 17.56 -36.41
C ASP D 452 13.80 17.21 -35.03
N MET D 453 14.12 15.94 -34.84
CA MET D 453 14.72 15.51 -33.57
C MET D 453 16.12 16.13 -33.40
N VAL D 454 16.90 16.15 -34.47
CA VAL D 454 18.26 16.69 -34.39
C VAL D 454 18.21 18.19 -34.12
N THR D 455 17.27 18.88 -34.78
CA THR D 455 17.17 20.32 -34.61
C THR D 455 16.75 20.71 -33.20
N THR D 456 15.69 20.08 -32.71
CA THR D 456 15.19 20.38 -31.37
C THR D 456 16.14 19.82 -30.31
N GLY D 457 16.64 18.61 -30.53
CA GLY D 457 17.56 18.00 -29.59
C GLY D 457 18.83 18.82 -29.40
N SER D 458 19.32 19.40 -30.49
CA SER D 458 20.56 20.18 -30.42
C SER D 458 20.39 21.39 -29.50
N ASN D 459 19.19 21.95 -29.46
CA ASN D 459 18.91 23.05 -28.53
C ASN D 459 19.01 22.63 -27.06
N ASN D 460 18.88 21.33 -26.80
CA ASN D 460 18.86 20.82 -25.43
C ASN D 460 20.11 20.01 -25.08
N MET D 461 21.18 20.18 -25.85
CA MET D 461 22.43 19.49 -25.56
C MET D 461 23.01 19.90 -24.21
N LYS D 462 23.72 18.98 -23.59
CA LYS D 462 24.42 19.29 -22.35
C LYS D 462 25.48 20.37 -22.58
N LEU D 463 26.18 20.22 -23.70
CA LEU D 463 27.21 21.18 -24.09
C LEU D 463 26.54 22.43 -24.65
N ARG D 464 26.03 23.26 -23.74
CA ARG D 464 25.36 24.50 -24.14
C ARG D 464 25.54 25.53 -23.04
N TYR D 465 25.39 26.79 -23.41
CA TYR D 465 25.34 27.89 -22.44
C TYR D 465 24.68 29.04 -23.18
N ASN D 466 23.45 29.32 -22.81
CA ASN D 466 22.68 30.37 -23.46
C ASN D 466 22.53 31.61 -22.62
N LEU D 467 22.53 32.76 -23.26
CA LEU D 467 22.09 33.99 -22.62
C LEU D 467 20.58 34.05 -22.77
N ASN D 468 19.86 34.22 -21.66
CA ASN D 468 18.42 34.18 -21.73
C ASN D 468 17.86 35.55 -22.05
N ASP D 469 18.07 35.98 -23.30
CA ASP D 469 17.59 37.26 -23.76
C ASP D 469 17.24 37.19 -25.25
N CYS E 9 4.77 -2.19 34.32
CA CYS E 9 4.52 -3.62 34.49
C CYS E 9 3.53 -4.19 33.50
N THR E 10 3.61 -5.50 33.31
CA THR E 10 2.67 -6.27 32.52
C THR E 10 2.33 -7.53 33.32
N SER E 11 1.04 -7.86 33.39
CA SER E 11 0.57 -9.02 34.14
C SER E 11 -0.17 -10.00 33.24
N ILE E 12 0.02 -11.29 33.50
CA ILE E 12 -0.70 -12.34 32.79
C ILE E 12 -1.29 -13.32 33.79
N LEU E 13 -2.59 -13.56 33.66
CA LEU E 13 -3.34 -14.46 34.55
C LEU E 13 -3.89 -15.62 33.75
N VAL E 14 -3.85 -16.83 34.32
CA VAL E 14 -4.33 -18.02 33.63
C VAL E 14 -5.14 -18.91 34.57
N GLY E 15 -6.41 -19.17 34.22
CA GLY E 15 -7.26 -20.04 35.02
C GLY E 15 -6.85 -21.51 34.92
N LYS E 16 -7.33 -22.33 35.85
CA LYS E 16 -6.83 -23.69 35.98
C LYS E 16 -7.22 -24.61 34.81
N LYS E 17 -8.26 -24.26 34.07
CA LYS E 17 -8.62 -25.07 32.91
C LYS E 17 -7.99 -24.51 31.65
N ALA E 18 -7.30 -23.39 31.77
CA ALA E 18 -6.67 -22.74 30.62
C ALA E 18 -5.18 -23.07 30.48
N SER E 19 -4.60 -23.60 31.54
CA SER E 19 -3.19 -23.97 31.56
C SER E 19 -2.99 -25.38 31.01
N ILE E 20 -1.78 -25.65 30.54
CA ILE E 20 -1.48 -26.96 29.96
C ILE E 20 -1.44 -28.05 31.03
N ASP E 21 -1.24 -27.68 32.28
CA ASP E 21 -1.05 -28.69 33.32
C ASP E 21 -2.11 -28.62 34.42
N GLY E 22 -3.13 -27.81 34.23
CA GLY E 22 -4.21 -27.71 35.21
C GLY E 22 -3.86 -26.90 36.45
N SER E 23 -2.77 -26.16 36.38
CA SER E 23 -2.40 -25.23 37.44
C SER E 23 -3.06 -23.86 37.23
N THR E 24 -3.08 -23.04 38.28
CA THR E 24 -3.37 -21.62 38.11
C THR E 24 -2.05 -20.86 37.98
N LEU E 25 -2.06 -19.79 37.19
CA LEU E 25 -0.87 -18.96 37.02
C LEU E 25 -1.22 -17.49 37.19
N ILE E 26 -0.47 -16.78 38.02
CA ILE E 26 -0.51 -15.33 38.00
C ILE E 26 0.92 -14.83 37.87
N SER E 27 1.10 -13.80 37.06
CA SER E 27 2.44 -13.35 36.75
C SER E 27 2.52 -11.85 36.56
N ARG E 28 3.73 -11.33 36.72
CA ARG E 28 3.96 -9.92 36.49
C ARG E 28 5.43 -9.63 36.26
N ASN E 29 5.70 -8.69 35.36
CA ASN E 29 6.99 -8.02 35.29
C ASN E 29 7.00 -6.88 36.29
N ASP E 30 7.90 -6.94 37.25
CA ASP E 30 8.02 -5.90 38.24
C ASP E 30 8.97 -4.86 37.68
N ASP E 31 8.41 -3.85 36.99
CA ASP E 31 9.22 -2.85 36.33
C ASP E 31 9.38 -1.62 37.21
N GLY E 32 10.55 -1.01 37.22
CA GLY E 32 10.74 0.18 38.02
C GLY E 32 10.88 1.43 37.18
N HIS E 33 11.15 2.55 37.85
CA HIS E 33 11.46 3.79 37.14
C HIS E 33 12.92 3.79 36.65
N GLU E 34 13.84 3.45 37.53
CA GLU E 34 15.23 3.30 37.13
C GLU E 34 15.42 1.94 36.45
N ALA E 35 16.37 1.85 35.53
CA ALA E 35 16.60 0.59 34.82
C ALA E 35 17.00 -0.51 35.78
N LEU E 36 18.00 -0.24 36.64
CA LEU E 36 18.48 -1.23 37.58
C LEU E 36 18.16 -0.89 39.02
N ASP E 37 17.76 -1.89 39.78
CA ASP E 37 17.51 -1.78 41.22
C ASP E 37 17.54 -3.20 41.77
N PRO E 38 18.61 -3.54 42.50
CA PRO E 38 18.84 -4.96 42.85
C PRO E 38 17.69 -5.57 43.66
N GLN E 39 17.33 -6.80 43.29
CA GLN E 39 16.24 -7.55 43.88
C GLN E 39 16.76 -8.76 44.63
N ARG E 40 16.05 -9.18 45.68
CA ARG E 40 16.38 -10.40 46.41
C ARG E 40 15.18 -11.35 46.44
N PHE E 41 15.46 -12.66 46.52
CA PHE E 41 14.43 -13.69 46.70
C PHE E 41 14.50 -14.14 48.17
N VAL E 42 13.42 -13.90 48.91
CA VAL E 42 13.48 -14.03 50.37
C VAL E 42 12.25 -14.70 50.92
N VAL E 43 12.43 -15.69 51.78
CA VAL E 43 11.32 -16.24 52.52
C VAL E 43 11.19 -15.53 53.86
N VAL E 44 10.01 -14.99 54.12
CA VAL E 44 9.73 -14.33 55.39
C VAL E 44 9.07 -15.32 56.33
N ASN E 45 9.82 -15.81 57.31
CA ASN E 45 9.25 -16.71 58.29
C ASN E 45 8.45 -15.91 59.31
N PRO E 46 7.44 -16.55 59.94
CA PRO E 46 6.53 -15.82 60.83
C PRO E 46 7.23 -14.99 61.91
N GLU E 47 8.31 -15.49 62.47
CA GLU E 47 9.02 -14.77 63.53
C GLU E 47 9.65 -13.47 63.03
N ASP E 48 9.83 -13.35 61.72
CA ASP E 48 10.45 -12.18 61.13
C ASP E 48 9.43 -11.18 60.56
N GLN E 49 8.16 -11.55 60.61
CA GLN E 49 7.09 -10.69 60.11
C GLN E 49 6.70 -9.65 61.16
N PRO E 50 6.62 -8.37 60.76
CA PRO E 50 6.22 -7.33 61.72
C PRO E 50 4.79 -7.50 62.20
N ARG E 51 4.54 -7.11 63.45
CA ARG E 51 3.19 -7.01 63.98
C ARG E 51 2.72 -5.56 64.01
N ASP E 52 3.69 -4.65 64.10
CA ASP E 52 3.42 -3.22 64.08
C ASP E 52 4.12 -2.61 62.85
N TYR E 53 3.40 -2.57 61.74
CA TYR E 53 4.01 -2.19 60.46
C TYR E 53 3.88 -0.70 60.15
N THR E 54 5.00 -0.08 59.79
CA THR E 54 4.98 1.29 59.31
C THR E 54 5.70 1.41 57.98
N SER E 55 5.04 2.02 57.00
CA SER E 55 5.66 2.17 55.69
C SER E 55 6.66 3.31 55.68
N VAL E 56 7.56 3.29 54.70
CA VAL E 56 8.55 4.34 54.56
C VAL E 56 8.01 5.50 53.76
N ILE E 57 7.31 5.22 52.68
CA ILE E 57 6.87 6.28 51.78
C ILE E 57 5.73 7.10 52.39
N SER E 58 4.69 6.42 52.87
CA SER E 58 3.49 7.12 53.32
C SER E 58 3.38 7.27 54.85
N LYS E 59 4.23 6.58 55.58
CA LYS E 59 4.20 6.52 57.05
C LYS E 59 2.89 5.96 57.60
N VAL E 60 2.17 5.19 56.79
CA VAL E 60 0.97 4.51 57.27
C VAL E 60 1.37 3.51 58.36
N ASN E 61 0.56 3.41 59.41
CA ASN E 61 0.82 2.45 60.48
C ASN E 61 -0.29 1.42 60.54
N VAL E 62 0.08 0.15 60.37
CA VAL E 62 -0.90 -0.93 60.32
C VAL E 62 -0.60 -2.00 61.36
N LYS E 63 -1.51 -2.19 62.31
CA LYS E 63 -1.36 -3.29 63.23
C LYS E 63 -1.78 -4.58 62.54
N LEU E 64 -0.91 -5.59 62.59
CA LEU E 64 -1.14 -6.83 61.87
C LEU E 64 -1.40 -7.98 62.85
N PRO E 65 -2.14 -9.01 62.40
CA PRO E 65 -2.41 -10.20 63.23
C PRO E 65 -1.15 -10.87 63.75
N ASP E 66 -1.27 -11.59 64.86
CA ASP E 66 -0.11 -12.20 65.51
C ASP E 66 0.14 -13.62 64.98
N ASP E 67 -0.62 -14.03 63.96
CA ASP E 67 -0.42 -15.36 63.38
C ASP E 67 -0.12 -15.35 61.87
N PRO E 68 0.92 -14.60 61.45
CA PRO E 68 1.24 -14.60 60.02
C PRO E 68 1.75 -15.95 59.51
N GLN E 69 1.44 -16.27 58.26
CA GLN E 69 1.99 -17.45 57.59
C GLN E 69 3.31 -17.12 56.93
N ARG E 70 4.17 -18.13 56.82
CA ARG E 70 5.40 -18.03 56.04
C ARG E 70 5.07 -17.69 54.59
N TYR E 71 5.90 -16.87 53.94
CA TYR E 71 5.66 -16.57 52.54
C TYR E 71 6.95 -16.24 51.80
N THR E 72 6.99 -16.55 50.50
CA THR E 72 8.07 -16.07 49.65
C THR E 72 7.82 -14.62 49.28
N SER E 73 8.88 -13.92 48.88
CA SER E 73 8.79 -12.52 48.50
C SER E 73 10.01 -12.11 47.68
N ILE E 74 9.94 -10.94 47.07
CA ILE E 74 11.03 -10.44 46.23
C ILE E 74 11.40 -9.01 46.63
N PRO E 75 11.87 -8.83 47.86
CA PRO E 75 12.13 -7.46 48.34
C PRO E 75 13.29 -6.77 47.64
N ASN E 76 13.24 -5.45 47.59
CA ASN E 76 14.38 -4.67 47.15
C ASN E 76 15.55 -4.88 48.08
N SER E 77 16.76 -4.96 47.52
CA SER E 77 17.97 -5.00 48.32
C SER E 77 18.22 -3.70 49.08
N ILE E 78 17.98 -2.60 48.39
CA ILE E 78 18.17 -1.27 48.97
C ILE E 78 16.82 -0.81 49.51
N LEU E 79 16.76 -0.58 50.83
CA LEU E 79 15.47 -0.41 51.51
C LEU E 79 15.10 1.06 51.74
N THR E 80 15.74 1.95 50.98
CA THR E 80 15.53 3.39 51.08
C THR E 80 14.06 3.79 50.98
N ASN E 81 13.32 3.10 50.10
CA ASN E 81 11.91 3.41 49.89
C ASN E 81 11.00 2.33 50.43
N GLY E 82 11.51 1.52 51.35
CA GLY E 82 10.71 0.45 51.90
C GLY E 82 11.01 -0.90 51.29
N ILE E 83 10.22 -1.90 51.66
CA ILE E 83 10.53 -3.29 51.34
C ILE E 83 10.23 -3.66 49.88
N TRP E 84 9.07 -3.26 49.38
CA TRP E 84 8.65 -3.59 48.01
C TRP E 84 8.79 -5.09 47.71
N PRO E 85 8.01 -5.92 48.41
CA PRO E 85 8.12 -7.37 48.30
C PRO E 85 7.61 -7.95 46.98
N ALA E 86 6.79 -7.18 46.25
CA ALA E 86 6.30 -7.50 44.90
C ALA E 86 5.28 -8.66 44.80
N ALA E 87 5.66 -9.83 45.29
CA ALA E 87 4.85 -11.02 45.03
C ALA E 87 5.35 -12.20 45.82
N GLY E 88 4.45 -13.15 46.09
CA GLY E 88 4.87 -14.38 46.74
C GLY E 88 3.75 -15.37 46.93
N ILE E 89 4.13 -16.50 47.53
CA ILE E 89 3.22 -17.59 47.81
C ILE E 89 3.33 -17.90 49.29
N ASN E 90 2.20 -18.03 49.97
CA ASN E 90 2.25 -18.36 51.40
C ASN E 90 2.09 -19.86 51.65
N SER E 91 2.14 -20.27 52.91
CA SER E 91 2.15 -21.69 53.22
C SER E 91 0.78 -22.35 53.08
N SER E 92 -0.25 -21.56 52.78
CA SER E 92 -1.56 -22.08 52.38
C SER E 92 -1.68 -22.23 50.86
N ASN E 93 -0.55 -22.03 50.16
CA ASN E 93 -0.52 -22.06 48.70
C ASN E 93 -1.48 -21.03 48.10
N VAL E 94 -1.49 -19.85 48.70
CA VAL E 94 -2.13 -18.69 48.10
C VAL E 94 -1.04 -17.81 47.50
N ALA E 95 -1.26 -17.37 46.26
CA ALA E 95 -0.31 -16.49 45.57
C ALA E 95 -0.86 -15.08 45.46
N MET E 96 0.03 -14.10 45.49
CA MET E 96 -0.36 -12.69 45.35
C MET E 96 0.72 -11.90 44.64
N SER E 97 0.34 -11.05 43.68
CA SER E 97 1.30 -10.13 43.08
C SER E 97 0.73 -8.74 43.10
N ALA E 98 1.50 -7.81 43.65
CA ALA E 98 1.08 -6.43 43.82
C ALA E 98 2.27 -5.50 43.61
N THR E 99 2.23 -4.63 42.60
CA THR E 99 1.03 -4.30 41.84
C THR E 99 1.32 -4.04 40.37
N GLU E 100 0.23 -3.98 39.61
CA GLU E 100 0.22 -3.43 38.28
C GLU E 100 -0.32 -2.00 38.41
N THR E 101 0.51 -0.98 38.19
CA THR E 101 -0.01 0.39 38.25
C THR E 101 -1.01 0.57 37.12
N ILE E 102 -2.22 1.00 37.43
CA ILE E 102 -3.23 1.17 36.40
C ILE E 102 -3.58 2.65 36.27
N THR E 103 -4.71 2.93 35.63
CA THR E 103 -5.11 4.32 35.42
C THR E 103 -6.40 4.66 36.15
N THR E 104 -6.73 5.94 36.14
CA THR E 104 -7.91 6.46 36.83
C THR E 104 -8.44 7.63 36.00
N ASN E 105 -9.38 8.40 36.54
CA ASN E 105 -9.76 9.64 35.84
C ASN E 105 -10.20 10.70 36.85
N SER E 106 -10.34 11.93 36.36
CA SER E 106 -10.55 13.07 37.24
C SER E 106 -11.94 13.09 37.86
N ARG E 107 -12.91 12.44 37.23
CA ARG E 107 -14.26 12.43 37.77
C ARG E 107 -14.33 11.59 39.05
N VAL E 108 -13.72 10.41 39.06
CA VAL E 108 -13.72 9.62 40.29
C VAL E 108 -12.71 10.18 41.31
N GLN E 109 -11.57 10.70 40.86
CA GLN E 109 -10.61 11.26 41.81
C GLN E 109 -11.20 12.47 42.53
N GLY E 110 -12.08 13.19 41.85
CA GLY E 110 -12.76 14.33 42.44
C GLY E 110 -13.72 13.92 43.54
N LEU E 111 -14.14 12.66 43.54
CA LEU E 111 -15.10 12.17 44.55
C LEU E 111 -14.43 11.40 45.68
N ASP E 112 -13.36 10.69 45.33
CA ASP E 112 -12.64 9.87 46.31
C ASP E 112 -11.13 10.00 46.05
N PRO E 113 -10.53 11.11 46.51
CA PRO E 113 -9.12 11.42 46.26
C PRO E 113 -8.17 10.41 46.90
N PHE E 114 -6.96 10.33 46.35
CA PHE E 114 -5.89 9.54 46.98
C PHE E 114 -5.66 9.98 48.42
N VAL E 115 -5.28 9.01 49.26
CA VAL E 115 -4.98 9.25 50.67
C VAL E 115 -3.47 9.22 50.86
N GLU E 116 -2.90 10.38 51.20
CA GLU E 116 -1.43 10.50 51.20
C GLU E 116 -0.73 9.64 52.24
N ASN E 117 -1.41 9.35 53.35
CA ASN E 117 -0.83 8.46 54.34
C ASN E 117 -1.47 7.08 54.27
N GLY E 118 -1.84 6.67 53.06
CA GLY E 118 -2.47 5.37 52.84
C GLY E 118 -1.49 4.27 52.45
N LEU E 119 -2.05 3.15 52.00
CA LEU E 119 -1.25 2.01 51.58
C LEU E 119 -0.80 2.16 50.14
N GLY E 120 0.33 1.52 49.80
CA GLY E 120 0.83 1.52 48.45
C GLY E 120 1.45 0.19 48.07
N GLU E 121 1.93 0.11 46.84
CA GLU E 121 2.65 -1.07 46.35
C GLU E 121 3.83 -1.48 47.25
N GLU E 122 4.42 -0.48 47.90
CA GLU E 122 5.46 -0.72 48.89
C GLU E 122 5.01 -1.76 49.90
N ASP E 123 3.71 -1.76 50.18
CA ASP E 123 3.15 -2.41 51.37
C ASP E 123 2.29 -3.66 51.16
N LEU E 124 1.62 -3.76 50.01
CA LEU E 124 0.44 -4.62 49.91
C LEU E 124 0.68 -6.11 50.18
N VAL E 125 1.70 -6.70 49.60
CA VAL E 125 1.93 -8.13 49.85
C VAL E 125 2.19 -8.38 51.35
N THR E 126 2.99 -7.51 51.95
CA THR E 126 3.36 -7.64 53.35
C THR E 126 2.15 -7.64 54.28
N VAL E 127 1.16 -6.80 53.97
CA VAL E 127 0.03 -6.64 54.89
C VAL E 127 -1.17 -7.52 54.53
N VAL E 128 -1.13 -8.21 53.39
CA VAL E 128 -2.25 -9.08 52.99
C VAL E 128 -1.91 -10.57 52.95
N LEU E 129 -0.88 -10.92 52.17
CA LEU E 129 -0.58 -12.33 51.90
C LEU E 129 -0.42 -13.26 53.14
N PRO E 130 0.26 -12.79 54.21
CA PRO E 130 0.47 -13.73 55.33
C PRO E 130 -0.79 -14.10 56.10
N TYR E 131 -1.92 -13.47 55.80
CA TYR E 131 -3.08 -13.54 56.69
C TYR E 131 -4.32 -14.15 56.04
N VAL E 132 -4.16 -14.75 54.85
CA VAL E 132 -5.31 -15.28 54.13
C VAL E 132 -5.06 -16.72 53.68
N LYS E 133 -6.12 -17.50 53.54
CA LYS E 133 -5.97 -18.90 53.18
C LYS E 133 -6.64 -19.25 51.85
N SER E 134 -7.14 -18.23 51.16
CA SER E 134 -7.64 -18.39 49.81
C SER E 134 -7.46 -17.10 49.03
N ALA E 135 -7.54 -17.20 47.71
CA ALA E 135 -7.46 -16.02 46.86
C ALA E 135 -8.63 -15.08 47.17
N ARG E 136 -9.81 -15.65 47.37
CA ARG E 136 -10.99 -14.83 47.67
C ARG E 136 -10.81 -14.07 48.98
N GLU E 137 -10.23 -14.72 49.98
CA GLU E 137 -9.94 -14.06 51.25
C GLU E 137 -8.94 -12.92 51.06
N GLY E 138 -7.97 -13.13 50.17
CA GLY E 138 -7.00 -12.10 49.83
C GLY E 138 -7.69 -10.87 49.28
N VAL E 139 -8.59 -11.08 48.33
CA VAL E 139 -9.38 -9.98 47.76
C VAL E 139 -10.11 -9.22 48.86
N LYS E 140 -10.81 -9.97 49.72
CA LYS E 140 -11.64 -9.34 50.74
C LYS E 140 -10.79 -8.59 51.77
N ARG E 141 -9.64 -9.15 52.14
CA ARG E 141 -8.76 -8.48 53.09
C ARG E 141 -8.21 -7.18 52.50
N LEU E 142 -7.78 -7.22 51.25
CA LEU E 142 -7.25 -6.01 50.63
C LEU E 142 -8.33 -4.95 50.51
N GLY E 143 -9.53 -5.37 50.09
CA GLY E 143 -10.65 -4.46 50.01
C GLY E 143 -10.90 -3.79 51.35
N SER E 144 -10.90 -4.58 52.42
CA SER E 144 -11.10 -4.06 53.76
C SER E 144 -10.00 -3.07 54.16
N LEU E 145 -8.76 -3.38 53.81
CA LEU E 145 -7.64 -2.50 54.16
C LEU E 145 -7.68 -1.17 53.41
N LEU E 146 -8.13 -1.20 52.15
CA LEU E 146 -8.26 0.02 51.38
C LEU E 146 -9.32 0.94 52.00
N GLU E 147 -10.39 0.34 52.49
CA GLU E 147 -11.44 1.10 53.16
C GLU E 147 -10.96 1.69 54.48
N GLU E 148 -10.13 0.94 55.20
CA GLU E 148 -9.67 1.37 56.51
C GLU E 148 -8.54 2.40 56.43
N TYR E 149 -7.60 2.19 55.52
CA TYR E 149 -6.40 3.01 55.47
C TYR E 149 -6.30 3.90 54.25
N GLY E 150 -7.03 3.55 53.20
CA GLY E 150 -6.95 4.26 51.93
C GLY E 150 -5.68 3.90 51.17
N THR E 151 -5.54 4.47 49.98
CA THR E 151 -4.35 4.26 49.15
C THR E 151 -3.98 5.53 48.40
N TYR E 152 -2.70 5.65 48.03
CA TYR E 152 -2.25 6.81 47.27
C TYR E 152 -1.88 6.49 45.82
N GLU E 153 -2.23 5.29 45.37
CA GLU E 153 -1.92 4.80 44.02
C GLU E 153 -3.12 4.12 43.38
N PRO E 154 -3.19 4.12 42.03
CA PRO E 154 -4.12 3.30 41.25
C PRO E 154 -3.46 1.97 40.89
N ASN E 155 -3.95 0.86 41.45
CA ASN E 155 -3.26 -0.42 41.34
C ASN E 155 -4.14 -1.60 40.95
N GLY E 156 -3.54 -2.57 40.25
CA GLY E 156 -4.15 -3.85 40.01
C GLY E 156 -3.36 -4.93 40.74
N ILE E 157 -4.07 -5.86 41.37
CA ILE E 157 -3.46 -6.89 42.19
C ILE E 157 -4.03 -8.26 41.81
N SER E 158 -3.16 -9.24 41.64
CA SER E 158 -3.61 -10.59 41.34
C SER E 158 -3.52 -11.49 42.57
N PHE E 159 -4.49 -12.40 42.67
CA PHE E 159 -4.50 -13.44 43.70
C PHE E 159 -4.80 -14.80 43.07
N ALA E 160 -4.24 -15.87 43.62
CA ALA E 160 -4.60 -17.22 43.16
C ALA E 160 -4.44 -18.25 44.26
N ASP E 161 -5.25 -19.30 44.16
CA ASP E 161 -4.98 -20.53 44.90
C ASP E 161 -5.12 -21.67 43.89
N ASN E 162 -5.23 -22.91 44.34
CA ASN E 162 -5.28 -23.99 43.37
C ASN E 162 -6.61 -24.07 42.62
N GLU E 163 -7.62 -23.32 43.08
CA GLU E 163 -8.92 -23.32 42.42
C GLU E 163 -9.19 -22.05 41.60
N GLU E 164 -8.88 -20.89 42.18
CA GLU E 164 -9.34 -19.62 41.61
C GLU E 164 -8.23 -18.62 41.36
N VAL E 165 -8.47 -17.76 40.38
CA VAL E 165 -7.63 -16.60 40.08
C VAL E 165 -8.50 -15.35 40.12
N TRP E 166 -8.06 -14.34 40.85
CA TRP E 166 -8.81 -13.07 40.98
C TRP E 166 -7.95 -11.89 40.58
N TRP E 167 -8.59 -10.86 40.05
CA TRP E 167 -7.94 -9.60 39.72
C TRP E 167 -8.69 -8.49 40.43
N LEU E 168 -7.99 -7.74 41.27
CA LEU E 168 -8.58 -6.60 41.98
C LEU E 168 -7.99 -5.30 41.46
N GLU E 169 -8.85 -4.32 41.23
CA GLU E 169 -8.37 -3.01 40.86
C GLU E 169 -8.83 -1.97 41.85
N THR E 170 -7.92 -1.10 42.27
CA THR E 170 -8.25 -0.06 43.24
C THR E 170 -8.79 1.18 42.50
N ILE E 171 -9.74 1.85 43.13
CA ILE E 171 -10.51 2.91 42.50
C ILE E 171 -10.56 4.09 43.48
N GLY E 172 -9.87 5.17 43.15
CA GLY E 172 -9.77 6.30 44.07
C GLY E 172 -9.05 5.95 45.37
N GLY E 173 -9.30 6.73 46.41
CA GLY E 173 -8.61 6.51 47.67
C GLY E 173 -9.07 5.29 48.44
N HIS E 174 -10.31 4.85 48.22
CA HIS E 174 -10.88 3.80 49.07
C HIS E 174 -11.67 2.71 48.37
N HIS E 175 -12.04 2.92 47.11
CA HIS E 175 -12.92 1.96 46.46
C HIS E 175 -12.16 0.89 45.68
N TRP E 176 -12.86 -0.17 45.29
CA TRP E 176 -12.22 -1.29 44.61
C TRP E 176 -13.24 -2.20 43.98
N ALA E 177 -12.78 -3.00 43.03
CA ALA E 177 -13.61 -4.02 42.41
C ALA E 177 -12.71 -5.19 42.05
N ALA E 178 -13.29 -6.38 42.00
CA ALA E 178 -12.49 -7.55 41.68
C ALA E 178 -13.30 -8.56 40.89
N VAL E 179 -12.64 -9.28 40.00
CA VAL E 179 -13.29 -10.27 39.16
C VAL E 179 -12.57 -11.61 39.30
N ARG E 180 -13.33 -12.68 39.41
CA ARG E 180 -12.77 -14.00 39.33
C ARG E 180 -12.61 -14.38 37.85
N ILE E 181 -11.38 -14.66 37.44
CA ILE E 181 -11.10 -15.06 36.07
C ILE E 181 -11.71 -16.45 35.82
N PRO E 182 -12.51 -16.59 34.75
CA PRO E 182 -13.08 -17.92 34.46
C PRO E 182 -11.99 -18.98 34.34
N ASP E 183 -12.32 -20.21 34.73
CA ASP E 183 -11.34 -21.29 34.72
C ASP E 183 -10.64 -21.47 33.39
N ASP E 184 -11.37 -21.24 32.31
CA ASP E 184 -10.86 -21.51 30.97
C ASP E 184 -10.32 -20.28 30.27
N ALA E 185 -10.08 -19.21 31.04
CA ALA E 185 -9.72 -17.92 30.45
C ALA E 185 -8.31 -17.48 30.83
N TYR E 186 -7.83 -16.47 30.12
CA TYR E 186 -6.60 -15.79 30.50
C TYR E 186 -6.82 -14.29 30.41
N VAL E 187 -5.88 -13.54 31.00
CA VAL E 187 -5.87 -12.09 30.94
C VAL E 187 -4.46 -11.60 30.70
N VAL E 188 -4.32 -10.60 29.82
CA VAL E 188 -3.10 -9.81 29.69
C VAL E 188 -3.42 -8.38 30.11
N ALA E 189 -2.71 -7.88 31.10
CA ALA E 189 -3.03 -6.57 31.66
C ALA E 189 -1.82 -5.65 31.72
N PRO E 190 -1.89 -4.50 31.04
CA PRO E 190 -0.85 -3.47 31.08
C PRO E 190 -1.17 -2.40 32.11
N ASN E 191 -0.51 -1.25 32.01
CA ASN E 191 -0.64 -0.19 32.99
C ASN E 191 -1.85 0.72 32.76
N ARG E 192 -3.02 0.09 32.70
CA ARG E 192 -4.26 0.76 32.36
C ARG E 192 -5.37 0.02 33.09
N MET E 193 -6.38 0.73 33.58
CA MET E 193 -7.48 -0.01 34.23
C MET E 193 -8.10 -1.02 33.24
N ASN E 194 -8.34 -2.24 33.72
CA ASN E 194 -8.66 -3.38 32.85
C ASN E 194 -10.08 -3.92 32.90
N ILE E 195 -10.69 -3.92 34.08
CA ILE E 195 -11.98 -4.58 34.24
C ILE E 195 -13.02 -3.89 33.38
N ASP E 196 -13.70 -4.65 32.53
CA ASP E 196 -14.68 -4.04 31.63
C ASP E 196 -16.11 -4.35 32.12
N GLN E 197 -16.91 -5.04 31.32
CA GLN E 197 -18.28 -5.35 31.68
C GLN E 197 -18.34 -6.00 33.07
N PHE E 198 -19.24 -5.52 33.94
CA PHE E 198 -19.22 -5.93 35.34
C PHE E 198 -20.62 -6.22 35.89
N ASP E 199 -20.81 -7.44 36.38
CA ASP E 199 -22.09 -7.87 36.94
C ASP E 199 -22.01 -7.82 38.45
N PHE E 200 -22.70 -6.85 39.05
CA PHE E 200 -22.66 -6.68 40.49
C PHE E 200 -23.24 -7.87 41.24
N ASP E 201 -24.15 -8.60 40.61
CA ASP E 201 -24.90 -9.66 41.29
C ASP E 201 -24.23 -11.03 41.22
N SER E 202 -23.16 -11.13 40.44
CA SER E 202 -22.48 -12.41 40.19
C SER E 202 -21.62 -12.88 41.36
N ASP E 203 -21.53 -14.20 41.57
CA ASP E 203 -20.62 -14.74 42.56
C ASP E 203 -19.16 -14.57 42.11
N ASP E 204 -18.97 -14.22 40.84
CA ASP E 204 -17.63 -14.08 40.27
C ASP E 204 -17.11 -12.66 40.42
N THR E 205 -17.86 -11.81 41.12
CA THR E 205 -17.39 -10.45 41.35
C THR E 205 -17.49 -10.07 42.82
N LEU E 206 -16.61 -9.17 43.24
CA LEU E 206 -16.65 -8.55 44.55
C LEU E 206 -16.30 -7.09 44.39
N CYS E 207 -16.83 -6.22 45.25
CA CYS E 207 -16.49 -4.80 45.18
C CYS E 207 -16.92 -4.03 46.41
N SER E 208 -16.52 -2.76 46.48
CA SER E 208 -17.02 -1.84 47.50
C SER E 208 -18.53 -1.96 47.58
N SER E 209 -19.06 -2.00 48.80
CA SER E 209 -20.49 -2.19 48.98
C SER E 209 -21.29 -1.04 48.36
N ASP E 210 -20.66 0.13 48.27
CA ASP E 210 -21.30 1.32 47.73
C ASP E 210 -20.95 1.62 46.27
N LEU E 211 -20.27 0.70 45.58
CA LEU E 211 -19.72 1.04 44.25
C LEU E 211 -20.81 1.43 43.24
N LYS E 212 -21.89 0.65 43.18
CA LYS E 212 -22.95 0.92 42.22
C LYS E 212 -23.61 2.26 42.53
N ASP E 213 -23.85 2.50 43.81
CA ASP E 213 -24.43 3.77 44.25
C ASP E 213 -23.51 4.94 43.93
N LEU E 214 -22.21 4.76 44.10
CA LEU E 214 -21.25 5.80 43.74
C LEU E 214 -21.38 6.17 42.28
N ILE E 215 -21.50 5.15 41.43
CA ILE E 215 -21.64 5.37 40.00
C ILE E 215 -22.98 6.02 39.67
N ASP E 216 -24.06 5.42 40.14
CA ASP E 216 -25.41 5.88 39.80
C ASP E 216 -25.71 7.30 40.30
N ASN E 217 -25.24 7.62 41.50
CA ASN E 217 -25.62 8.87 42.14
C ASN E 217 -24.76 10.07 41.75
N ASN E 218 -23.67 9.81 41.04
CA ASN E 218 -22.73 10.88 40.72
C ASN E 218 -22.44 11.04 39.23
N ASN E 219 -23.34 10.51 38.41
CA ASN E 219 -23.25 10.65 36.96
C ASN E 219 -21.91 10.20 36.40
N LEU E 220 -21.38 9.11 36.92
CA LEU E 220 -20.06 8.65 36.49
C LEU E 220 -20.12 7.77 35.26
N ASN E 221 -21.29 7.24 34.94
CA ASN E 221 -21.37 6.23 33.87
C ASN E 221 -21.51 6.87 32.50
N PRO E 222 -20.50 6.68 31.63
CA PRO E 222 -20.57 7.29 30.30
C PRO E 222 -21.41 6.48 29.31
N ASP E 223 -21.77 5.25 29.68
CA ASP E 223 -22.47 4.39 28.75
C ASP E 223 -23.99 4.43 28.90
N PHE E 224 -24.68 4.25 27.78
CA PHE E 224 -26.13 4.27 27.75
C PHE E 224 -26.75 3.07 28.46
N GLU E 225 -26.05 1.94 28.40
CA GLU E 225 -26.48 0.71 29.02
C GLU E 225 -25.35 0.02 29.78
N ASN E 226 -25.72 -0.66 30.87
CA ASN E 226 -24.82 -1.54 31.61
C ASN E 226 -23.65 -0.84 32.30
N TYR E 227 -22.75 -1.63 32.89
CA TYR E 227 -21.61 -1.06 33.61
C TYR E 227 -20.31 -1.64 33.10
N ASN E 228 -19.44 -0.76 32.60
CA ASN E 228 -18.09 -1.15 32.21
C ASN E 228 -17.14 -0.38 33.13
N LEU E 229 -16.46 -1.07 34.04
CA LEU E 229 -15.77 -0.35 35.10
C LEU E 229 -14.65 0.53 34.58
N ARG E 230 -13.92 0.09 33.56
CA ARG E 230 -12.82 0.95 33.11
C ARG E 230 -13.34 2.14 32.27
N HIS E 231 -14.51 1.99 31.62
CA HIS E 231 -15.17 3.15 31.01
C HIS E 231 -15.52 4.19 32.07
N ILE E 232 -15.95 3.70 33.22
CA ILE E 232 -16.43 4.55 34.31
C ILE E 232 -15.28 5.15 35.12
N PHE E 233 -14.32 4.29 35.47
CA PHE E 233 -13.31 4.65 36.46
C PHE E 233 -11.90 4.78 35.90
N GLY E 234 -11.71 4.39 34.65
CA GLY E 234 -10.37 4.30 34.10
C GLY E 234 -10.14 5.32 33.01
N SER E 235 -9.24 4.97 32.08
CA SER E 235 -8.85 5.88 31.02
C SER E 235 -9.01 5.23 29.65
N ALA E 236 -9.15 6.08 28.64
CA ALA E 236 -9.00 5.67 27.25
C ALA E 236 -8.31 6.84 26.56
N SER E 237 -7.03 7.02 26.88
CA SER E 237 -6.28 8.20 26.48
C SER E 237 -5.43 7.95 25.24
N ILE E 238 -4.90 9.02 24.67
CA ILE E 238 -3.93 8.88 23.60
C ILE E 238 -2.70 8.12 24.11
N LYS E 239 -2.22 8.44 25.31
CA LYS E 239 -1.07 7.71 25.81
C LYS E 239 -1.38 6.21 25.97
N ASP E 240 -2.61 5.86 26.32
CA ASP E 240 -2.97 4.43 26.40
C ASP E 240 -2.72 3.72 25.07
N THR E 241 -2.91 4.42 23.95
CA THR E 241 -2.79 3.77 22.64
C THR E 241 -1.37 3.36 22.32
N VAL E 242 -0.38 3.97 22.97
CA VAL E 242 1.01 3.59 22.69
C VAL E 242 1.70 2.92 23.87
N TYR E 243 1.26 3.23 25.09
CA TYR E 243 1.90 2.70 26.29
C TYR E 243 1.30 1.39 26.78
N ASN E 244 0.03 1.17 26.48
CA ASN E 244 -0.73 0.10 27.13
C ASN E 244 -1.38 -0.87 26.18
N ASN E 245 -2.26 -0.34 25.34
CA ASN E 245 -3.06 -1.20 24.46
C ASN E 245 -2.23 -2.14 23.57
N PRO E 246 -1.08 -1.68 23.04
CA PRO E 246 -0.34 -2.62 22.19
C PRO E 246 0.19 -3.84 22.94
N ARG E 247 0.46 -3.70 24.23
CA ARG E 247 0.91 -4.86 25.02
C ARG E 247 -0.21 -5.88 25.16
N THR E 248 -1.41 -5.40 25.50
CA THR E 248 -2.60 -6.25 25.55
C THR E 248 -2.81 -6.94 24.20
N TRP E 249 -2.73 -6.13 23.14
CA TRP E 249 -2.95 -6.62 21.79
C TRP E 249 -1.94 -7.72 21.41
N TYR E 250 -0.67 -7.51 21.70
CA TYR E 250 0.34 -8.47 21.29
C TYR E 250 0.13 -9.82 21.99
N GLY E 251 -0.18 -9.75 23.29
CA GLY E 251 -0.48 -10.95 24.06
C GLY E 251 -1.71 -11.67 23.55
N GLN E 252 -2.76 -10.90 23.23
CA GLN E 252 -3.98 -11.50 22.72
C GLN E 252 -3.81 -12.05 21.31
N LYS E 253 -2.96 -11.40 20.52
CA LYS E 253 -2.66 -11.92 19.19
C LYS E 253 -1.94 -13.26 19.29
N PHE E 254 -1.11 -13.41 20.32
CA PHE E 254 -0.35 -14.64 20.50
C PHE E 254 -1.24 -15.80 20.95
N PHE E 255 -2.13 -15.54 21.92
CA PHE E 255 -2.98 -16.58 22.50
C PHE E 255 -4.30 -16.77 21.78
N SER E 256 -4.83 -15.70 21.21
CA SER E 256 -6.13 -15.70 20.53
C SER E 256 -6.06 -15.07 19.15
N PRO E 257 -5.22 -15.62 18.26
CA PRO E 257 -4.99 -14.97 16.96
C PRO E 257 -6.25 -14.80 16.13
N ASP E 258 -7.19 -15.74 16.23
CA ASP E 258 -8.37 -15.67 15.36
C ASP E 258 -9.48 -14.78 15.91
N ASP E 259 -9.32 -14.34 17.16
CA ASP E 259 -10.31 -13.49 17.78
C ASP E 259 -9.81 -12.06 17.96
N THR E 260 -8.61 -11.79 17.46
CA THR E 260 -7.96 -10.50 17.69
C THR E 260 -7.64 -9.80 16.37
N ALA E 261 -8.06 -8.54 16.27
CA ALA E 261 -7.86 -7.77 15.04
C ALA E 261 -6.42 -7.25 14.95
N ASP E 262 -6.17 -6.35 14.00
CA ASP E 262 -4.81 -5.94 13.70
C ASP E 262 -4.51 -4.51 14.12
N ASP E 263 -5.27 -4.00 15.09
CA ASP E 263 -5.05 -2.64 15.59
C ASP E 263 -4.53 -2.66 17.02
N PRO E 264 -3.21 -2.45 17.20
CA PRO E 264 -2.62 -2.48 18.53
C PRO E 264 -3.13 -1.35 19.43
N MET E 265 -3.74 -0.33 18.83
CA MET E 265 -4.16 0.86 19.59
C MET E 265 -5.55 0.74 20.16
N GLU E 266 -6.25 -0.33 19.80
CA GLU E 266 -7.63 -0.55 20.20
C GLU E 266 -7.86 -0.34 21.71
N GLN E 267 -8.85 0.49 22.05
CA GLN E 267 -9.14 0.87 23.44
C GLN E 267 -10.11 -0.09 24.13
N ASP E 268 -10.81 -0.91 23.35
CA ASP E 268 -11.78 -1.83 23.94
C ASP E 268 -11.45 -3.29 23.67
N LEU E 269 -10.17 -3.62 23.74
CA LEU E 269 -9.80 -5.03 23.75
C LEU E 269 -10.44 -5.69 24.98
N PRO E 270 -10.89 -6.95 24.82
CA PRO E 270 -11.48 -7.62 25.98
C PRO E 270 -10.49 -7.79 27.12
N PHE E 271 -11.03 -7.80 28.34
CA PHE E 271 -10.29 -8.12 29.55
C PHE E 271 -10.13 -9.64 29.63
N ILE E 272 -11.24 -10.34 29.78
CA ILE E 272 -11.24 -11.80 29.79
C ILE E 272 -11.16 -12.38 28.38
N CYS E 273 -10.20 -13.27 28.15
CA CYS E 273 -10.00 -13.89 26.85
C CYS E 273 -9.96 -15.41 26.92
N HIS E 274 -10.15 -16.04 25.77
CA HIS E 274 -10.07 -17.49 25.67
C HIS E 274 -9.09 -17.86 24.57
N ALA E 275 -8.02 -18.54 24.94
CA ALA E 275 -6.97 -18.90 24.00
C ALA E 275 -7.40 -20.05 23.09
N ASN E 276 -6.69 -20.24 21.98
CA ASN E 276 -7.00 -21.34 21.07
C ASN E 276 -6.30 -22.63 21.46
N ARG E 277 -5.63 -22.62 22.62
CA ARG E 277 -4.85 -23.76 23.10
C ARG E 277 -4.61 -23.56 24.58
N LYS E 278 -4.12 -24.60 25.25
CA LYS E 278 -3.76 -24.48 26.65
C LYS E 278 -2.41 -23.78 26.78
N ILE E 279 -2.21 -23.09 27.90
CA ILE E 279 -1.08 -22.17 28.09
C ILE E 279 0.01 -22.71 29.01
N SER E 280 1.25 -22.64 28.54
CA SER E 280 2.39 -23.13 29.30
C SER E 280 3.14 -22.01 30.00
N VAL E 281 4.00 -22.38 30.94
CA VAL E 281 4.84 -21.38 31.60
C VAL E 281 5.76 -20.74 30.55
N GLU E 282 6.27 -21.56 29.64
CA GLU E 282 7.09 -21.05 28.53
C GLU E 282 6.35 -19.99 27.71
N ASP E 283 5.07 -20.23 27.42
CA ASP E 283 4.23 -19.25 26.73
C ASP E 283 4.15 -17.92 27.46
N VAL E 284 3.91 -18.01 28.78
CA VAL E 284 3.77 -16.82 29.59
C VAL E 284 5.08 -16.03 29.59
N LYS E 285 6.20 -16.72 29.77
CA LYS E 285 7.49 -16.04 29.76
C LYS E 285 7.76 -15.40 28.40
N PHE E 286 7.39 -16.09 27.31
CA PHE E 286 7.58 -15.49 26.00
C PHE E 286 6.87 -14.13 25.91
N VAL E 287 5.61 -14.08 26.30
CA VAL E 287 4.88 -12.81 26.18
C VAL E 287 5.47 -11.74 27.10
N LEU E 288 5.84 -12.15 28.32
CA LEU E 288 6.45 -11.24 29.28
C LEU E 288 7.85 -10.75 28.88
N SER E 289 8.43 -11.37 27.85
CA SER E 289 9.76 -10.99 27.37
C SER E 289 9.70 -10.29 26.02
N SER E 290 8.49 -10.04 25.52
CA SER E 290 8.33 -9.69 24.11
C SER E 290 8.53 -8.22 23.82
N HIS E 291 8.78 -7.93 22.55
CA HIS E 291 9.06 -6.59 22.06
C HIS E 291 8.48 -6.51 20.65
N PHE E 292 7.23 -6.95 20.53
CA PHE E 292 6.48 -6.87 19.28
C PHE E 292 7.21 -7.54 18.12
N GLU E 293 7.82 -8.69 18.40
CA GLU E 293 8.51 -9.44 17.37
C GLU E 293 7.62 -9.67 16.14
N ASN E 294 8.23 -9.52 14.96
CA ASN E 294 7.61 -9.70 13.64
C ASN E 294 6.57 -8.64 13.33
N THR E 295 6.69 -7.48 13.97
CA THR E 295 5.94 -6.28 13.58
C THR E 295 6.91 -5.12 13.43
N LYS E 296 6.46 -4.03 12.81
CA LYS E 296 7.29 -2.85 12.62
C LYS E 296 7.54 -2.10 13.94
N TYR E 297 6.89 -2.54 15.01
CA TYR E 297 7.02 -1.88 16.30
C TYR E 297 8.11 -2.49 17.18
N ASP E 298 8.81 -3.49 16.64
CA ASP E 298 9.92 -4.14 17.35
C ASP E 298 11.17 -3.26 17.31
N VAL E 299 11.64 -2.83 18.49
CA VAL E 299 12.77 -1.93 18.55
C VAL E 299 14.05 -2.60 18.00
N TYR E 300 14.07 -3.94 18.00
CA TYR E 300 15.20 -4.67 17.44
C TYR E 300 14.96 -5.09 15.98
N GLY E 301 13.85 -4.62 15.41
CA GLY E 301 13.41 -5.07 14.09
C GLY E 301 13.74 -4.12 12.94
N SER E 302 12.94 -4.21 11.87
CA SER E 302 13.26 -3.57 10.60
C SER E 302 12.47 -2.29 10.34
N GLY E 303 11.66 -1.87 11.30
CA GLY E 303 10.83 -0.69 11.11
C GLY E 303 11.58 0.63 11.11
N SER E 304 10.85 1.70 10.78
CA SER E 304 11.40 3.05 10.88
C SER E 304 11.76 3.39 12.31
N GLN E 305 12.62 4.38 12.50
CA GLN E 305 13.00 4.79 13.84
C GLN E 305 11.77 5.16 14.68
N SER E 306 10.83 5.87 14.06
CA SER E 306 9.65 6.30 14.81
C SER E 306 8.76 5.10 15.13
N ASP E 307 8.57 4.18 14.18
CA ASP E 307 7.74 3.01 14.48
C ASP E 307 8.37 2.12 15.56
N LYS E 308 9.70 1.98 15.50
CA LYS E 308 10.43 1.11 16.44
C LYS E 308 10.37 1.59 17.88
N THR E 309 10.07 2.88 18.06
CA THR E 309 10.10 3.49 19.38
C THR E 309 8.74 4.02 19.80
N LEU E 310 7.72 3.73 18.99
CA LEU E 310 6.37 4.23 19.26
C LEU E 310 5.72 3.59 20.48
N PHE E 311 5.92 2.28 20.62
CA PHE E 311 5.22 1.50 21.65
C PHE E 311 6.15 1.07 22.79
N ARG E 312 5.63 1.08 24.02
CA ARG E 312 6.35 0.50 25.16
C ARG E 312 6.34 -1.02 25.05
N PRO E 313 7.53 -1.64 25.03
CA PRO E 313 7.57 -3.11 24.95
C PRO E 313 7.25 -3.77 26.28
N ILE E 314 7.09 -5.09 26.26
CA ILE E 314 6.79 -5.83 27.47
C ILE E 314 8.10 -6.24 28.16
N GLY E 315 8.97 -6.96 27.45
CA GLY E 315 10.35 -7.09 27.90
C GLY E 315 10.98 -5.71 27.79
N ILE E 316 11.72 -5.29 28.80
CA ILE E 316 12.20 -3.90 28.81
C ILE E 316 13.41 -3.77 29.75
N ASN E 317 14.24 -2.76 29.53
CA ASN E 317 15.45 -2.61 30.33
C ASN E 317 15.16 -2.54 31.82
N ARG E 318 14.01 -2.01 32.19
CA ARG E 318 13.72 -1.86 33.60
C ARG E 318 12.82 -2.96 34.18
N ASN E 319 12.79 -4.14 33.54
CA ASN E 319 12.33 -5.37 34.22
C ASN E 319 13.25 -5.61 35.41
N HIS E 320 12.78 -5.42 36.65
CA HIS E 320 13.66 -5.69 37.78
C HIS E 320 13.58 -7.16 38.19
N ASN E 321 12.36 -7.68 38.31
CA ASN E 321 12.18 -9.12 38.39
C ASN E 321 10.98 -9.50 37.55
N VAL E 322 10.92 -10.77 37.14
CA VAL E 322 9.73 -11.35 36.57
C VAL E 322 9.38 -12.57 37.39
N HIS E 323 8.10 -12.69 37.74
CA HIS E 323 7.67 -13.82 38.55
C HIS E 323 6.43 -14.43 37.94
N ILE E 324 6.40 -15.74 37.94
CA ILE E 324 5.22 -16.50 37.52
C ILE E 324 4.87 -17.40 38.71
N LEU E 325 3.77 -17.09 39.37
CA LEU E 325 3.36 -17.83 40.55
C LEU E 325 2.39 -18.91 40.12
N GLN E 326 2.77 -20.16 40.36
CA GLN E 326 2.02 -21.29 39.88
C GLN E 326 1.51 -22.12 41.04
N ILE E 327 0.21 -22.36 41.11
CA ILE E 327 -0.29 -23.33 42.08
C ILE E 327 -0.74 -24.57 41.32
N ARG E 328 0.02 -25.64 41.47
CA ARG E 328 -0.22 -26.86 40.70
C ARG E 328 -1.31 -27.71 41.31
N ASN E 329 -1.93 -28.53 40.48
CA ASN E 329 -2.95 -29.46 40.94
C ASN E 329 -2.62 -30.93 40.68
N ASN E 330 -1.57 -31.20 39.92
CA ASN E 330 -1.22 -32.59 39.63
C ASN E 330 -0.28 -33.22 40.67
N VAL E 331 -0.11 -32.56 41.82
CA VAL E 331 0.84 -32.99 42.83
C VAL E 331 0.34 -32.84 44.28
N PRO E 332 1.03 -33.47 45.25
CA PRO E 332 0.72 -33.22 46.66
C PRO E 332 0.87 -31.74 46.99
N THR E 333 0.12 -31.24 47.97
CA THR E 333 0.12 -29.82 48.29
C THR E 333 1.52 -29.32 48.67
N GLU E 334 2.34 -30.19 49.24
CA GLU E 334 3.67 -29.78 49.69
C GLU E 334 4.60 -29.36 48.54
N ILE E 335 4.26 -29.70 47.31
CA ILE E 335 5.06 -29.25 46.17
C ILE E 335 4.21 -28.53 45.14
N ALA E 336 3.01 -28.09 45.53
CA ALA E 336 2.09 -27.45 44.59
C ALA E 336 2.53 -26.02 44.22
N GLY E 337 3.08 -25.30 45.18
CA GLY E 337 3.41 -23.90 44.98
C GLY E 337 4.78 -23.68 44.36
N ILE E 338 4.80 -23.07 43.18
CA ILE E 338 6.05 -22.81 42.47
C ILE E 338 6.18 -21.32 42.22
N HIS E 339 7.27 -20.74 42.72
CA HIS E 339 7.57 -19.33 42.55
C HIS E 339 8.64 -19.21 41.46
N TRP E 340 8.20 -19.19 40.20
CA TRP E 340 9.12 -19.02 39.07
C TRP E 340 9.70 -17.62 39.12
N LEU E 341 11.00 -17.50 38.90
CA LEU E 341 11.65 -16.21 39.11
C LEU E 341 12.82 -15.95 38.15
N ALA E 342 12.91 -14.71 37.66
CA ALA E 342 14.12 -14.24 36.99
C ALA E 342 14.32 -12.75 37.26
N TYR E 343 15.50 -12.26 36.90
CA TYR E 343 15.91 -10.88 37.16
C TYR E 343 16.37 -10.19 35.89
N GLY E 344 16.26 -8.85 35.85
CA GLY E 344 16.81 -8.07 34.76
C GLY E 344 15.96 -8.15 33.50
N ALA E 345 16.35 -7.40 32.47
CA ALA E 345 15.58 -7.36 31.22
C ALA E 345 15.31 -8.77 30.72
N ASN E 346 14.05 -9.06 30.41
CA ASN E 346 13.62 -10.44 30.18
C ASN E 346 14.11 -11.08 28.88
N THR E 347 14.76 -10.30 28.04
CA THR E 347 15.28 -10.82 26.78
C THR E 347 16.41 -11.84 26.93
N PHE E 348 17.17 -11.78 28.04
CA PHE E 348 18.34 -12.65 28.17
C PHE E 348 18.37 -13.42 29.47
N ASN E 349 17.20 -13.68 30.04
CA ASN E 349 17.11 -14.50 31.25
C ASN E 349 16.16 -15.69 31.07
N THR E 350 16.05 -16.52 32.09
CA THR E 350 15.06 -17.60 32.12
C THR E 350 14.44 -17.68 33.51
N VAL E 351 13.14 -17.94 33.58
CA VAL E 351 12.50 -18.16 34.88
C VAL E 351 12.84 -19.55 35.41
N VAL E 352 13.15 -19.58 36.70
CA VAL E 352 13.56 -20.80 37.39
C VAL E 352 12.44 -21.21 38.34
N PRO E 353 12.02 -22.49 38.27
CA PRO E 353 10.84 -22.94 39.05
C PRO E 353 11.14 -23.27 40.51
N PHE E 354 11.34 -22.26 41.33
CA PHE E 354 11.62 -22.51 42.74
C PHE E 354 10.40 -23.04 43.50
N TYR E 355 10.61 -24.11 44.26
CA TYR E 355 9.57 -24.56 45.18
C TYR E 355 9.36 -23.50 46.24
N ALA E 356 8.10 -23.16 46.48
CA ALA E 356 7.77 -22.14 47.48
C ALA E 356 7.76 -22.72 48.90
N ASN E 357 7.60 -24.03 49.03
CA ASN E 357 7.51 -24.66 50.35
C ASN E 357 8.89 -24.87 50.97
N VAL E 358 9.55 -23.76 51.30
CA VAL E 358 10.91 -23.75 51.84
C VAL E 358 11.04 -22.65 52.90
N ASN E 359 12.06 -22.76 53.75
CA ASN E 359 12.27 -21.78 54.82
C ASN E 359 13.36 -20.76 54.51
N ASP E 360 14.08 -21.00 53.42
CA ASP E 360 15.18 -20.13 53.01
C ASP E 360 15.35 -20.24 51.50
N THR E 361 16.18 -19.39 50.92
CA THR E 361 16.29 -19.28 49.47
C THR E 361 17.75 -19.39 49.00
N PRO E 362 17.97 -19.75 47.72
CA PRO E 362 19.35 -19.99 47.26
C PRO E 362 20.20 -18.73 47.28
N VAL E 363 21.47 -18.88 47.62
CA VAL E 363 22.31 -17.71 47.86
C VAL E 363 22.46 -16.78 46.65
N GLN E 364 22.56 -17.33 45.43
CA GLN E 364 22.75 -16.52 44.22
C GLN E 364 21.52 -15.67 43.91
N TYR E 365 20.38 -16.01 44.50
CA TYR E 365 19.15 -15.26 44.26
C TYR E 365 18.79 -14.40 45.46
N LYS E 366 19.40 -14.68 46.60
CA LYS E 366 19.09 -13.97 47.84
C LYS E 366 20.02 -12.79 48.10
N ASN E 367 21.25 -12.84 47.58
CA ASN E 367 22.27 -11.98 48.17
C ASN E 367 22.67 -10.71 47.43
N ALA E 368 21.84 -10.19 46.52
CA ALA E 368 22.20 -8.95 45.87
C ALA E 368 22.24 -7.79 46.86
N THR E 369 23.26 -6.94 46.68
CA THR E 369 23.33 -5.67 47.36
C THR E 369 23.51 -4.57 46.33
N GLY E 370 23.73 -3.35 46.79
CA GLY E 370 24.00 -2.26 45.89
C GLY E 370 25.39 -2.31 45.28
N LYS E 371 26.21 -3.26 45.75
CA LYS E 371 27.53 -3.43 45.16
C LYS E 371 27.45 -4.40 43.98
N PHE E 372 27.97 -3.98 42.84
CA PHE E 372 27.99 -4.82 41.65
C PHE E 372 28.76 -6.10 41.88
N ASP E 373 28.08 -7.24 41.67
CA ASP E 373 28.69 -8.54 41.91
C ASP E 373 28.14 -9.55 40.93
N LEU E 374 28.98 -9.96 40.00
CA LEU E 374 28.55 -10.83 38.92
C LEU E 374 28.40 -12.28 39.37
N ASN E 375 28.69 -12.56 40.64
CA ASN E 375 28.36 -13.88 41.20
C ASN E 375 26.92 -13.95 41.67
N ASN E 376 26.27 -12.79 41.66
CA ASN E 376 24.86 -12.69 41.99
C ASN E 376 24.00 -12.67 40.72
N MET E 377 22.85 -13.35 40.76
CA MET E 377 22.05 -13.50 39.54
C MET E 377 21.35 -12.23 39.09
N TYR E 378 21.09 -11.28 39.98
CA TYR E 378 20.52 -10.02 39.53
C TYR E 378 21.53 -9.30 38.64
N TRP E 379 22.74 -9.09 39.15
CA TRP E 379 23.73 -8.33 38.37
C TRP E 379 24.17 -9.08 37.12
N LEU E 380 24.28 -10.41 37.22
CA LEU E 380 24.71 -11.20 36.07
C LEU E 380 23.67 -11.12 34.94
N SER E 381 22.40 -11.24 35.30
CA SER E 381 21.33 -11.20 34.31
C SER E 381 21.22 -9.82 33.65
N CYS E 382 21.36 -8.76 34.43
CA CYS E 382 21.31 -7.41 33.87
C CYS E 382 22.44 -7.18 32.89
N THR E 383 23.63 -7.63 33.25
CA THR E 383 24.80 -7.46 32.40
C THR E 383 24.60 -8.18 31.07
N THR E 384 24.05 -9.39 31.14
CA THR E 384 23.81 -10.17 29.92
C THR E 384 22.85 -9.45 28.98
N ALA E 385 21.76 -8.94 29.52
CA ALA E 385 20.76 -8.28 28.70
C ALA E 385 21.27 -6.97 28.09
N LEU E 386 22.10 -6.24 28.84
CA LEU E 386 22.68 -5.02 28.29
C LEU E 386 23.59 -5.36 27.11
N LEU E 387 24.47 -6.35 27.27
CA LEU E 387 25.33 -6.73 26.15
C LEU E 387 24.47 -7.18 24.96
N GLY E 388 23.47 -8.01 25.22
CA GLY E 388 22.59 -8.50 24.17
C GLY E 388 21.91 -7.37 23.41
N ASP E 389 21.50 -6.34 24.14
CA ASP E 389 20.86 -5.16 23.57
C ASP E 389 21.72 -4.41 22.54
N THR E 390 23.04 -4.51 22.67
CA THR E 390 23.92 -3.77 21.78
C THR E 390 23.96 -4.34 20.37
N ASP E 391 23.57 -5.60 20.21
CA ASP E 391 23.50 -6.20 18.87
C ASP E 391 22.62 -7.45 18.92
N TYR E 392 21.32 -7.22 19.05
CA TYR E 392 20.38 -8.31 19.33
C TYR E 392 20.41 -9.42 18.30
N ASP E 393 20.39 -9.05 17.02
CA ASP E 393 20.41 -10.08 15.98
C ASP E 393 21.69 -10.92 16.01
N PHE E 394 22.78 -10.35 16.49
CA PHE E 394 24.05 -11.06 16.58
C PHE E 394 24.02 -12.07 17.75
N TYR E 395 23.35 -11.72 18.84
CA TYR E 395 23.36 -12.57 20.04
C TYR E 395 22.13 -13.45 20.20
N VAL E 396 21.10 -13.27 19.37
CA VAL E 396 19.81 -13.91 19.63
C VAL E 396 19.85 -15.45 19.46
N ASP E 397 20.72 -15.96 18.60
CA ASP E 397 20.75 -17.41 18.42
C ASP E 397 21.31 -18.09 19.67
N MET E 398 22.36 -17.52 20.24
CA MET E 398 22.89 -18.02 21.52
C MET E 398 21.84 -17.90 22.62
N ARG E 399 21.11 -16.80 22.61
CA ARG E 399 20.04 -16.60 23.56
C ARG E 399 19.01 -17.73 23.44
N ASN E 400 18.57 -18.00 22.22
CA ASN E 400 17.54 -19.02 21.99
C ASN E 400 18.02 -20.39 22.42
N ASP E 401 19.28 -20.70 22.11
CA ASP E 401 19.87 -21.98 22.50
C ASP E 401 19.86 -22.12 24.02
N TYR E 402 20.29 -21.05 24.69
CA TYR E 402 20.33 -21.01 26.14
C TYR E 402 18.96 -21.20 26.78
N GLU E 403 17.93 -20.57 26.22
CA GLU E 403 16.59 -20.69 26.79
C GLU E 403 16.13 -22.14 26.78
N LEU E 404 16.30 -22.82 25.65
CA LEU E 404 15.86 -24.21 25.56
C LEU E 404 16.67 -25.10 26.50
N ASP E 405 17.98 -24.92 26.49
CA ASP E 405 18.88 -25.73 27.31
C ASP E 405 18.61 -25.54 28.80
N ALA E 406 18.44 -24.30 29.22
CA ALA E 406 18.21 -24.01 30.64
C ALA E 406 16.84 -24.50 31.09
N MET E 407 15.78 -24.19 30.34
CA MET E 407 14.43 -24.61 30.72
C MET E 407 14.33 -26.13 30.74
N SER E 408 15.03 -26.79 29.81
CA SER E 408 15.05 -28.26 29.80
C SER E 408 15.68 -28.80 31.09
N ALA E 409 16.79 -28.21 31.49
CA ALA E 409 17.48 -28.60 32.71
C ALA E 409 16.60 -28.36 33.95
N TYR E 410 15.91 -27.22 34.00
CA TYR E 410 15.05 -26.94 35.16
C TYR E 410 13.94 -27.98 35.26
N ARG E 411 13.34 -28.31 34.13
CA ARG E 411 12.21 -29.23 34.15
C ARG E 411 12.66 -30.63 34.53
N LYS E 412 13.88 -31.01 34.13
CA LYS E 412 14.40 -32.32 34.52
C LYS E 412 14.52 -32.36 36.05
N ILE E 413 15.09 -31.31 36.64
CA ILE E 413 15.24 -31.26 38.10
C ILE E 413 13.87 -31.26 38.79
N GLN E 414 12.92 -30.47 38.29
CA GLN E 414 11.57 -30.46 38.83
C GLN E 414 10.92 -31.84 38.73
N ASN E 415 11.01 -32.45 37.55
CA ASN E 415 10.40 -33.78 37.35
C ASN E 415 11.01 -34.81 38.28
N ASP E 416 12.33 -34.78 38.45
CA ASP E 416 13.01 -35.72 39.35
C ASP E 416 12.60 -35.49 40.80
N THR E 417 12.53 -34.22 41.19
CA THR E 417 12.22 -33.86 42.57
C THR E 417 10.79 -34.25 42.89
N ASP E 418 9.87 -33.94 41.98
CA ASP E 418 8.47 -34.31 42.13
C ASP E 418 8.33 -35.83 42.28
N ALA E 419 9.10 -36.57 41.49
CA ALA E 419 8.93 -38.02 41.42
C ALA E 419 9.32 -38.73 42.71
N ASP E 420 10.18 -38.11 43.49
CA ASP E 420 10.73 -38.75 44.68
C ASP E 420 10.23 -38.10 45.97
N ILE E 421 9.10 -37.40 45.90
CA ILE E 421 8.60 -36.65 47.04
C ILE E 421 8.07 -37.59 48.12
N SER E 422 7.58 -38.76 47.69
CA SER E 422 6.96 -39.70 48.61
C SER E 422 7.99 -40.24 49.59
N GLY E 423 7.67 -40.16 50.88
CA GLY E 423 8.52 -40.71 51.91
C GLY E 423 9.59 -39.78 52.43
N GLN E 424 9.67 -38.58 51.86
CA GLN E 424 10.63 -37.60 52.36
C GLN E 424 10.24 -37.16 53.77
N LYS E 425 11.14 -37.37 54.72
CA LYS E 425 10.87 -37.07 56.12
C LYS E 425 10.91 -35.57 56.43
N ASP E 426 11.79 -34.85 55.73
CA ASP E 426 11.89 -33.40 55.91
C ASP E 426 11.71 -32.70 54.56
N ILE E 427 10.47 -32.34 54.28
CA ILE E 427 10.09 -31.79 52.98
C ILE E 427 10.79 -30.47 52.65
N GLU E 428 10.84 -29.54 53.61
CA GLU E 428 11.44 -28.23 53.33
C GLU E 428 12.92 -28.35 52.97
N LYS E 429 13.66 -29.22 53.65
CA LYS E 429 15.07 -29.42 53.35
C LYS E 429 15.27 -30.10 52.00
N TYR E 430 14.37 -31.03 51.69
CA TYR E 430 14.38 -31.71 50.41
C TYR E 430 14.19 -30.69 49.28
N LEU E 431 13.24 -29.79 49.47
CA LEU E 431 12.95 -28.79 48.44
C LEU E 431 13.97 -27.66 48.43
N GLU E 432 14.57 -27.34 49.57
CA GLU E 432 15.65 -26.35 49.57
C GLU E 432 16.84 -26.87 48.78
N ASN E 433 17.10 -28.17 48.88
CA ASN E 433 18.17 -28.79 48.13
C ASN E 433 17.86 -28.75 46.64
N ALA E 434 16.61 -29.00 46.29
CA ALA E 434 16.20 -28.94 44.89
C ALA E 434 16.37 -27.51 44.36
N ASN E 435 15.97 -26.53 45.17
CA ASN E 435 16.10 -25.12 44.76
C ASN E 435 17.55 -24.71 44.59
N LYS E 436 18.42 -25.27 45.44
CA LYS E 436 19.84 -25.00 45.31
C LYS E 436 20.36 -25.56 43.99
N LYS E 437 19.92 -26.78 43.66
CA LYS E 437 20.35 -27.37 42.39
C LYS E 437 19.86 -26.51 41.21
N LEU E 438 18.61 -26.05 41.29
CA LEU E 438 18.05 -25.18 40.25
C LEU E 438 18.82 -23.89 40.10
N ALA E 439 19.08 -23.24 41.22
CA ALA E 439 19.80 -21.97 41.20
C ALA E 439 21.23 -22.15 40.71
N ASP E 440 21.88 -23.25 41.10
CA ASP E 440 23.25 -23.52 40.66
C ASP E 440 23.30 -23.69 39.14
N VAL E 441 22.38 -24.48 38.59
CA VAL E 441 22.29 -24.70 37.14
CA VAL E 441 22.42 -24.68 37.14
C VAL E 441 21.96 -23.39 36.43
N ALA E 442 21.04 -22.65 37.02
CA ALA E 442 20.63 -21.37 36.42
C ALA E 442 21.84 -20.44 36.32
N PHE E 443 22.64 -20.37 37.37
CA PHE E 443 23.82 -19.52 37.35
C PHE E 443 24.83 -20.02 36.32
N GLU E 444 25.10 -21.32 36.31
CA GLU E 444 26.08 -21.86 35.38
C GLU E 444 25.67 -21.59 33.94
N LYS E 445 24.39 -21.74 33.62
CA LYS E 445 23.95 -21.52 32.25
C LYS E 445 23.90 -20.03 31.88
N GLN E 446 23.53 -19.18 32.82
CA GLN E 446 23.54 -17.73 32.59
C GLN E 446 24.97 -17.26 32.34
N ASN E 447 25.89 -17.78 33.16
CA ASN E 447 27.29 -17.43 33.02
C ASN E 447 27.89 -17.95 31.72
N LYS E 448 27.55 -19.19 31.35
CA LYS E 448 28.06 -19.74 30.08
C LYS E 448 27.54 -18.92 28.90
N LEU E 449 26.27 -18.50 28.96
CA LEU E 449 25.71 -17.66 27.91
C LEU E 449 26.49 -16.36 27.79
N LEU E 450 26.72 -15.68 28.91
CA LEU E 450 27.44 -14.42 28.86
C LEU E 450 28.85 -14.65 28.32
N GLY E 451 29.48 -15.74 28.73
CA GLY E 451 30.81 -16.06 28.25
C GLY E 451 30.84 -16.27 26.76
N ASP E 452 29.85 -16.99 26.24
CA ASP E 452 29.77 -17.24 24.81
C ASP E 452 29.53 -15.93 24.06
N MET E 453 28.70 -15.07 24.64
CA MET E 453 28.43 -13.75 24.03
C MET E 453 29.69 -12.90 24.02
N VAL E 454 30.45 -12.93 25.11
CA VAL E 454 31.65 -12.10 25.19
C VAL E 454 32.70 -12.60 24.20
N THR E 455 32.83 -13.92 24.08
CA THR E 455 33.83 -14.52 23.21
C THR E 455 33.53 -14.23 21.74
N THR E 456 32.30 -14.49 21.31
N THR E 456 32.30 -14.50 21.33
CA THR E 456 31.89 -14.23 19.92
CA THR E 456 31.87 -14.26 19.95
C THR E 456 31.80 -12.75 19.64
C THR E 456 31.77 -12.77 19.65
N GLY E 457 31.23 -12.01 20.59
CA GLY E 457 31.11 -10.57 20.44
C GLY E 457 32.46 -9.89 20.31
N SER E 458 33.47 -10.36 21.04
CA SER E 458 34.78 -9.73 20.98
C SER E 458 35.39 -9.85 19.59
N ASN E 459 35.10 -10.95 18.89
CA ASN E 459 35.55 -11.10 17.51
C ASN E 459 34.96 -10.07 16.56
N ASN E 460 33.83 -9.48 16.94
CA ASN E 460 33.11 -8.55 16.09
C ASN E 460 33.17 -7.11 16.61
N MET E 461 34.14 -6.80 17.47
CA MET E 461 34.28 -5.45 17.96
C MET E 461 34.62 -4.47 16.85
N LYS E 462 34.19 -3.22 17.00
CA LYS E 462 34.58 -2.18 16.06
C LYS E 462 36.09 -2.01 16.08
N LEU E 463 36.67 -2.04 17.28
CA LEU E 463 38.11 -1.91 17.47
C LEU E 463 38.78 -3.22 17.10
N ARG E 464 38.89 -3.45 15.79
CA ARG E 464 39.51 -4.66 15.27
C ARG E 464 40.15 -4.36 13.92
N TYR E 465 41.10 -5.20 13.54
CA TYR E 465 41.69 -5.16 12.20
C TYR E 465 42.34 -6.52 12.00
N ASN E 466 41.72 -7.35 11.17
CA ASN E 466 42.21 -8.69 10.96
C ASN E 466 42.87 -8.86 9.60
N LEU E 467 43.91 -9.68 9.56
CA LEU E 467 44.43 -10.18 8.31
C LEU E 467 43.60 -11.38 7.91
N ASN E 468 43.03 -11.36 6.71
CA ASN E 468 42.14 -12.43 6.31
C ASN E 468 42.93 -13.58 5.68
N ASP E 469 43.66 -14.29 6.52
CA ASP E 469 44.44 -15.42 6.08
C ASP E 469 44.52 -16.47 7.19
#